data_7JP7
# 
_entry.id   7JP7 
# 
_audit_conform.dict_name       mmcif_pdbx.dic 
_audit_conform.dict_version    5.380 
_audit_conform.dict_location   http://mmcif.pdb.org/dictionaries/ascii/mmcif_pdbx.dic 
# 
loop_
_database_2.database_id 
_database_2.database_code 
_database_2.pdbx_database_accession 
_database_2.pdbx_DOI 
PDB   7JP7         pdb_00007jp7 10.2210/pdb7jp7/pdb 
WWPDB D_1000250928 ?            ?                   
# 
_pdbx_database_status.status_code                     REL 
_pdbx_database_status.status_code_sf                  REL 
_pdbx_database_status.status_code_mr                  ? 
_pdbx_database_status.entry_id                        7JP7 
_pdbx_database_status.recvd_initial_deposition_date   2020-08-07 
_pdbx_database_status.SG_entry                        N 
_pdbx_database_status.deposit_site                    RCSB 
_pdbx_database_status.process_site                    RCSB 
_pdbx_database_status.status_code_cs                  ? 
_pdbx_database_status.status_code_nmr_data            ? 
_pdbx_database_status.methods_development_category    ? 
_pdbx_database_status.pdb_format_compatible           Y 
# 
loop_
_audit_author.name 
_audit_author.pdbx_ordinal 
_audit_author.identifier_ORCID 
'Simmons, C.R.'      1 0000-0002-2290-6132 
'MacCulloch, T.'     2 0000-0001-5875-3361 
'Stephanopoulos, N.' 3 0000-0001-7859-410X 
'Yan, H.'            4 0000-0001-7397-9852 
# 
_citation.abstract                  ? 
_citation.abstract_id_CAS           ? 
_citation.book_id_ISBN              ? 
_citation.book_publisher            ? 
_citation.book_publisher_city       ? 
_citation.book_title                ? 
_citation.coordinate_linkage        ? 
_citation.country                   UK 
_citation.database_id_Medline       ? 
_citation.details                   ? 
_citation.id                        primary 
_citation.journal_abbrev            'Nat Commun' 
_citation.journal_id_ASTM           ? 
_citation.journal_id_CSD            ? 
_citation.journal_id_ISSN           2041-1723 
_citation.journal_full              ? 
_citation.journal_issue             ? 
_citation.journal_volume            13 
_citation.language                  ? 
_citation.page_first                3112 
_citation.page_last                 3112 
_citation.title                     'The influence of Holliday junction sequence and dynamics on DNA crystal self-assembly.' 
_citation.year                      2022 
_citation.database_id_CSD           ? 
_citation.pdbx_database_id_DOI      10.1038/s41467-022-30779-6 
_citation.pdbx_database_id_PubMed   35662248 
_citation.unpublished_flag          ? 
# 
loop_
_citation_author.citation_id 
_citation_author.name 
_citation_author.ordinal 
_citation_author.identifier_ORCID 
primary 'Simmons, C.R.'      1  ?                   
primary 'MacCulloch, T.'     2  ?                   
primary 'Krepl, M.'          3  0000-0002-9833-4281 
primary 'Matthies, M.'       4  ?                   
primary 'Buchberger, A.'     5  ?                   
primary 'Crawford, I.'       6  ?                   
primary 'Sponer, J.'         7  0000-0001-6558-6186 
primary 'Sulc, P.'           8  0000-0003-1565-6769 
primary 'Stephanopoulos, N.' 9  0000-0001-7859-410X 
primary 'Yan, H.'            10 0000-0001-7397-9852 
# 
_cell.angle_alpha                  90.000 
_cell.angle_alpha_esd              ? 
_cell.angle_beta                   90.000 
_cell.angle_beta_esd               ? 
_cell.angle_gamma                  120.000 
_cell.angle_gamma_esd              ? 
_cell.entry_id                     7JP7 
_cell.details                      ? 
_cell.formula_units_Z              ? 
_cell.length_a                     68.150 
_cell.length_a_esd                 ? 
_cell.length_b                     68.150 
_cell.length_b_esd                 ? 
_cell.length_c                     53.785 
_cell.length_c_esd                 ? 
_cell.volume                       ? 
_cell.volume_esd                   ? 
_cell.Z_PDB                        3 
_cell.reciprocal_angle_alpha       ? 
_cell.reciprocal_angle_beta        ? 
_cell.reciprocal_angle_gamma       ? 
_cell.reciprocal_angle_alpha_esd   ? 
_cell.reciprocal_angle_beta_esd    ? 
_cell.reciprocal_angle_gamma_esd   ? 
_cell.reciprocal_length_a          ? 
_cell.reciprocal_length_b          ? 
_cell.reciprocal_length_c          ? 
_cell.reciprocal_length_a_esd      ? 
_cell.reciprocal_length_b_esd      ? 
_cell.reciprocal_length_c_esd      ? 
_cell.pdbx_unique_axis             ? 
# 
_symmetry.entry_id                         7JP7 
_symmetry.cell_setting                     ? 
_symmetry.Int_Tables_number                145 
_symmetry.space_group_name_Hall            ? 
_symmetry.space_group_name_H-M             'P 32' 
_symmetry.pdbx_full_space_group_name_H-M   ? 
# 
loop_
_entity.id 
_entity.type 
_entity.src_method 
_entity.pdbx_description 
_entity.formula_weight 
_entity.pdbx_number_of_molecules 
_entity.pdbx_ec 
_entity.pdbx_mutation 
_entity.pdbx_fragment 
_entity.details 
1 polymer     syn 
;DNA (5'-D(*GP*AP*GP*CP*AP*GP*AP*CP*GP*TP*GP*AP*CP*GP*CP*CP*AP*CP*TP*CP*A)-3')
;
6442.175 1 ? ? ? ? 
2 polymer     syn 
;DNA (5'-D(P*GP*CP*GP*TP*CP*A)-3')
;
1809.218 1 ? ? ? ? 
3 polymer     syn 
;DNA (5'-D(*TP*CP*TP*GP*AP*GP*TP*G)-3')
;
2457.627 1 ? ? ? ? 
4 polymer     syn 
;DNA (5'-D(P*CP*GP*TP*CP*TP*GP*C)-3')
;
2089.385 1 ? ? ? ? 
5 non-polymer syn 'CACODYLATE ION'                                                                136.989  3 ? ? ? ? 
# 
loop_
_entity_poly.entity_id 
_entity_poly.type 
_entity_poly.nstd_linkage 
_entity_poly.nstd_monomer 
_entity_poly.pdbx_seq_one_letter_code 
_entity_poly.pdbx_seq_one_letter_code_can 
_entity_poly.pdbx_strand_id 
_entity_poly.pdbx_target_identifier 
1 polydeoxyribonucleotide no no 
;(DG)(DA)(DG)(DC)(DA)(DG)(DA)(DC)(DG)(DT)(DG)(DA)(DC)(DG)(DC)(DC)(DA)(DC)(DT)(DC)
(DA)
;
GAGCAGACGTGACGCCACTCA A ? 
2 polydeoxyribonucleotide no no '(DG)(DC)(DG)(DT)(DC)(DA)'                                                              GCGTCA B ? 
3 polydeoxyribonucleotide no no '(DT)(DC)(DT)(DG)(DA)(DG)(DT)(DG)'                                                      TCTGAGTG C 
? 
4 polydeoxyribonucleotide no no '(DC)(DG)(DT)(DC)(DT)(DG)(DC)'                                                          CGTCTGC D 
? 
# 
loop_
_entity_poly_seq.entity_id 
_entity_poly_seq.num 
_entity_poly_seq.mon_id 
_entity_poly_seq.hetero 
1 1  DG n 
1 2  DA n 
1 3  DG n 
1 4  DC n 
1 5  DA n 
1 6  DG n 
1 7  DA n 
1 8  DC n 
1 9  DG n 
1 10 DT n 
1 11 DG n 
1 12 DA n 
1 13 DC n 
1 14 DG n 
1 15 DC n 
1 16 DC n 
1 17 DA n 
1 18 DC n 
1 19 DT n 
1 20 DC n 
1 21 DA n 
2 1  DG n 
2 2  DC n 
2 3  DG n 
2 4  DT n 
2 5  DC n 
2 6  DA n 
3 1  DT n 
3 2  DC n 
3 3  DT n 
3 4  DG n 
3 5  DA n 
3 6  DG n 
3 7  DT n 
3 8  DG n 
4 1  DC n 
4 2  DG n 
4 3  DT n 
4 4  DC n 
4 5  DT n 
4 6  DG n 
4 7  DC n 
# 
loop_
_pdbx_entity_src_syn.entity_id 
_pdbx_entity_src_syn.pdbx_src_id 
_pdbx_entity_src_syn.pdbx_alt_source_flag 
_pdbx_entity_src_syn.pdbx_beg_seq_num 
_pdbx_entity_src_syn.pdbx_end_seq_num 
_pdbx_entity_src_syn.organism_scientific 
_pdbx_entity_src_syn.organism_common_name 
_pdbx_entity_src_syn.ncbi_taxonomy_id 
_pdbx_entity_src_syn.details 
1 1 sample 1 21 'synthetic construct' ? 32630 ? 
2 1 sample 1 6  'synthetic construct' ? 32630 ? 
3 1 sample 1 8  'synthetic construct' ? 32630 ? 
4 1 sample 1 7  'synthetic construct' ? 32630 ? 
# 
loop_
_struct_ref.id 
_struct_ref.db_name 
_struct_ref.db_code 
_struct_ref.pdbx_db_accession 
_struct_ref.pdbx_db_isoform 
_struct_ref.entity_id 
_struct_ref.pdbx_seq_one_letter_code 
_struct_ref.pdbx_align_begin 
1 PDB 7JP7 7JP7 ? 1 ? 1 
2 PDB 7JP7 7JP7 ? 2 ? 1 
3 PDB 7JP7 7JP7 ? 3 ? 1 
4 PDB 7JP7 7JP7 ? 4 ? 1 
# 
loop_
_struct_ref_seq.align_id 
_struct_ref_seq.ref_id 
_struct_ref_seq.pdbx_PDB_id_code 
_struct_ref_seq.pdbx_strand_id 
_struct_ref_seq.seq_align_beg 
_struct_ref_seq.pdbx_seq_align_beg_ins_code 
_struct_ref_seq.seq_align_end 
_struct_ref_seq.pdbx_seq_align_end_ins_code 
_struct_ref_seq.pdbx_db_accession 
_struct_ref_seq.db_align_beg 
_struct_ref_seq.pdbx_db_align_beg_ins_code 
_struct_ref_seq.db_align_end 
_struct_ref_seq.pdbx_db_align_end_ins_code 
_struct_ref_seq.pdbx_auth_seq_align_beg 
_struct_ref_seq.pdbx_auth_seq_align_end 
1 1 7JP7 A 1 ? 21 ? 7JP7 1  ? 21 ? 1  21 
2 2 7JP7 B 1 ? 6  ? 7JP7 0  ? 5  ? 0  5  
3 3 7JP7 C 1 ? 8  ? 7JP7 1  ? 8  ? 1  8  
4 4 7JP7 D 1 ? 7  ? 7JP7 10 ? 16 ? 10 16 
# 
loop_
_chem_comp.id 
_chem_comp.type 
_chem_comp.mon_nstd_flag 
_chem_comp.name 
_chem_comp.pdbx_synonyms 
_chem_comp.formula 
_chem_comp.formula_weight 
CAC non-polymer   . 'CACODYLATE ION'                     dimethylarsinate 'C2 H6 As O2 -1'  136.989 
DA  'DNA linking' y "2'-DEOXYADENOSINE-5'-MONOPHOSPHATE" ?                'C10 H14 N5 O6 P' 331.222 
DC  'DNA linking' y "2'-DEOXYCYTIDINE-5'-MONOPHOSPHATE"  ?                'C9 H14 N3 O7 P'  307.197 
DG  'DNA linking' y "2'-DEOXYGUANOSINE-5'-MONOPHOSPHATE" ?                'C10 H14 N5 O7 P' 347.221 
DT  'DNA linking' y "THYMIDINE-5'-MONOPHOSPHATE"         ?                'C10 H15 N2 O8 P' 322.208 
# 
_exptl.absorpt_coefficient_mu     ? 
_exptl.absorpt_correction_T_max   ? 
_exptl.absorpt_correction_T_min   ? 
_exptl.absorpt_correction_type    ? 
_exptl.absorpt_process_details    ? 
_exptl.entry_id                   7JP7 
_exptl.crystals_number            1 
_exptl.details                    ? 
_exptl.method                     'X-RAY DIFFRACTION' 
_exptl.method_details             ? 
# 
_exptl_crystal.colour                      ? 
_exptl_crystal.density_diffrn              ? 
_exptl_crystal.density_Matthews            5.63 
_exptl_crystal.density_method              ? 
_exptl_crystal.density_percent_sol         78.17 
_exptl_crystal.description                 ? 
_exptl_crystal.F_000                       ? 
_exptl_crystal.id                          1 
_exptl_crystal.preparation                 ? 
_exptl_crystal.size_max                    ? 
_exptl_crystal.size_mid                    ? 
_exptl_crystal.size_min                    ? 
_exptl_crystal.size_rad                    ? 
_exptl_crystal.colour_lustre               ? 
_exptl_crystal.colour_modifier             ? 
_exptl_crystal.colour_primary              ? 
_exptl_crystal.density_meas                ? 
_exptl_crystal.density_meas_esd            ? 
_exptl_crystal.density_meas_gt             ? 
_exptl_crystal.density_meas_lt             ? 
_exptl_crystal.density_meas_temp           ? 
_exptl_crystal.density_meas_temp_esd       ? 
_exptl_crystal.density_meas_temp_gt        ? 
_exptl_crystal.density_meas_temp_lt        ? 
_exptl_crystal.pdbx_crystal_image_url      ? 
_exptl_crystal.pdbx_crystal_image_format   ? 
_exptl_crystal.pdbx_mosaicity              ? 
_exptl_crystal.pdbx_mosaicity_esd          ? 
# 
_exptl_crystal_grow.apparatus       ? 
_exptl_crystal_grow.atmosphere      ? 
_exptl_crystal_grow.crystal_id      1 
_exptl_crystal_grow.details         ? 
_exptl_crystal_grow.method          'VAPOR DIFFUSION, SITTING DROP' 
_exptl_crystal_grow.method_ref      ? 
_exptl_crystal_grow.pH              ? 
_exptl_crystal_grow.pressure        ? 
_exptl_crystal_grow.pressure_esd    ? 
_exptl_crystal_grow.seeding         ? 
_exptl_crystal_grow.seeding_ref     ? 
_exptl_crystal_grow.temp            298 
_exptl_crystal_grow.temp_details    'temperature gradient generated from 60 to 25 C at 0.3 degrees per hour' 
_exptl_crystal_grow.temp_esd        ? 
_exptl_crystal_grow.time            ? 
_exptl_crystal_grow.pdbx_details    
;0.5 mL of 0.05 M Cacodylate pH 6.5 with 2.0 mM spermine, 1.0 mM CoH18N6, and 80 mM CaCl2 was added to the reservoir with 2 uL added to the drop containing 4 uL of DNA stock
;
_exptl_crystal_grow.pdbx_pH_range   ? 
# 
_diffrn.ambient_environment              ? 
_diffrn.ambient_temp                     100 
_diffrn.ambient_temp_details             ? 
_diffrn.ambient_temp_esd                 ? 
_diffrn.crystal_id                       1 
_diffrn.crystal_support                  ? 
_diffrn.crystal_treatment                ? 
_diffrn.details                          ? 
_diffrn.id                               1 
_diffrn.ambient_pressure                 ? 
_diffrn.ambient_pressure_esd             ? 
_diffrn.ambient_pressure_gt              ? 
_diffrn.ambient_pressure_lt              ? 
_diffrn.ambient_temp_gt                  ? 
_diffrn.ambient_temp_lt                  ? 
_diffrn.pdbx_serial_crystal_experiment   N 
# 
_diffrn_detector.details                      ? 
_diffrn_detector.detector                     PIXEL 
_diffrn_detector.diffrn_id                    1 
_diffrn_detector.type                         'DECTRIS PILATUS3 6M' 
_diffrn_detector.area_resol_mean              ? 
_diffrn_detector.dtime                        ? 
_diffrn_detector.pdbx_frames_total            ? 
_diffrn_detector.pdbx_collection_time_total   ? 
_diffrn_detector.pdbx_collection_date         2017-07-15 
_diffrn_detector.pdbx_frequency               ? 
# 
_diffrn_radiation.collimation                      ? 
_diffrn_radiation.diffrn_id                        1 
_diffrn_radiation.filter_edge                      ? 
_diffrn_radiation.inhomogeneity                    ? 
_diffrn_radiation.monochromator                    ? 
_diffrn_radiation.polarisn_norm                    ? 
_diffrn_radiation.polarisn_ratio                   ? 
_diffrn_radiation.probe                            ? 
_diffrn_radiation.type                             ? 
_diffrn_radiation.xray_symbol                      ? 
_diffrn_radiation.wavelength_id                    1 
_diffrn_radiation.pdbx_monochromatic_or_laue_m_l   M 
_diffrn_radiation.pdbx_wavelength_list             ? 
_diffrn_radiation.pdbx_wavelength                  ? 
_diffrn_radiation.pdbx_diffrn_protocol             'SINGLE WAVELENGTH' 
_diffrn_radiation.pdbx_analyzer                    ? 
_diffrn_radiation.pdbx_scattering_type             x-ray 
# 
_diffrn_radiation_wavelength.id           1 
_diffrn_radiation_wavelength.wavelength   0.92 
_diffrn_radiation_wavelength.wt           1.0 
# 
_diffrn_source.current                     ? 
_diffrn_source.details                     ? 
_diffrn_source.diffrn_id                   1 
_diffrn_source.power                       ? 
_diffrn_source.size                        ? 
_diffrn_source.source                      SYNCHROTRON 
_diffrn_source.target                      ? 
_diffrn_source.type                        'APS BEAMLINE 19-ID' 
_diffrn_source.voltage                     ? 
_diffrn_source.take-off_angle              ? 
_diffrn_source.pdbx_wavelength_list        0.92 
_diffrn_source.pdbx_wavelength             ? 
_diffrn_source.pdbx_synchrotron_beamline   19-ID 
_diffrn_source.pdbx_synchrotron_site       APS 
# 
_reflns.B_iso_Wilson_estimate            85.300 
_reflns.entry_id                         7JP7 
_reflns.data_reduction_details           ? 
_reflns.data_reduction_method            ? 
_reflns.d_resolution_high                3.200 
_reflns.d_resolution_low                 50.000 
_reflns.details                          ? 
_reflns.limit_h_max                      ? 
_reflns.limit_h_min                      ? 
_reflns.limit_k_max                      ? 
_reflns.limit_k_min                      ? 
_reflns.limit_l_max                      ? 
_reflns.limit_l_min                      ? 
_reflns.number_all                       ? 
_reflns.number_obs                       3636 
_reflns.observed_criterion               ? 
_reflns.observed_criterion_F_max         ? 
_reflns.observed_criterion_F_min         ? 
_reflns.observed_criterion_I_max         ? 
_reflns.observed_criterion_I_min         ? 
_reflns.observed_criterion_sigma_F       ? 
_reflns.observed_criterion_sigma_I       ? 
_reflns.percent_possible_obs             79.000 
_reflns.R_free_details                   ? 
_reflns.Rmerge_F_all                     ? 
_reflns.Rmerge_F_obs                     ? 
_reflns.Friedel_coverage                 ? 
_reflns.number_gt                        ? 
_reflns.threshold_expression             ? 
_reflns.pdbx_redundancy                  8.400 
_reflns.pdbx_Rmerge_I_obs                0.087 
_reflns.pdbx_Rmerge_I_all                ? 
_reflns.pdbx_Rsym_value                  ? 
_reflns.pdbx_netI_over_av_sigmaI         ? 
_reflns.pdbx_netI_over_sigmaI            3.700 
_reflns.pdbx_res_netI_over_av_sigmaI_2   ? 
_reflns.pdbx_res_netI_over_sigmaI_2      ? 
_reflns.pdbx_chi_squared                 0.806 
_reflns.pdbx_scaling_rejects             ? 
_reflns.pdbx_d_res_high_opt              ? 
_reflns.pdbx_d_res_low_opt               ? 
_reflns.pdbx_d_res_opt_method            ? 
_reflns.phase_calculation_details        ? 
_reflns.pdbx_Rrim_I_all                  0.092 
_reflns.pdbx_Rpim_I_all                  0.029 
_reflns.pdbx_d_opt                       ? 
_reflns.pdbx_number_measured_all         ? 
_reflns.pdbx_diffrn_id                   1 
_reflns.pdbx_ordinal                     1 
_reflns.pdbx_CC_half                     0.879 
_reflns.pdbx_CC_star                     ? 
_reflns.pdbx_R_split                     ? 
# 
loop_
_reflns_shell.d_res_high 
_reflns_shell.d_res_low 
_reflns_shell.meanI_over_sigI_all 
_reflns_shell.meanI_over_sigI_obs 
_reflns_shell.number_measured_all 
_reflns_shell.number_measured_obs 
_reflns_shell.number_possible 
_reflns_shell.number_unique_all 
_reflns_shell.number_unique_obs 
_reflns_shell.percent_possible_all 
_reflns_shell.percent_possible_obs 
_reflns_shell.Rmerge_F_all 
_reflns_shell.Rmerge_F_obs 
_reflns_shell.Rmerge_I_all 
_reflns_shell.Rmerge_I_obs 
_reflns_shell.meanI_over_sigI_gt 
_reflns_shell.meanI_over_uI_all 
_reflns_shell.meanI_over_uI_gt 
_reflns_shell.number_measured_gt 
_reflns_shell.number_unique_gt 
_reflns_shell.percent_possible_gt 
_reflns_shell.Rmerge_F_gt 
_reflns_shell.Rmerge_I_gt 
_reflns_shell.pdbx_redundancy 
_reflns_shell.pdbx_Rsym_value 
_reflns_shell.pdbx_chi_squared 
_reflns_shell.pdbx_netI_over_sigmaI_all 
_reflns_shell.pdbx_netI_over_sigmaI_obs 
_reflns_shell.pdbx_Rrim_I_all 
_reflns_shell.pdbx_Rpim_I_all 
_reflns_shell.pdbx_rejects 
_reflns_shell.pdbx_ordinal 
_reflns_shell.pdbx_diffrn_id 
_reflns_shell.pdbx_CC_half 
_reflns_shell.pdbx_CC_star 
_reflns_shell.pdbx_R_split 
3.200 3.260  ? ? ? ? ? ? 107 43.900  ? ? ? ? 0.236 ? ? ? ? ? ? ? ? 4.200  ? 0.831 ? ? 0.258 0.103 ? 1  1 0.948 ? ? 
3.260 3.310  ? ? ? ? ? ? 103 46.200  ? ? ? ? 0.552 ? ? ? ? ? ? ? ? 4.300  ? 0.710 ? ? 0.603 0.233 ? 2  1 0.872 ? ? 
3.310 3.380  ? ? ? ? ? ? 114 51.600  ? ? ? ? 0.329 ? ? ? ? ? ? ? ? 6.500  ? 0.719 ? ? 0.350 0.117 ? 3  1 0.948 ? ? 
3.380 3.450  ? ? ? ? ? ? 129 52.700  ? ? ? ? 0.487 ? ? ? ? ? ? ? ? 6.000  ? 0.664 ? ? 0.521 0.179 ? 4  1 0.934 ? ? 
3.450 3.520  ? ? ? ? ? ? 131 63.300  ? ? ? ? 0.552 ? ? ? ? ? ? ? ? 6.500  ? 0.549 ? ? 0.591 0.207 ? 5  1 0.898 ? ? 
3.520 3.600  ? ? ? ? ? ? 158 62.900  ? ? ? ? 0.608 ? ? ? ? ? ? ? ? 6.300  ? 0.511 ? ? 0.651 0.226 ? 6  1 0.869 ? ? 
3.600 3.690  ? ? ? ? ? ? 139 64.100  ? ? ? ? 0.523 ? ? ? ? ? ? ? ? 7.200  ? 0.612 ? ? 0.561 0.196 ? 7  1 0.899 ? ? 
3.690 3.790  ? ? ? ? ? ? 163 68.200  ? ? ? ? 0.710 ? ? ? ? ? ? ? ? 7.000  ? 0.521 ? ? 0.757 0.258 ? 8  1 0.878 ? ? 
3.790 3.910  ? ? ? ? ? ? 178 75.700  ? ? ? ? 0.634 ? ? ? ? ? ? ? ? 7.000  ? 0.657 ? ? 0.681 0.241 ? 9  1 0.923 ? ? 
3.910 4.030  ? ? ? ? ? ? 170 81.300  ? ? ? ? 0.650 ? ? ? ? ? ? ? ? 6.800  ? 0.457 ? ? 0.699 0.251 ? 10 1 0.899 ? ? 
4.030 4.180  ? ? ? ? ? ? 209 84.600  ? ? ? ? 0.476 ? ? ? ? ? ? ? ? 8.200  ? 0.582 ? ? 0.504 0.164 ? 11 1 0.949 ? ? 
4.180 4.340  ? ? ? ? ? ? 209 93.300  ? ? ? ? 0.478 ? ? ? ? ? ? ? ? 9.000  ? 0.504 ? ? 0.504 0.157 ? 12 1 0.957 ? ? 
4.340 4.540  ? ? ? ? ? ? 222 94.900  ? ? ? ? 0.424 ? ? ? ? ? ? ? ? 9.000  ? 0.510 ? ? 0.447 0.139 ? 13 1 0.954 ? ? 
4.540 4.780  ? ? ? ? ? ? 228 99.100  ? ? ? ? 0.362 ? ? ? ? ? ? ? ? 9.500  ? 0.553 ? ? 0.381 0.118 ? 14 1 0.971 ? ? 
4.780 5.080  ? ? ? ? ? ? 217 100.000 ? ? ? ? 0.237 ? ? ? ? ? ? ? ? 9.600  ? 0.664 ? ? 0.250 0.078 ? 15 1 0.990 ? ? 
5.080 5.470  ? ? ? ? ? ? 244 100.000 ? ? ? ? 0.183 ? ? ? ? ? ? ? ? 9.200  ? 0.844 ? ? 0.193 0.063 ? 16 1 0.989 ? ? 
5.470 6.020  ? ? ? ? ? ? 217 100.000 ? ? ? ? 0.137 ? ? ? ? ? ? ? ? 10.800 ? 1.012 ? ? 0.144 0.043 ? 17 1 0.991 ? ? 
6.020 6.890  ? ? ? ? ? ? 233 100.000 ? ? ? ? 0.113 ? ? ? ? ? ? ? ? 10.800 ? 1.122 ? ? 0.118 0.035 ? 18 1 0.993 ? ? 
6.890 8.670  ? ? ? ? ? ? 238 100.000 ? ? ? ? 0.083 ? ? ? ? ? ? ? ? 10.100 ? 1.491 ? ? 0.087 0.027 ? 19 1 0.996 ? ? 
8.670 50.000 ? ? ? ? ? ? 227 100.000 ? ? ? ? 0.046 ? ? ? ? ? ? ? ? 10.300 ? 1.257 ? ? 0.048 0.015 ? 20 1 0.999 ? ? 
# 
_refine.aniso_B[1][1]                            ? 
_refine.aniso_B[1][2]                            ? 
_refine.aniso_B[1][3]                            ? 
_refine.aniso_B[2][2]                            ? 
_refine.aniso_B[2][3]                            ? 
_refine.aniso_B[3][3]                            ? 
_refine.B_iso_max                                225.470 
_refine.B_iso_mean                               128.8817 
_refine.B_iso_min                                64.120 
_refine.correlation_coeff_Fo_to_Fc               ? 
_refine.correlation_coeff_Fo_to_Fc_free          ? 
_refine.details                                  ? 
_refine.diff_density_max                         ? 
_refine.diff_density_max_esd                     ? 
_refine.diff_density_min                         ? 
_refine.diff_density_min_esd                     ? 
_refine.diff_density_rms                         ? 
_refine.diff_density_rms_esd                     ? 
_refine.entry_id                                 7JP7 
_refine.pdbx_refine_id                           'X-RAY DIFFRACTION' 
_refine.ls_abs_structure_details                 ? 
_refine.ls_abs_structure_Flack                   ? 
_refine.ls_abs_structure_Flack_esd               ? 
_refine.ls_abs_structure_Rogers                  ? 
_refine.ls_abs_structure_Rogers_esd              ? 
_refine.ls_d_res_high                            3.2070 
_refine.ls_d_res_low                             34.0750 
_refine.ls_extinction_coef                       ? 
_refine.ls_extinction_coef_esd                   ? 
_refine.ls_extinction_expression                 ? 
_refine.ls_extinction_method                     ? 
_refine.ls_goodness_of_fit_all                   ? 
_refine.ls_goodness_of_fit_all_esd               ? 
_refine.ls_goodness_of_fit_obs                   ? 
_refine.ls_goodness_of_fit_obs_esd               ? 
_refine.ls_hydrogen_treatment                    ? 
_refine.ls_matrix_type                           ? 
_refine.ls_number_constraints                    ? 
_refine.ls_number_parameters                     ? 
_refine.ls_number_reflns_all                     ? 
_refine.ls_number_reflns_obs                     3610 
_refine.ls_number_reflns_R_free                  184 
_refine.ls_number_reflns_R_work                  3426 
_refine.ls_number_restraints                     ? 
_refine.ls_percent_reflns_obs                    78.6500 
_refine.ls_percent_reflns_R_free                 5.1000 
_refine.ls_R_factor_all                          ? 
_refine.ls_R_factor_obs                          0.2433 
_refine.ls_R_factor_R_free                       0.2596 
_refine.ls_R_factor_R_free_error                 ? 
_refine.ls_R_factor_R_free_error_details         ? 
_refine.ls_R_factor_R_work                       0.2423 
_refine.ls_R_Fsqd_factor_obs                     ? 
_refine.ls_R_I_factor_obs                        ? 
_refine.ls_redundancy_reflns_all                 ? 
_refine.ls_redundancy_reflns_obs                 ? 
_refine.ls_restrained_S_all                      ? 
_refine.ls_restrained_S_obs                      ? 
_refine.ls_shift_over_esd_max                    ? 
_refine.ls_shift_over_esd_mean                   ? 
_refine.ls_structure_factor_coef                 ? 
_refine.ls_weighting_details                     ? 
_refine.ls_weighting_scheme                      ? 
_refine.ls_wR_factor_all                         ? 
_refine.ls_wR_factor_obs                         ? 
_refine.ls_wR_factor_R_free                      ? 
_refine.ls_wR_factor_R_work                      ? 
_refine.occupancy_max                            ? 
_refine.occupancy_min                            ? 
_refine.solvent_model_details                    'FLAT BULK SOLVENT MODEL' 
_refine.solvent_model_param_bsol                 ? 
_refine.solvent_model_param_ksol                 ? 
_refine.pdbx_R_complete                          ? 
_refine.ls_R_factor_gt                           ? 
_refine.ls_goodness_of_fit_gt                    ? 
_refine.ls_goodness_of_fit_ref                   ? 
_refine.ls_shift_over_su_max                     ? 
_refine.ls_shift_over_su_max_lt                  ? 
_refine.ls_shift_over_su_mean                    ? 
_refine.ls_shift_over_su_mean_lt                 ? 
_refine.pdbx_ls_sigma_I                          ? 
_refine.pdbx_ls_sigma_F                          2.000 
_refine.pdbx_ls_sigma_Fsqd                       ? 
_refine.pdbx_data_cutoff_high_absF               ? 
_refine.pdbx_data_cutoff_high_rms_absF           ? 
_refine.pdbx_data_cutoff_low_absF                ? 
_refine.pdbx_isotropic_thermal_model             ? 
_refine.pdbx_ls_cross_valid_method               THROUGHOUT 
_refine.pdbx_method_to_determine_struct          'MOLECULAR REPLACEMENT' 
_refine.pdbx_starting_model                      5VY6 
_refine.pdbx_stereochemistry_target_values       ML 
_refine.pdbx_R_Free_selection_details            ? 
_refine.pdbx_stereochem_target_val_spec_case     ? 
_refine.pdbx_overall_ESU_R                       ? 
_refine.pdbx_overall_ESU_R_Free                  ? 
_refine.pdbx_solvent_vdw_probe_radii             1.1100 
_refine.pdbx_solvent_ion_probe_radii             ? 
_refine.pdbx_solvent_shrinkage_radii             0.9000 
_refine.pdbx_real_space_R                        ? 
_refine.pdbx_density_correlation                 ? 
_refine.pdbx_pd_number_of_powder_patterns        ? 
_refine.pdbx_pd_number_of_points                 ? 
_refine.pdbx_pd_meas_number_of_points            ? 
_refine.pdbx_pd_proc_ls_prof_R_factor            ? 
_refine.pdbx_pd_proc_ls_prof_wR_factor           ? 
_refine.pdbx_pd_Marquardt_correlation_coeff      ? 
_refine.pdbx_pd_Fsqrd_R_factor                   ? 
_refine.pdbx_pd_ls_matrix_band_width             ? 
_refine.pdbx_overall_phase_error                 35.5800 
_refine.pdbx_overall_SU_R_free_Cruickshank_DPI   ? 
_refine.pdbx_overall_SU_R_free_Blow_DPI          ? 
_refine.pdbx_overall_SU_R_Blow_DPI               ? 
_refine.pdbx_TLS_residual_ADP_flag               ? 
_refine.pdbx_diffrn_id                           1 
_refine.overall_SU_B                             ? 
_refine.overall_SU_ML                            0.2300 
_refine.overall_SU_R_Cruickshank_DPI             ? 
_refine.overall_SU_R_free                        ? 
_refine.overall_FOM_free_R_set                   ? 
_refine.overall_FOM_work_R_set                   ? 
_refine.pdbx_average_fsc_overall                 ? 
_refine.pdbx_average_fsc_work                    ? 
_refine.pdbx_average_fsc_free                    ? 
# 
_refine_hist.pdbx_refine_id                   'X-RAY DIFFRACTION' 
_refine_hist.cycle_id                         final 
_refine_hist.details                          ? 
_refine_hist.d_res_high                       3.2070 
_refine_hist.d_res_low                        34.0750 
_refine_hist.number_atoms_solvent             0 
_refine_hist.number_atoms_total               858 
_refine_hist.number_reflns_all                ? 
_refine_hist.number_reflns_obs                ? 
_refine_hist.number_reflns_R_free             ? 
_refine_hist.number_reflns_R_work             ? 
_refine_hist.R_factor_all                     ? 
_refine_hist.R_factor_obs                     ? 
_refine_hist.R_factor_R_free                  ? 
_refine_hist.R_factor_R_work                  ? 
_refine_hist.pdbx_number_residues_total       42 
_refine_hist.pdbx_B_iso_mean_ligand           176.64 
_refine_hist.pdbx_B_iso_mean_solvent          ? 
_refine_hist.pdbx_number_atoms_protein        0 
_refine_hist.pdbx_number_atoms_nucleic_acid   855 
_refine_hist.pdbx_number_atoms_ligand         3 
_refine_hist.pdbx_number_atoms_lipid          ? 
_refine_hist.pdbx_number_atoms_carb           ? 
_refine_hist.pdbx_pseudo_atom_details         ? 
# 
loop_
_refine_ls_restr.pdbx_refine_id 
_refine_ls_restr.criterion 
_refine_ls_restr.dev_ideal 
_refine_ls_restr.dev_ideal_target 
_refine_ls_restr.number 
_refine_ls_restr.rejects 
_refine_ls_restr.type 
_refine_ls_restr.weight 
_refine_ls_restr.pdbx_restraint_function 
'X-RAY DIFFRACTION' ? 0.005  ? 956  ? f_bond_d           ? ? 
'X-RAY DIFFRACTION' ? 0.802  ? 1467 ? f_angle_d          ? ? 
'X-RAY DIFFRACTION' ? 0.046  ? 166  ? f_chiral_restr     ? ? 
'X-RAY DIFFRACTION' ? 0.004  ? 42   ? f_plane_restr      ? ? 
'X-RAY DIFFRACTION' ? 32.821 ? 406  ? f_dihedral_angle_d ? ? 
# 
_refine_ls_shell.pdbx_refine_id                   'X-RAY DIFFRACTION' 
_refine_ls_shell.d_res_high                       3.207 
_refine_ls_shell.d_res_low                        ? 
_refine_ls_shell.number_reflns_all                ? 
_refine_ls_shell.number_reflns_obs                ? 
_refine_ls_shell.number_reflns_R_free             184 
_refine_ls_shell.number_reflns_R_work             3426 
_refine_ls_shell.percent_reflns_obs               79.0000 
_refine_ls_shell.percent_reflns_R_free            ? 
_refine_ls_shell.R_factor_all                     ? 
_refine_ls_shell.R_factor_obs                     ? 
_refine_ls_shell.R_factor_R_free                  0.2596 
_refine_ls_shell.R_factor_R_free_error            0.0000 
_refine_ls_shell.R_factor_R_work                  0.2423 
_refine_ls_shell.redundancy_reflns_all            ? 
_refine_ls_shell.redundancy_reflns_obs            ? 
_refine_ls_shell.wR_factor_all                    ? 
_refine_ls_shell.wR_factor_obs                    ? 
_refine_ls_shell.wR_factor_R_free                 ? 
_refine_ls_shell.wR_factor_R_work                 ? 
_refine_ls_shell.pdbx_R_complete                  ? 
_refine_ls_shell.pdbx_total_number_of_bins_used   ? 
_refine_ls_shell.pdbx_phase_error                 ? 
_refine_ls_shell.pdbx_fsc_work                    ? 
_refine_ls_shell.pdbx_fsc_free                    ? 
# 
_struct.entry_id                     7JP7 
_struct.title                        
'Self-assembly of a 3D DNA crystal lattice (4x6 duplex version) containing the J16 immobile Holliday junction' 
_struct.pdbx_model_details           ? 
_struct.pdbx_formula_weight          ? 
_struct.pdbx_formula_weight_method   ? 
_struct.pdbx_model_type_details      ? 
_struct.pdbx_CASP_flag               N 
# 
_struct_keywords.entry_id        7JP7 
_struct_keywords.text            
'Structural DNA nanotechnology, immobile Holliday junctions, 3D DNA self-assembly, designer DNA crystals, DNA' 
_struct_keywords.pdbx_keywords   DNA 
# 
loop_
_struct_asym.id 
_struct_asym.pdbx_blank_PDB_chainid_flag 
_struct_asym.pdbx_modified 
_struct_asym.entity_id 
_struct_asym.details 
A N N 1 ? 
B N N 2 ? 
C N N 3 ? 
D N N 4 ? 
E N N 5 ? 
F N N 5 ? 
G N N 5 ? 
# 
loop_
_struct_conn.id 
_struct_conn.conn_type_id 
_struct_conn.pdbx_leaving_atom_flag 
_struct_conn.pdbx_PDB_id 
_struct_conn.ptnr1_label_asym_id 
_struct_conn.ptnr1_label_comp_id 
_struct_conn.ptnr1_label_seq_id 
_struct_conn.ptnr1_label_atom_id 
_struct_conn.pdbx_ptnr1_label_alt_id 
_struct_conn.pdbx_ptnr1_PDB_ins_code 
_struct_conn.pdbx_ptnr1_standard_comp_id 
_struct_conn.ptnr1_symmetry 
_struct_conn.ptnr2_label_asym_id 
_struct_conn.ptnr2_label_comp_id 
_struct_conn.ptnr2_label_seq_id 
_struct_conn.ptnr2_label_atom_id 
_struct_conn.pdbx_ptnr2_label_alt_id 
_struct_conn.pdbx_ptnr2_PDB_ins_code 
_struct_conn.ptnr1_auth_asym_id 
_struct_conn.ptnr1_auth_comp_id 
_struct_conn.ptnr1_auth_seq_id 
_struct_conn.ptnr2_auth_asym_id 
_struct_conn.ptnr2_auth_comp_id 
_struct_conn.ptnr2_auth_seq_id 
_struct_conn.ptnr2_symmetry 
_struct_conn.pdbx_ptnr3_label_atom_id 
_struct_conn.pdbx_ptnr3_label_seq_id 
_struct_conn.pdbx_ptnr3_label_comp_id 
_struct_conn.pdbx_ptnr3_label_asym_id 
_struct_conn.pdbx_ptnr3_label_alt_id 
_struct_conn.pdbx_ptnr3_PDB_ins_code 
_struct_conn.details 
_struct_conn.pdbx_dist_value 
_struct_conn.pdbx_value_order 
_struct_conn.pdbx_role 
hydrog1  hydrog ? ? A DG 3  N2 ? ? ? 1_555 D DC 7 N3 ? ? A DG 3  D DC 16 1_555 ? ? ? ? ? ? 'DG-DC PAIR' ? ? ? 
hydrog2  hydrog ? ? A DC 4  N3 ? ? ? 1_555 D DG 6 N1 ? ? A DC 4  D DG 15 1_555 ? ? ? ? ? ? WATSON-CRICK ? ? ? 
hydrog3  hydrog ? ? A DC 4  N4 ? ? ? 1_555 D DG 6 O6 ? ? A DC 4  D DG 15 1_555 ? ? ? ? ? ? WATSON-CRICK ? ? ? 
hydrog4  hydrog ? ? A DC 4  O2 ? ? ? 1_555 D DG 6 N2 ? ? A DC 4  D DG 15 1_555 ? ? ? ? ? ? WATSON-CRICK ? ? ? 
hydrog5  hydrog ? ? A DA 5  N6 ? ? ? 1_555 D DT 5 O4 ? ? A DA 5  D DT 14 1_555 ? ? ? ? ? ? 'DA-DT PAIR' ? ? ? 
hydrog6  hydrog ? ? A DG 6  N1 ? ? ? 1_555 D DC 4 N3 ? ? A DG 6  D DC 13 1_555 ? ? ? ? ? ? WATSON-CRICK ? ? ? 
hydrog7  hydrog ? ? A DG 6  N2 ? ? ? 1_555 D DC 4 O2 ? ? A DG 6  D DC 13 1_555 ? ? ? ? ? ? WATSON-CRICK ? ? ? 
hydrog8  hydrog ? ? A DG 6  O6 ? ? ? 1_555 D DC 4 N4 ? ? A DG 6  D DC 13 1_555 ? ? ? ? ? ? WATSON-CRICK ? ? ? 
hydrog9  hydrog ? ? A DA 7  N1 ? ? ? 1_555 D DT 3 N3 ? ? A DA 7  D DT 12 1_555 ? ? ? ? ? ? WATSON-CRICK ? ? ? 
hydrog10 hydrog ? ? A DA 7  N6 ? ? ? 1_555 D DT 3 O4 ? ? A DA 7  D DT 12 1_555 ? ? ? ? ? ? WATSON-CRICK ? ? ? 
hydrog11 hydrog ? ? A DC 8  N3 ? ? ? 1_555 D DG 2 N1 ? ? A DC 8  D DG 11 1_555 ? ? ? ? ? ? WATSON-CRICK ? ? ? 
hydrog12 hydrog ? ? A DC 8  N4 ? ? ? 1_555 D DG 2 O6 ? ? A DC 8  D DG 11 1_555 ? ? ? ? ? ? WATSON-CRICK ? ? ? 
hydrog13 hydrog ? ? A DC 8  O2 ? ? ? 1_555 D DG 2 N2 ? ? A DC 8  D DG 11 1_555 ? ? ? ? ? ? WATSON-CRICK ? ? ? 
hydrog14 hydrog ? ? A DG 9  N1 ? ? ? 1_555 D DC 1 N3 ? ? A DG 9  D DC 10 1_555 ? ? ? ? ? ? WATSON-CRICK ? ? ? 
hydrog15 hydrog ? ? A DG 9  N2 ? ? ? 1_555 D DC 1 O2 ? ? A DG 9  D DC 10 1_555 ? ? ? ? ? ? WATSON-CRICK ? ? ? 
hydrog16 hydrog ? ? A DG 9  O6 ? ? ? 1_555 D DC 1 N4 ? ? A DG 9  D DC 10 1_555 ? ? ? ? ? ? WATSON-CRICK ? ? ? 
hydrog17 hydrog ? ? A DC 13 N3 ? ? ? 1_555 B DG 3 N1 ? ? A DC 13 B DG 2  1_555 ? ? ? ? ? ? WATSON-CRICK ? ? ? 
hydrog18 hydrog ? ? A DC 13 N4 ? ? ? 1_555 B DG 3 O6 ? ? A DC 13 B DG 2  1_555 ? ? ? ? ? ? WATSON-CRICK ? ? ? 
hydrog19 hydrog ? ? A DC 13 O2 ? ? ? 1_555 B DG 3 N2 ? ? A DC 13 B DG 2  1_555 ? ? ? ? ? ? WATSON-CRICK ? ? ? 
hydrog20 hydrog ? ? A DG 14 N1 ? ? ? 1_555 B DC 2 N3 ? ? A DG 14 B DC 1  1_555 ? ? ? ? ? ? WATSON-CRICK ? ? ? 
hydrog21 hydrog ? ? A DG 14 N2 ? ? ? 1_555 B DC 2 O2 ? ? A DG 14 B DC 1  1_555 ? ? ? ? ? ? WATSON-CRICK ? ? ? 
hydrog22 hydrog ? ? A DG 14 O6 ? ? ? 1_555 B DC 2 N4 ? ? A DG 14 B DC 1  1_555 ? ? ? ? ? ? WATSON-CRICK ? ? ? 
hydrog23 hydrog ? ? A DC 15 N3 ? ? ? 1_555 B DG 1 N1 ? ? A DC 15 B DG 0  1_555 ? ? ? ? ? ? WATSON-CRICK ? ? ? 
hydrog24 hydrog ? ? A DC 15 N4 ? ? ? 1_555 B DG 1 O6 ? ? A DC 15 B DG 0  1_555 ? ? ? ? ? ? WATSON-CRICK ? ? ? 
hydrog25 hydrog ? ? A DC 15 O2 ? ? ? 1_555 B DG 1 N2 ? ? A DC 15 B DG 0  1_555 ? ? ? ? ? ? WATSON-CRICK ? ? ? 
hydrog26 hydrog ? ? A DC 16 N3 ? ? ? 1_555 C DG 8 N1 ? ? A DC 16 C DG 8  1_555 ? ? ? ? ? ? WATSON-CRICK ? ? ? 
hydrog27 hydrog ? ? A DC 16 N4 ? ? ? 1_555 C DG 8 O6 ? ? A DC 16 C DG 8  1_555 ? ? ? ? ? ? WATSON-CRICK ? ? ? 
hydrog28 hydrog ? ? A DC 16 O2 ? ? ? 1_555 C DG 8 N2 ? ? A DC 16 C DG 8  1_555 ? ? ? ? ? ? WATSON-CRICK ? ? ? 
hydrog29 hydrog ? ? A DA 17 N1 ? ? ? 1_555 C DG 6 N1 ? ? A DA 17 C DG 6  1_555 ? ? ? ? ? ? TYPE_8_PAIR  ? ? ? 
hydrog30 hydrog ? ? A DA 17 N6 ? ? ? 1_555 C DG 6 O6 ? ? A DA 17 C DG 6  1_555 ? ? ? ? ? ? TYPE_8_PAIR  ? ? ? 
hydrog31 hydrog ? ? A DA 17 N1 ? ? ? 1_555 C DT 7 N3 ? ? A DA 17 C DT 7  1_555 ? ? ? ? ? ? WATSON-CRICK ? ? ? 
hydrog32 hydrog ? ? A DA 17 N6 ? ? ? 1_555 C DT 7 O4 ? ? A DA 17 C DT 7  1_555 ? ? ? ? ? ? WATSON-CRICK ? ? ? 
hydrog33 hydrog ? ? A DC 18 N3 ? ? ? 1_555 C DG 6 N2 ? ? A DC 18 C DG 6  1_555 ? ? ? ? ? ? 'DC-DG PAIR' ? ? ? 
hydrog34 hydrog ? ? A DT 19 N3 ? ? ? 1_555 C DA 5 N1 ? ? A DT 19 C DA 5  1_555 ? ? ? ? ? ? WATSON-CRICK ? ? ? 
hydrog35 hydrog ? ? A DT 19 O4 ? ? ? 1_555 C DA 5 N6 ? ? A DT 19 C DA 5  1_555 ? ? ? ? ? ? WATSON-CRICK ? ? ? 
hydrog36 hydrog ? ? A DC 20 N3 ? ? ? 1_555 C DG 4 N2 ? ? A DC 20 C DG 4  1_555 ? ? ? ? ? ? 'DC-DG PAIR' ? ? ? 
hydrog37 hydrog ? ? A DA 21 N1 ? ? ? 1_555 C DT 3 N3 ? ? A DA 21 C DT 3  1_555 ? ? ? ? ? ? WATSON-CRICK ? ? ? 
hydrog38 hydrog ? ? A DA 21 N6 ? ? ? 1_555 C DT 3 O4 ? ? A DA 21 C DT 3  1_555 ? ? ? ? ? ? WATSON-CRICK ? ? ? 
# 
_struct_conn_type.id          hydrog 
_struct_conn_type.criteria    ? 
_struct_conn_type.reference   ? 
# 
_atom_sites.entry_id                    7JP7 
_atom_sites.Cartn_transf_matrix[1][1]   ? 
_atom_sites.Cartn_transf_matrix[1][2]   ? 
_atom_sites.Cartn_transf_matrix[1][3]   ? 
_atom_sites.Cartn_transf_matrix[2][1]   ? 
_atom_sites.Cartn_transf_matrix[2][2]   ? 
_atom_sites.Cartn_transf_matrix[2][3]   ? 
_atom_sites.Cartn_transf_matrix[3][1]   ? 
_atom_sites.Cartn_transf_matrix[3][2]   ? 
_atom_sites.Cartn_transf_matrix[3][3]   ? 
_atom_sites.Cartn_transf_vector[1]      ? 
_atom_sites.Cartn_transf_vector[2]      ? 
_atom_sites.Cartn_transf_vector[3]      ? 
_atom_sites.fract_transf_matrix[1][1]   -0.01337157 
_atom_sites.fract_transf_matrix[1][2]   -0.00921483 
_atom_sites.fract_transf_matrix[1][3]   0.00483622 
_atom_sites.fract_transf_matrix[2][1]   -0.01330213 
_atom_sites.fract_transf_matrix[2][2]   0.00755049 
_atom_sites.fract_transf_matrix[2][3]   0.00728990 
_atom_sites.fract_transf_matrix[3][1]   -0.00775400 
_atom_sites.fract_transf_matrix[3][2]   0.00247861 
_atom_sites.fract_transf_matrix[3][3]   -0.01671621 
_atom_sites.fract_transf_vector[1]      1.147262 
_atom_sites.fract_transf_vector[2]      1.099631 
_atom_sites.fract_transf_vector[3]      -0.064888 
_atom_sites.solution_primary            ? 
_atom_sites.solution_secondary          ? 
_atom_sites.solution_hydrogens          ? 
_atom_sites.special_details             ? 
# 
loop_
_atom_type.symbol 
AS 
C  
H  
N  
O  
P  
# 
loop_
_atom_site.group_PDB 
_atom_site.id 
_atom_site.type_symbol 
_atom_site.label_atom_id 
_atom_site.label_alt_id 
_atom_site.label_comp_id 
_atom_site.label_asym_id 
_atom_site.label_entity_id 
_atom_site.label_seq_id 
_atom_site.pdbx_PDB_ins_code 
_atom_site.Cartn_x 
_atom_site.Cartn_y 
_atom_site.Cartn_z 
_atom_site.occupancy 
_atom_site.B_iso_or_equiv 
_atom_site.pdbx_formal_charge 
_atom_site.auth_seq_id 
_atom_site.auth_comp_id 
_atom_site.auth_asym_id 
_atom_site.auth_atom_id 
_atom_site.pdbx_PDB_model_num 
ATOM   1    O  "O5'"  . DG  A 1 1  ? -11.765 34.082  4.460   1.00 135.84 ? 1   DG  A "O5'"  1 
ATOM   2    C  "C5'"  . DG  A 1 1  ? -12.867 34.053  5.360   1.00 133.08 ? 1   DG  A "C5'"  1 
ATOM   3    C  "C4'"  . DG  A 1 1  ? -12.400 33.823  6.787   1.00 135.93 ? 1   DG  A "C4'"  1 
ATOM   4    O  "O4'"  . DG  A 1 1  ? -13.548 33.774  7.668   1.00 138.69 ? 1   DG  A "O4'"  1 
ATOM   5    C  "C3'"  . DG  A 1 1  ? -11.610 32.532  6.993   1.00 133.37 ? 1   DG  A "C3'"  1 
ATOM   6    O  "O3'"  . DG  A 1 1  ? -10.238 32.845  7.253   1.00 143.35 ? 1   DG  A "O3'"  1 
ATOM   7    C  "C2'"  . DG  A 1 1  ? -12.284 31.823  8.174   1.00 124.78 ? 1   DG  A "C2'"  1 
ATOM   8    C  "C1'"  . DG  A 1 1  ? -13.613 32.548  8.365   1.00 117.34 ? 1   DG  A "C1'"  1 
ATOM   9    N  N9     . DG  A 1 1  ? -14.790 31.824  7.882   1.00 109.10 ? 1   DG  A N9     1 
ATOM   10   C  C8     . DG  A 1 1  ? -15.295 31.809  6.601   1.00 109.74 ? 1   DG  A C8     1 
ATOM   11   N  N7     . DG  A 1 1  ? -16.383 31.098  6.481   1.00 110.70 ? 1   DG  A N7     1 
ATOM   12   C  C5     . DG  A 1 1  ? -16.623 30.625  7.765   1.00 100.46 ? 1   DG  A C5     1 
ATOM   13   C  C6     . DG  A 1 1  ? -17.664 29.799  8.255   1.00 99.03  ? 1   DG  A C6     1 
ATOM   14   O  O6     . DG  A 1 1  ? -18.615 29.306  7.628   1.00 93.99  ? 1   DG  A O6     1 
ATOM   15   N  N1     . DG  A 1 1  ? -17.529 29.560  9.622   1.00 96.31  ? 1   DG  A N1     1 
ATOM   16   C  C2     . DG  A 1 1  ? -16.512 30.055  10.409  1.00 100.53 ? 1   DG  A C2     1 
ATOM   17   N  N2     . DG  A 1 1  ? -16.539 29.721  11.702  1.00 103.26 ? 1   DG  A N2     1 
ATOM   18   N  N3     . DG  A 1 1  ? -15.538 30.829  9.961   1.00 92.89  ? 1   DG  A N3     1 
ATOM   19   C  C4     . DG  A 1 1  ? -15.655 31.071  8.638   1.00 100.79 ? 1   DG  A C4     1 
ATOM   20   H  "H5'"  . DG  A 1 1  ? -13.470 33.339  5.103   1.00 159.80 ? 1   DG  A "H5'"  1 
ATOM   21   H  "H5''" . DG  A 1 1  ? -13.339 34.900  5.312   1.00 159.80 ? 1   DG  A "H5''" 1 
ATOM   22   H  "H4'"  . DG  A 1 1  ? -11.842 34.570  7.051   1.00 163.22 ? 1   DG  A "H4'"  1 
ATOM   23   H  "H3'"  . DG  A 1 1  ? -11.675 31.979  6.199   1.00 160.14 ? 1   DG  A "H3'"  1 
ATOM   24   H  "H2'"  . DG  A 1 1  ? -12.436 30.888  7.964   1.00 149.84 ? 1   DG  A "H2'"  1 
ATOM   25   H  "H2''" . DG  A 1 1  ? -11.738 31.905  8.972   1.00 149.84 ? 1   DG  A "H2''" 1 
ATOM   26   H  "H1'"  . DG  A 1 1  ? -13.731 32.735  9.309   1.00 140.91 ? 1   DG  A "H1'"  1 
ATOM   27   H  H8     . DG  A 1 1  ? -14.894 32.252  5.888   1.00 131.79 ? 1   DG  A H8     1 
ATOM   28   H  H1     . DG  A 1 1  ? -18.122 29.066  10.001  1.00 115.68 ? 1   DG  A H1     1 
ATOM   29   H  H21    . DG  A 1 1  ? -15.929 30.010  12.233  1.00 124.01 ? 1   DG  A H21    1 
ATOM   30   H  H22    . DG  A 1 1  ? -17.169 29.218  12.003  1.00 124.01 ? 1   DG  A H22    1 
ATOM   31   H  "HO5'" . DG  A 1 1  ? -11.883 33.909  3.646   1.00 163.11 ? 1   DG  A "HO5'" 1 
ATOM   32   P  P      . DA  A 1 2  ? -9.163  31.681  7.515   1.00 157.50 ? 2   DA  A P      1 
ATOM   33   O  OP1    . DA  A 1 2  ? -7.817  32.302  7.438   1.00 120.64 ? 2   DA  A OP1    1 
ATOM   34   O  OP2    . DA  A 1 2  ? -9.493  30.554  6.615   1.00 153.20 ? 2   DA  A OP2    1 
ATOM   35   O  "O5'"  . DA  A 1 2  ? -9.472  31.217  9.020   1.00 141.15 ? 2   DA  A "O5'"  1 
ATOM   36   C  "C5'"  . DA  A 1 2  ? -8.794  30.098  9.585   1.00 132.06 ? 2   DA  A "C5'"  1 
ATOM   37   C  "C4'"  . DA  A 1 2  ? -9.141  29.921  11.058  1.00 128.68 ? 2   DA  A "C4'"  1 
ATOM   38   O  "O4'"  . DA  A 1 2  ? -10.576 30.004  11.236  1.00 123.26 ? 2   DA  A "O4'"  1 
ATOM   39   C  "C3'"  . DA  A 1 2  ? -8.717  28.583  11.654  1.00 137.74 ? 2   DA  A "C3'"  1 
ATOM   40   O  "O3'"  . DA  A 1 2  ? -8.224  28.739  12.985  1.00 148.45 ? 2   DA  A "O3'"  1 
ATOM   41   C  "C2'"  . DA  A 1 2  ? -9.980  27.727  11.611  1.00 137.87 ? 2   DA  A "C2'"  1 
ATOM   42   C  "C1'"  . DA  A 1 2  ? -11.129 28.722  11.485  1.00 127.87 ? 2   DA  A "C1'"  1 
ATOM   43   N  N9     . DA  A 1 2  ? -12.043 28.388  10.398  1.00 118.34 ? 2   DA  A N9     1 
ATOM   44   C  C8     . DA  A 1 2  ? -11.829 28.576  9.062   1.00 119.89 ? 2   DA  A C8     1 
ATOM   45   N  N7     . DA  A 1 2  ? -12.818 28.170  8.304   1.00 110.06 ? 2   DA  A N7     1 
ATOM   46   C  C5     . DA  A 1 2  ? -13.742 27.670  9.204   1.00 103.70 ? 2   DA  A C5     1 
ATOM   47   C  C6     . DA  A 1 2  ? -15.010 27.090  9.029   1.00 110.82 ? 2   DA  A C6     1 
ATOM   48   N  N6     . DA  A 1 2  ? -15.576 26.911  7.831   1.00 108.23 ? 2   DA  A N6     1 
ATOM   49   N  N1     . DA  A 1 2  ? -15.674 26.695  10.134  1.00 114.14 ? 2   DA  A N1     1 
ATOM   50   C  C2     . DA  A 1 2  ? -15.100 26.875  11.330  1.00 119.77 ? 2   DA  A C2     1 
ATOM   51   N  N3     . DA  A 1 2  ? -13.914 27.411  11.620  1.00 119.95 ? 2   DA  A N3     1 
ATOM   52   C  C4     . DA  A 1 2  ? -13.279 27.791  10.500  1.00 111.90 ? 2   DA  A C4     1 
ATOM   53   H  "H5'"  . DA  A 1 2  ? -7.838  30.230  9.497   1.00 158.57 ? 2   DA  A "H5'"  1 
ATOM   54   H  "H5''" . DA  A 1 2  ? -9.049  29.297  9.100   1.00 158.57 ? 2   DA  A "H5''" 1 
ATOM   55   H  "H4'"  . DA  A 1 2  ? -8.721  30.634  11.564  1.00 154.51 ? 2   DA  A "H4'"  1 
ATOM   56   H  "H3'"  . DA  A 1 2  ? -8.034  28.181  11.097  1.00 165.38 ? 2   DA  A "H3'"  1 
ATOM   57   H  "H2'"  . DA  A 1 2  ? -9.960  27.135  10.843  1.00 165.55 ? 2   DA  A "H2'"  1 
ATOM   58   H  "H2''" . DA  A 1 2  ? -10.067 27.213  12.430  1.00 165.55 ? 2   DA  A "H2''" 1 
ATOM   59   H  "H1'"  . DA  A 1 2  ? -11.622 28.745  12.320  1.00 153.54 ? 2   DA  A "H1'"  1 
ATOM   60   H  H8     . DA  A 1 2  ? -11.055 28.965  8.722   1.00 143.96 ? 2   DA  A H8     1 
ATOM   61   H  H61    . DA  A 1 2  ? -16.354 26.549  7.772   1.00 129.98 ? 2   DA  A H61    1 
ATOM   62   H  H62    . DA  A 1 2  ? -15.161 27.156  7.118   1.00 129.98 ? 2   DA  A H62    1 
ATOM   63   H  H2     . DA  A 1 2  ? -15.599 26.588  12.060  1.00 143.82 ? 2   DA  A H2     1 
ATOM   64   P  P      . DG  A 1 3  ? -7.547  27.488  13.737  1.00 166.26 ? 3   DG  A P      1 
ATOM   65   O  OP1    . DG  A 1 3  ? -6.836  27.978  14.938  1.00 163.42 ? 3   DG  A OP1    1 
ATOM   66   O  OP2    . DG  A 1 3  ? -6.799  26.730  12.710  1.00 160.05 ? 3   DG  A OP2    1 
ATOM   67   O  "O5'"  . DG  A 1 3  ? -8.798  26.608  14.211  1.00 152.24 ? 3   DG  A "O5'"  1 
ATOM   68   C  "C5'"  . DG  A 1 3  ? -8.776  25.198  14.061  1.00 150.03 ? 3   DG  A "C5'"  1 
ATOM   69   C  "C4'"  . DG  A 1 3  ? -10.181 24.631  14.044  1.00 150.09 ? 3   DG  A "C4'"  1 
ATOM   70   O  "O4'"  . DG  A 1 3  ? -10.876 25.112  12.881  1.00 140.68 ? 3   DG  A "O4'"  1 
ATOM   71   C  "C3'"  . DG  A 1 3  ? -10.244 23.115  13.966  1.00 149.84 ? 3   DG  A "C3'"  1 
ATOM   72   O  "O3'"  . DG  A 1 3  ? -10.433 22.569  15.268  1.00 162.02 ? 3   DG  A "O3'"  1 
ATOM   73   C  "C2'"  . DG  A 1 3  ? -11.423 22.814  13.028  1.00 142.12 ? 3   DG  A "C2'"  1 
ATOM   74   C  "C1'"  . DG  A 1 3  ? -11.843 24.173  12.476  1.00 137.13 ? 3   DG  A "C1'"  1 
ATOM   75   N  N9     . DG  A 1 3  ? -11.933 24.236  11.021  1.00 125.21 ? 3   DG  A N9     1 
ATOM   76   C  C8     . DG  A 1 3  ? -10.985 24.736  10.163  1.00 116.06 ? 3   DG  A C8     1 
ATOM   77   N  N7     . DG  A 1 3  ? -11.342 24.696  8.912   1.00 106.90 ? 3   DG  A N7     1 
ATOM   78   C  C5     . DG  A 1 3  ? -12.613 24.136  8.939   1.00 118.70 ? 3   DG  A C5     1 
ATOM   79   C  C6     . DG  A 1 3  ? -13.498 23.844  7.877   1.00 121.83 ? 3   DG  A C6     1 
ATOM   80   O  O6     . DG  A 1 3  ? -13.326 24.029  6.662   1.00 127.08 ? 3   DG  A O6     1 
ATOM   81   N  N1     . DG  A 1 3  ? -14.690 23.282  8.339   1.00 112.78 ? 3   DG  A N1     1 
ATOM   82   C  C2     . DG  A 1 3  ? -14.982 23.036  9.660   1.00 112.66 ? 3   DG  A C2     1 
ATOM   83   N  N2     . DG  A 1 3  ? -16.181 22.488  9.911   1.00 112.50 ? 3   DG  A N2     1 
ATOM   84   N  N3     . DG  A 1 3  ? -14.158 23.306  10.666  1.00 115.33 ? 3   DG  A N3     1 
ATOM   85   C  C4     . DG  A 1 3  ? -12.995 23.853  10.231  1.00 121.63 ? 3   DG  A C4     1 
ATOM   86   H  "H5'"  . DG  A 1 3  ? -8.284  24.806  14.798  1.00 180.14 ? 3   DG  A "H5'"  1 
ATOM   87   H  "H5''" . DG  A 1 3  ? -8.333  24.974  13.227  1.00 180.14 ? 3   DG  A "H5''" 1 
ATOM   88   H  "H4'"  . DG  A 1 3  ? -10.652 24.927  14.839  1.00 180.21 ? 3   DG  A "H4'"  1 
ATOM   89   H  "H3'"  . DG  A 1 3  ? -9.421  22.771  13.582  1.00 179.91 ? 3   DG  A "H3'"  1 
ATOM   90   H  "H2'"  . DG  A 1 3  ? -11.141 22.230  12.307  1.00 170.65 ? 3   DG  A "H2'"  1 
ATOM   91   H  "H2''" . DG  A 1 3  ? -12.153 22.411  13.523  1.00 170.65 ? 3   DG  A "H2''" 1 
ATOM   92   H  "H1'"  . DG  A 1 3  ? -12.701 24.419  12.857  1.00 164.66 ? 3   DG  A "H1'"  1 
ATOM   93   H  H8     . DG  A 1 3  ? -10.166 25.072  10.448  1.00 139.37 ? 3   DG  A H8     1 
ATOM   94   H  H1     . DG  A 1 3  ? -15.285 23.074  7.753   1.00 135.44 ? 3   DG  A H1     1 
ATOM   95   H  H21    . DG  A 1 3  ? -16.413 22.309  10.719  1.00 135.10 ? 3   DG  A H21    1 
ATOM   96   H  H22    . DG  A 1 3  ? -16.719 22.314  9.261   1.00 135.10 ? 3   DG  A H22    1 
ATOM   97   P  P      . DC  A 1 4  ? -9.726  21.191  15.690  1.00 162.92 ? 4   DC  A P      1 
ATOM   98   O  OP1    . DC  A 1 4  ? -9.536  21.209  17.158  1.00 165.85 ? 4   DC  A OP1    1 
ATOM   99   O  OP2    . DC  A 1 4  ? -8.565  20.969  14.799  1.00 160.63 ? 4   DC  A OP2    1 
ATOM   100  O  "O5'"  . DC  A 1 4  ? -10.835 20.096  15.357  1.00 153.29 ? 4   DC  A "O5'"  1 
ATOM   101  C  "C5'"  . DC  A 1 4  ? -12.127 20.203  15.939  1.00 152.66 ? 4   DC  A "C5'"  1 
ATOM   102  C  "C4'"  . DC  A 1 4  ? -13.133 19.377  15.166  1.00 158.91 ? 4   DC  A "C4'"  1 
ATOM   103  O  "O4'"  . DC  A 1 4  ? -13.501 20.059  13.949  1.00 156.70 ? 4   DC  A "O4'"  1 
ATOM   104  C  "C3'"  . DC  A 1 4  ? -12.619 18.031  14.698  1.00 157.17 ? 4   DC  A "C3'"  1 
ATOM   105  O  "O3'"  . DC  A 1 4  ? -12.768 17.049  15.710  1.00 167.29 ? 4   DC  A "O3'"  1 
ATOM   106  C  "C2'"  . DC  A 1 4  ? -13.479 17.732  13.473  1.00 144.54 ? 4   DC  A "C2'"  1 
ATOM   107  C  "C1'"  . DC  A 1 4  ? -13.969 19.106  13.008  1.00 149.85 ? 4   DC  A "C1'"  1 
ATOM   108  N  N1     . DC  A 1 4  ? -13.494 19.511  11.637  1.00 135.00 ? 4   DC  A N1     1 
ATOM   109  C  C2     . DC  A 1 4  ? -14.351 19.376  10.535  1.00 129.24 ? 4   DC  A C2     1 
ATOM   110  O  O2     . DC  A 1 4  ? -15.480 18.898  10.701  1.00 130.25 ? 4   DC  A O2     1 
ATOM   111  N  N3     . DC  A 1 4  ? -13.912 19.769  9.310   1.00 120.45 ? 4   DC  A N3     1 
ATOM   112  C  C4     . DC  A 1 4  ? -12.687 20.280  9.170   1.00 115.29 ? 4   DC  A C4     1 
ATOM   113  N  N4     . DC  A 1 4  ? -12.299 20.655  7.946   1.00 108.29 ? 4   DC  A N4     1 
ATOM   114  C  C5     . DC  A 1 4  ? -11.807 20.432  10.280  1.00 113.25 ? 4   DC  A C5     1 
ATOM   115  C  C6     . DC  A 1 4  ? -12.246 20.039  11.480  1.00 125.07 ? 4   DC  A C6     1 
ATOM   116  H  "H5'"  . DC  A 1 4  ? -12.404 21.133  15.931  1.00 183.30 ? 4   DC  A "H5'"  1 
ATOM   117  H  "H5''" . DC  A 1 4  ? -12.092 19.888  16.855  1.00 183.30 ? 4   DC  A "H5''" 1 
ATOM   118  H  "H4'"  . DC  A 1 4  ? -13.925 19.245  15.711  1.00 190.79 ? 4   DC  A "H4'"  1 
ATOM   119  H  "H3'"  . DC  A 1 4  ? -11.686 18.103  14.440  1.00 188.71 ? 4   DC  A "H3'"  1 
ATOM   120  H  "H2'"  . DC  A 1 4  ? -12.946 17.311  12.780  1.00 173.54 ? 4   DC  A "H2'"  1 
ATOM   121  H  "H2''" . DC  A 1 4  ? -14.230 17.169  13.716  1.00 173.54 ? 4   DC  A "H2''" 1 
ATOM   122  H  "H1'"  . DC  A 1 4  ? -14.940 19.109  13.016  1.00 179.93 ? 4   DC  A "H1'"  1 
ATOM   123  H  H41    . DC  A 1 4  ? -11.514 20.986  7.827   1.00 130.05 ? 4   DC  A H41    1 
ATOM   124  H  H42    . DC  A 1 4  ? -12.833 20.565  7.278   1.00 130.05 ? 4   DC  A H42    1 
ATOM   125  H  H5     . DC  A 1 4  ? -10.956 20.791  10.173  1.00 136.00 ? 4   DC  A H5     1 
ATOM   126  H  H6     . DC  A 1 4  ? -11.694 20.132  12.223  1.00 150.19 ? 4   DC  A H6     1 
ATOM   127  P  P      . DA  A 1 5  ? -12.019 15.634  15.572  1.00 166.04 ? 5   DA  A P      1 
ATOM   128  O  OP1    . DA  A 1 5  ? -12.193 14.905  16.847  1.00 163.01 ? 5   DA  A OP1    1 
ATOM   129  O  OP2    . DA  A 1 5  ? -10.660 15.903  15.045  1.00 163.68 ? 5   DA  A OP2    1 
ATOM   130  O  "O5'"  . DA  A 1 5  ? -12.844 14.868  14.436  1.00 152.50 ? 5   DA  A "O5'"  1 
ATOM   131  C  "C5'"  . DA  A 1 5  ? -14.183 14.456  14.679  1.00 148.87 ? 5   DA  A "C5'"  1 
ATOM   132  C  "C4'"  . DA  A 1 5  ? -14.937 14.296  13.374  1.00 148.39 ? 5   DA  A "C4'"  1 
ATOM   133  O  "O4'"  . DA  A 1 5  ? -14.527 15.336  12.464  1.00 146.22 ? 5   DA  A "O4'"  1 
ATOM   134  C  "C3'"  . DA  A 1 5  ? -14.677 12.982  12.641  1.00 147.48 ? 5   DA  A "C3'"  1 
ATOM   135  O  "O3'"  . DA  A 1 5  ? -15.762 12.070  12.850  1.00 149.72 ? 5   DA  A "O3'"  1 
ATOM   136  C  "C2'"  . DA  A 1 5  ? -14.520 13.381  11.161  1.00 133.95 ? 5   DA  A "C2'"  1 
ATOM   137  C  "C1'"  . DA  A 1 5  ? -14.715 14.897  11.146  1.00 135.29 ? 5   DA  A "C1'"  1 
ATOM   138  N  N9     . DA  A 1 5  ? -13.781 15.619  10.273  1.00 124.00 ? 5   DA  A N9     1 
ATOM   139  C  C8     . DA  A 1 5  ? -12.548 16.117  10.604  1.00 132.44 ? 5   DA  A C8     1 
ATOM   140  N  N7     . DA  A 1 5  ? -11.939 16.730  9.615   1.00 133.22 ? 5   DA  A N7     1 
ATOM   141  C  C5     . DA  A 1 5  ? -12.832 16.628  8.561   1.00 129.65 ? 5   DA  A C5     1 
ATOM   142  C  C6     . DA  A 1 5  ? -12.784 17.078  7.224   1.00 124.44 ? 5   DA  A C6     1 
ATOM   143  N  N6     . DA  A 1 5  ? -11.746 17.746  6.705   1.00 119.79 ? 5   DA  A N6     1 
ATOM   144  N  N1     . DA  A 1 5  ? -13.845 16.806  6.436   1.00 122.60 ? 5   DA  A N1     1 
ATOM   145  C  C2     . DA  A 1 5  ? -14.880 16.136  6.955   1.00 124.28 ? 5   DA  A C2     1 
ATOM   146  N  N3     . DA  A 1 5  ? -15.039 15.664  8.190   1.00 122.40 ? 5   DA  A N3     1 
ATOM   147  C  C4     . DA  A 1 5  ? -13.972 15.949  8.951   1.00 125.44 ? 5   DA  A C4     1 
ATOM   148  H  "H5'"  . DA  A 1 5  ? -14.628 15.122  15.225  1.00 178.74 ? 5   DA  A "H5'"  1 
ATOM   149  H  "H5''" . DA  A 1 5  ? -14.176 13.609  15.151  1.00 178.74 ? 5   DA  A "H5''" 1 
ATOM   150  H  "H4'"  . DA  A 1 5  ? -15.888 14.381  13.544  1.00 178.16 ? 5   DA  A "H4'"  1 
ATOM   151  H  "H3'"  . DA  A 1 5  ? -13.851 12.587  12.962  1.00 177.08 ? 5   DA  A "H3'"  1 
ATOM   152  H  "H2'"  . DA  A 1 5  ? -13.634 13.152  10.840  1.00 160.84 ? 5   DA  A "H2'"  1 
ATOM   153  H  "H2''" . DA  A 1 5  ? -15.200 12.949  10.620  1.00 160.84 ? 5   DA  A "H2''" 1 
ATOM   154  H  "H1'"  . DA  A 1 5  ? -15.624 15.097  10.872  1.00 162.45 ? 5   DA  A "H1'"  1 
ATOM   155  H  H8     . DA  A 1 5  ? -12.179 16.034  11.454  1.00 159.04 ? 5   DA  A H8     1 
ATOM   156  H  H61    . DA  A 1 5  ? -11.764 17.994  5.881   1.00 143.85 ? 5   DA  A H61    1 
ATOM   157  H  H62    . DA  A 1 5  ? -11.063 17.928  7.195   1.00 143.85 ? 5   DA  A H62    1 
ATOM   158  H  H2     . DA  A 1 5  ? -15.585 15.972  6.370   1.00 149.23 ? 5   DA  A H2     1 
ATOM   159  P  P      . DG  A 1 6  ? -15.647 10.532  12.388  1.00 155.74 ? 6   DG  A P      1 
ATOM   160  O  OP1    . DG  A 1 6  ? -16.943 9.890   12.707  1.00 144.54 ? 6   DG  A OP1    1 
ATOM   161  O  OP2    . DG  A 1 6  ? -14.406 9.962   12.961  1.00 159.05 ? 6   DG  A OP2    1 
ATOM   162  O  "O5'"  . DG  A 1 6  ? -15.472 10.628  10.798  1.00 153.20 ? 6   DG  A "O5'"  1 
ATOM   163  C  "C5'"  . DG  A 1 6  ? -16.293 9.847   9.936   1.00 144.43 ? 6   DG  A "C5'"  1 
ATOM   164  C  "C4'"  . DG  A 1 6  ? -16.483 10.528  8.585   1.00 147.81 ? 6   DG  A "C4'"  1 
ATOM   165  O  "O4'"  . DG  A 1 6  ? -15.629 11.684  8.494   1.00 144.70 ? 6   DG  A "O4'"  1 
ATOM   166  C  "C3'"  . DG  A 1 6  ? -16.127 9.662   7.375   1.00 160.63 ? 6   DG  A "C3'"  1 
ATOM   167  O  "O3'"  . DG  A 1 6  ? -17.306 9.131   6.777   1.00 166.98 ? 6   DG  A "O3'"  1 
ATOM   168  C  "C2'"  . DG  A 1 6  ? -15.358 10.601  6.425   1.00 148.04 ? 6   DG  A "C2'"  1 
ATOM   169  C  "C1'"  . DG  A 1 6  ? -15.365 11.950  7.135   1.00 139.25 ? 6   DG  A "C1'"  1 
ATOM   170  N  N9     . DG  A 1 6  ? -14.106 12.691  7.058   1.00 134.36 ? 6   DG  A N9     1 
ATOM   171  C  C8     . DG  A 1 6  ? -13.234 12.909  8.094   1.00 137.77 ? 6   DG  A C8     1 
ATOM   172  N  N7     . DG  A 1 6  ? -12.197 13.622  7.767   1.00 136.50 ? 6   DG  A N7     1 
ATOM   173  C  C5     . DG  A 1 6  ? -12.386 13.905  6.421   1.00 128.78 ? 6   DG  A C5     1 
ATOM   174  C  C6     . DG  A 1 6  ? -11.575 14.647  5.531   1.00 123.31 ? 6   DG  A C6     1 
ATOM   175  O  O6     . DG  A 1 6  ? -10.500 15.213  5.771   1.00 122.15 ? 6   DG  A O6     1 
ATOM   176  N  N1     . DG  A 1 6  ? -12.123 14.702  4.252   1.00 118.66 ? 6   DG  A N1     1 
ATOM   177  C  C2     . DG  A 1 6  ? -13.310 14.109  3.879   1.00 121.30 ? 6   DG  A C2     1 
ATOM   178  N  N2     . DG  A 1 6  ? -13.677 14.268  2.596   1.00 119.43 ? 6   DG  A N2     1 
ATOM   179  N  N3     . DG  A 1 6  ? -14.085 13.404  4.708   1.00 122.49 ? 6   DG  A N3     1 
ATOM   180  C  C4     . DG  A 1 6  ? -13.560 13.344  5.962   1.00 130.13 ? 6   DG  A C4     1 
ATOM   181  H  "H5'"  . DG  A 1 6  ? -17.160 9.720   10.352  1.00 173.42 ? 6   DG  A "H5'"  1 
ATOM   182  H  "H5''" . DG  A 1 6  ? -15.877 8.982   9.799   1.00 173.42 ? 6   DG  A "H5''" 1 
ATOM   183  H  "H4'"  . DG  A 1 6  ? -17.407 10.813  8.505   1.00 177.48 ? 6   DG  A "H4'"  1 
ATOM   184  H  "H3'"  . DG  A 1 6  ? -15.548 8.936   7.654   1.00 192.86 ? 6   DG  A "H3'"  1 
ATOM   185  H  "H2'"  . DG  A 1 6  ? -14.449 10.288  6.301   1.00 177.75 ? 6   DG  A "H2'"  1 
ATOM   186  H  "H2''" . DG  A 1 6  ? -15.814 10.667  5.571   1.00 177.75 ? 6   DG  A "H2''" 1 
ATOM   187  H  "H1'"  . DG  A 1 6  ? -16.079 12.498  6.773   1.00 167.20 ? 6   DG  A "H1'"  1 
ATOM   188  H  H8     . DG  A 1 6  ? -13.373 12.577  8.953   1.00 165.43 ? 6   DG  A H8     1 
ATOM   189  H  H1     . DG  A 1 6  ? -11.688 15.136  3.650   1.00 142.50 ? 6   DG  A H1     1 
ATOM   190  H  H21    . DG  A 1 6  ? -14.407 13.914  2.311   1.00 143.42 ? 6   DG  A H21    1 
ATOM   191  H  H22    . DG  A 1 6  ? -13.182 14.724  2.060   1.00 143.42 ? 6   DG  A H22    1 
ATOM   192  P  P      . DA  A 1 7  ? -17.262 7.701   6.044   1.00 174.81 ? 7   DA  A P      1 
ATOM   193  O  OP1    . DA  A 1 7  ? -18.656 7.321   5.712   1.00 170.33 ? 7   DA  A OP1    1 
ATOM   194  O  OP2    . DA  A 1 7  ? -16.456 6.794   6.892   1.00 162.47 ? 7   DA  A OP2    1 
ATOM   195  O  "O5'"  . DA  A 1 7  ? -16.439 7.996   4.696   1.00 154.86 ? 7   DA  A "O5'"  1 
ATOM   196  C  "C5'"  . DA  A 1 7  ? -16.996 8.856   3.696   1.00 155.79 ? 7   DA  A "C5'"  1 
ATOM   197  C  "C4'"  . DA  A 1 7  ? -15.991 9.167   2.586   1.00 150.23 ? 7   DA  A "C4'"  1 
ATOM   198  O  "O4'"  . DA  A 1 7  ? -15.043 10.180  3.027   1.00 152.01 ? 7   DA  A "O4'"  1 
ATOM   199  C  "C3'"  . DA  A 1 7  ? -15.142 7.974   2.118   1.00 150.21 ? 7   DA  A "C3'"  1 
ATOM   200  O  "O3'"  . DA  A 1 7  ? -15.405 7.674   0.741   1.00 166.29 ? 7   DA  A "O3'"  1 
ATOM   201  C  "C2'"  . DA  A 1 7  ? -13.696 8.427   2.345   1.00 143.81 ? 7   DA  A "C2'"  1 
ATOM   202  C  "C1'"  . DA  A 1 7  ? -13.815 9.937   2.381   1.00 138.52 ? 7   DA  A "C1'"  1 
ATOM   203  N  N9     . DA  A 1 7  ? -12.732 10.590  3.117   1.00 135.68 ? 7   DA  A N9     1 
ATOM   204  C  C8     . DA  A 1 7  ? -12.452 10.435  4.444   1.00 136.88 ? 7   DA  A C8     1 
ATOM   205  N  N7     . DA  A 1 7  ? -11.415 11.124  4.851   1.00 138.88 ? 7   DA  A N7     1 
ATOM   206  C  C5     . DA  A 1 7  ? -10.973 11.776  3.712   1.00 139.92 ? 7   DA  A C5     1 
ATOM   207  C  C6     . DA  A 1 7  ? -9.903  12.664  3.490   1.00 135.46 ? 7   DA  A C6     1 
ATOM   208  N  N6     . DA  A 1 7  ? -9.074  13.051  4.456   1.00 130.97 ? 7   DA  A N6     1 
ATOM   209  N  N1     . DA  A 1 7  ? -9.728  13.148  2.241   1.00 126.84 ? 7   DA  A N1     1 
ATOM   210  C  C2     . DA  A 1 7  ? -10.571 12.754  1.275   1.00 129.07 ? 7   DA  A C2     1 
ATOM   211  N  N3     . DA  A 1 7  ? -11.620 11.920  1.363   1.00 135.03 ? 7   DA  A N3     1 
ATOM   212  C  C4     . DA  A 1 7  ? -11.767 11.461  2.626   1.00 136.28 ? 7   DA  A C4     1 
ATOM   213  H  "H5'"  . DA  A 1 7  ? -17.272 9.686   4.112   1.00 187.05 ? 7   DA  A "H5'"  1 
ATOM   214  H  "H5''" . DA  A 1 7  ? -17.772 8.425   3.306   1.00 187.05 ? 7   DA  A "H5''" 1 
ATOM   215  H  "H4'"  . DA  A 1 7  ? -16.478 9.514   1.822   1.00 180.38 ? 7   DA  A "H4'"  1 
ATOM   216  H  "H3'"  . DA  A 1 7  ? -15.334 7.198   2.668   1.00 180.36 ? 7   DA  A "H3'"  1 
ATOM   217  H  "H2'"  . DA  A 1 7  ? -13.359 8.089   3.190   1.00 172.67 ? 7   DA  A "H2'"  1 
ATOM   218  H  "H2''" . DA  A 1 7  ? -13.130 8.145   1.610   1.00 172.67 ? 7   DA  A "H2''" 1 
ATOM   219  H  "H1'"  . DA  A 1 7  ? -13.849 10.284  1.477   1.00 166.32 ? 7   DA  A "H1'"  1 
ATOM   220  H  H8     . DA  A 1 7  ? -12.955 9.894   5.008   1.00 164.36 ? 7   DA  A H8     1 
ATOM   221  H  H61    . DA  A 1 7  ? -8.437  13.601  4.280   1.00 157.27 ? 7   DA  A H61    1 
ATOM   222  H  H62    . DA  A 1 7  ? -9.175  12.752  5.256   1.00 157.27 ? 7   DA  A H62    1 
ATOM   223  H  H2     . DA  A 1 7  ? -10.410 13.111  0.430   1.00 154.99 ? 7   DA  A H2     1 
ATOM   224  P  P      . DC  A 1 8  ? -14.597 6.501   -0.011  1.00 168.85 ? 8   DC  A P      1 
ATOM   225  O  OP1    . DC  A 1 8  ? -15.411 6.032   -1.154  1.00 168.62 ? 8   DC  A OP1    1 
ATOM   226  O  OP2    . DC  A 1 8  ? -14.148 5.536   1.015   1.00 156.72 ? 8   DC  A OP2    1 
ATOM   227  O  "O5'"  . DC  A 1 8  ? -13.298 7.232   -0.587  1.00 143.84 ? 8   DC  A "O5'"  1 
ATOM   228  C  "C5'"  . DC  A 1 8  ? -13.437 8.320   -1.488  1.00 143.87 ? 8   DC  A "C5'"  1 
ATOM   229  C  "C4'"  . DC  A 1 8  ? -12.082 8.881   -1.863  1.00 145.72 ? 8   DC  A "C4'"  1 
ATOM   230  O  "O4'"  . DC  A 1 8  ? -11.462 9.479   -0.691  1.00 150.11 ? 8   DC  A "O4'"  1 
ATOM   231  C  "C3'"  . DC  A 1 8  ? -11.086 7.843   -2.394  1.00 140.99 ? 8   DC  A "C3'"  1 
ATOM   232  O  "O3'"  . DC  A 1 8  ? -10.600 8.237   -3.678  1.00 150.51 ? 8   DC  A "O3'"  1 
ATOM   233  C  "C2'"  . DC  A 1 8  ? -9.987  7.803   -1.322  1.00 137.70 ? 8   DC  A "C2'"  1 
ATOM   234  C  "C1'"  . DC  A 1 8  ? -10.089 9.175   -0.692  1.00 134.62 ? 8   DC  A "C1'"  1 
ATOM   235  N  N1     . DC  A 1 8  ? -9.571  9.231   0.703   1.00 134.94 ? 8   DC  A N1     1 
ATOM   236  C  C2     . DC  A 1 8  ? -8.349  9.866   0.971   1.00 130.21 ? 8   DC  A C2     1 
ATOM   237  O  O2     . DC  A 1 8  ? -7.719  10.380  0.038   1.00 126.48 ? 8   DC  A O2     1 
ATOM   238  N  N3     . DC  A 1 8  ? -7.893  9.899   2.249   1.00 126.98 ? 8   DC  A N3     1 
ATOM   239  C  C4     . DC  A 1 8  ? -8.605  9.329   3.225   1.00 132.96 ? 8   DC  A C4     1 
ATOM   240  N  N4     . DC  A 1 8  ? -8.121  9.381   4.471   1.00 130.88 ? 8   DC  A N4     1 
ATOM   241  C  C5     . DC  A 1 8  ? -9.848  8.676   2.967   1.00 138.63 ? 8   DC  A C5     1 
ATOM   242  C  C6     . DC  A 1 8  ? -10.286 8.650   1.706   1.00 137.20 ? 8   DC  A C6     1 
ATOM   243  H  "H5'"  . DC  A 1 8  ? -13.966 9.016   -1.069  1.00 172.75 ? 8   DC  A "H5'"  1 
ATOM   244  H  "H5''" . DC  A 1 8  ? -13.889 8.013   -2.291  1.00 172.75 ? 8   DC  A "H5''" 1 
ATOM   245  H  "H4'"  . DC  A 1 8  ? -12.204 9.569   -2.536  1.00 174.96 ? 8   DC  A "H4'"  1 
ATOM   246  H  "H3'"  . DC  A 1 8  ? -11.516 6.977   -2.456  1.00 169.29 ? 8   DC  A "H3'"  1 
ATOM   247  H  "H2'"  . DC  A 1 8  ? -10.171 7.109   -0.669  1.00 165.34 ? 8   DC  A "H2'"  1 
ATOM   248  H  "H2''" . DC  A 1 8  ? -9.116  7.674   -1.728  1.00 165.34 ? 8   DC  A "H2''" 1 
ATOM   249  H  "H1'"  . DC  A 1 8  ? -9.615  9.819   -1.241  1.00 161.65 ? 8   DC  A "H1'"  1 
ATOM   250  H  H41    . DC  A 1 8  ? -8.561  9.024   5.118   1.00 157.16 ? 8   DC  A H41    1 
ATOM   251  H  H42    . DC  A 1 8  ? -7.370  9.771   4.624   1.00 157.16 ? 8   DC  A H42    1 
ATOM   252  H  H5     . DC  A 1 8  ? -10.336 8.284   3.655   1.00 166.46 ? 8   DC  A H5     1 
ATOM   253  H  H6     . DC  A 1 8  ? -11.095 8.233   1.511   1.00 164.74 ? 8   DC  A H6     1 
ATOM   254  P  P      . DG  A 1 9  ? -9.296  7.545   -4.307  1.00 153.72 ? 9   DG  A P      1 
ATOM   255  O  OP1    . DG  A 1 9  ? -9.304  7.794   -5.768  1.00 139.97 ? 9   DG  A OP1    1 
ATOM   256  O  OP2    . DG  A 1 9  ? -9.222  6.167   -3.775  1.00 133.40 ? 9   DG  A OP2    1 
ATOM   257  O  "O5'"  . DG  A 1 9  ? -8.100  8.368   -3.651  1.00 133.61 ? 9   DG  A "O5'"  1 
ATOM   258  C  "C5'"  . DG  A 1 9  ? -6.787  7.858   -3.678  1.00 122.15 ? 9   DG  A "C5'"  1 
ATOM   259  C  "C4'"  . DG  A 1 9  ? -5.799  8.976   -3.920  1.00 132.90 ? 9   DG  A "C4'"  1 
ATOM   260  O  "O4'"  . DG  A 1 9  ? -5.667  9.758   -2.710  1.00 141.98 ? 9   DG  A "O4'"  1 
ATOM   261  C  "C3'"  . DG  A 1 9  ? -4.400  8.520   -4.311  1.00 145.66 ? 9   DG  A "C3'"  1 
ATOM   262  O  "O3'"  . DG  A 1 9  ? -3.909  9.300   -5.404  1.00 160.71 ? 9   DG  A "O3'"  1 
ATOM   263  C  "C2'"  . DG  A 1 9  ? -3.561  8.693   -3.044  1.00 136.23 ? 9   DG  A "C2'"  1 
ATOM   264  C  "C1'"  . DG  A 1 9  ? -4.388  9.606   -2.136  1.00 133.52 ? 9   DG  A "C1'"  1 
ATOM   265  N  N9     . DG  A 1 9  ? -4.558  9.092   -0.778  1.00 126.53 ? 9   DG  A N9     1 
ATOM   266  C  C8     . DG  A 1 9  ? -5.570  8.281   -0.317  1.00 117.53 ? 9   DG  A C8     1 
ATOM   267  N  N7     . DG  A 1 9  ? -5.465  7.990   0.949   1.00 113.33 ? 9   DG  A N7     1 
ATOM   268  C  C5     . DG  A 1 9  ? -4.313  8.653   1.356   1.00 117.62 ? 9   DG  A C5     1 
ATOM   269  C  C6     . DG  A 1 9  ? -3.696  8.708   2.626   1.00 111.08 ? 9   DG  A C6     1 
ATOM   270  O  O6     . DG  A 1 9  ? -4.060  8.164   3.676   1.00 115.65 ? 9   DG  A O6     1 
ATOM   271  N  N1     . DG  A 1 9  ? -2.545  9.492   2.609   1.00 92.39  ? 9   DG  A N1     1 
ATOM   272  C  C2     . DG  A 1 9  ? -2.051  10.139  1.503   1.00 105.47 ? 9   DG  A C2     1 
ATOM   273  N  N2     . DG  A 1 9  ? -0.928  10.852  1.676   1.00 110.51 ? 9   DG  A N2     1 
ATOM   274  N  N3     . DG  A 1 9  ? -2.622  10.097  0.304   1.00 114.54 ? 9   DG  A N3     1 
ATOM   275  C  C4     . DG  A 1 9  ? -3.748  9.342   0.308   1.00 119.97 ? 9   DG  A C4     1 
ATOM   276  H  "H5'"  . DG  A 1 9  ? -6.713  7.203   -4.390  1.00 146.68 ? 9   DG  A "H5'"  1 
ATOM   277  H  "H5''" . DG  A 1 9  ? -6.590  7.433   -2.829  1.00 146.68 ? 9   DG  A "H5''" 1 
ATOM   278  H  "H4'"  . DG  A 1 9  ? -6.145  9.549   -4.622  1.00 159.58 ? 9   DG  A "H4'"  1 
ATOM   279  H  "H3'"  . DG  A 1 9  ? -4.421  7.584   -4.563  1.00 174.90 ? 9   DG  A "H3'"  1 
ATOM   280  H  "H2'"  . DG  A 1 9  ? -3.417  7.834   -2.617  1.00 163.58 ? 9   DG  A "H2'"  1 
ATOM   281  H  "H2''" . DG  A 1 9  ? -2.712  9.110   -3.257  1.00 163.58 ? 9   DG  A "H2''" 1 
ATOM   282  H  "H1'"  . DG  A 1 9  ? -3.960  10.475  -2.091  1.00 160.32 ? 9   DG  A "H1'"  1 
ATOM   283  H  H8     . DG  A 1 9  ? -6.261  7.970   -0.856  1.00 141.14 ? 9   DG  A H8     1 
ATOM   284  H  H1     . DG  A 1 9  ? -2.109  9.575   3.346   1.00 110.97 ? 9   DG  A H1     1 
ATOM   285  H  H21    . DG  A 1 9  ? -0.582  11.277  1.013   1.00 132.71 ? 9   DG  A H21    1 
ATOM   286  H  H22    . DG  A 1 9  ? -0.554  10.883  2.450   1.00 132.71 ? 9   DG  A H22    1 
ATOM   287  P  P      . DT  A 1 10 ? -2.993  8.626   -6.543  1.00 179.29 ? 10  DT  A P      1 
ATOM   288  O  OP1    . DT  A 1 10 ? -3.196  9.363   -7.811  1.00 185.86 ? 10  DT  A OP1    1 
ATOM   289  O  OP2    . DT  A 1 10 ? -3.192  7.161   -6.501  1.00 158.25 ? 10  DT  A OP2    1 
ATOM   290  O  "O5'"  . DT  A 1 10 ? -1.512  8.912   -6.041  1.00 164.17 ? 10  DT  A "O5'"  1 
ATOM   291  C  "C5'"  . DT  A 1 10 ? -1.147  10.220  -5.654  1.00 158.06 ? 10  DT  A "C5'"  1 
ATOM   292  C  "C4'"  . DT  A 1 10 ? 0.178   10.215  -4.922  1.00 152.19 ? 10  DT  A "C4'"  1 
ATOM   293  O  "O4'"  . DT  A 1 10 ? -0.048  10.018  -3.507  1.00 142.14 ? 10  DT  A "O4'"  1 
ATOM   294  C  "C3'"  . DT  A 1 10 ? 1.141   9.100   -5.347  1.00 149.53 ? 10  DT  A "C3'"  1 
ATOM   295  O  "O3'"  . DT  A 1 10 ? 2.224   9.628   -6.095  1.00 156.03 ? 10  DT  A "O3'"  1 
ATOM   296  C  "C2'"  . DT  A 1 10 ? 1.600   8.459   -4.030  1.00 137.47 ? 10  DT  A "C2'"  1 
ATOM   297  C  "C1'"  . DT  A 1 10 ? 1.094   9.412   -2.961  1.00 135.49 ? 10  DT  A "C1'"  1 
ATOM   298  N  N1     . DT  A 1 10 ? 0.731   8.739   -1.676  1.00 110.51 ? 10  DT  A N1     1 
ATOM   299  C  C2     . DT  A 1 10 ? 1.582   8.848   -0.601  1.00 108.24 ? 10  DT  A C2     1 
ATOM   300  O  O2     . DT  A 1 10 ? 2.626   9.476   -0.635  1.00 116.69 ? 10  DT  A O2     1 
ATOM   301  N  N3     . DT  A 1 10 ? 1.166   8.194   0.528   1.00 95.60  ? 10  DT  A N3     1 
ATOM   302  C  C4     . DT  A 1 10 ? 0.012   7.455   0.689   1.00 100.54 ? 10  DT  A C4     1 
ATOM   303  O  O4     . DT  A 1 10 ? -0.275  6.902   1.746   1.00 97.75  ? 10  DT  A O4     1 
ATOM   304  C  C5     . DT  A 1 10 ? -0.837  7.377   -0.473  1.00 105.44 ? 10  DT  A C5     1 
ATOM   305  C  C7     . DT  A 1 10 ? -2.110  6.591   -0.408  1.00 101.93 ? 10  DT  A C7     1 
ATOM   306  C  C6     . DT  A 1 10 ? -0.443  8.013   -1.592  1.00 103.06 ? 10  DT  A C6     1 
ATOM   307  H  "H5'"  . DT  A 1 10 ? -1.832  10.582  -5.071  1.00 189.77 ? 10  DT  A "H5'"  1 
ATOM   308  H  "H5''" . DT  A 1 10 ? -1.073  10.777  -6.444  1.00 189.77 ? 10  DT  A "H5''" 1 
ATOM   309  H  "H4'"  . DT  A 1 10 ? 0.613   11.072  -5.054  1.00 182.73 ? 10  DT  A "H4'"  1 
ATOM   310  H  "H3'"  . DT  A 1 10 ? 0.665   8.444   -5.880  1.00 179.54 ? 10  DT  A "H3'"  1 
ATOM   311  H  "H2'"  . DT  A 1 10 ? 1.199   7.582   -3.921  1.00 165.06 ? 10  DT  A "H2'"  1 
ATOM   312  H  "H2''" . DT  A 1 10 ? 2.568   8.398   -4.001  1.00 165.06 ? 10  DT  A "H2''" 1 
ATOM   313  H  "H1'"  . DT  A 1 10 ? 1.766   10.090  -2.791  1.00 162.69 ? 10  DT  A "H1'"  1 
ATOM   314  H  H3     . DT  A 1 10 ? 1.682   8.250   1.214   1.00 114.83 ? 10  DT  A H3     1 
ATOM   315  H  H71    . DT  A 1 10 ? -2.862  7.177   -0.590  1.00 122.42 ? 10  DT  A H71    1 
ATOM   316  H  H72    . DT  A 1 10 ? -2.086  5.882   -1.070  1.00 122.42 ? 10  DT  A H72    1 
ATOM   317  H  H73    . DT  A 1 10 ? -2.208  6.204   0.476   1.00 122.42 ? 10  DT  A H73    1 
ATOM   318  H  H6     . DT  A 1 10 ? -0.986  7.963   -2.345  1.00 123.77 ? 10  DT  A H6     1 
ATOM   319  P  P      . DG  A 1 11 ? 3.217   8.638   -6.879  1.00 171.82 ? 11  DG  A P      1 
ATOM   320  O  OP1    . DG  A 1 11 ? 3.893   9.425   -7.938  1.00 158.43 ? 11  DG  A OP1    1 
ATOM   321  O  OP2    . DG  A 1 11 ? 2.449   7.418   -7.224  1.00 151.84 ? 11  DG  A OP2    1 
ATOM   322  O  "O5'"  . DG  A 1 11 ? 4.297   8.241   -5.772  1.00 160.06 ? 11  DG  A "O5'"  1 
ATOM   323  C  "C5'"  . DG  A 1 11 ? 4.910   9.254   -4.983  1.00 150.59 ? 11  DG  A "C5'"  1 
ATOM   324  C  "C4'"  . DG  A 1 11 ? 5.844   8.645   -3.956  1.00 144.61 ? 11  DG  A "C4'"  1 
ATOM   325  O  "O4'"  . DG  A 1 11 ? 5.072   8.190   -2.808  1.00 131.05 ? 11  DG  A "O4'"  1 
ATOM   326  C  "C3'"  . DG  A 1 11 ? 6.630   7.441   -4.458  1.00 137.23 ? 11  DG  A "C3'"  1 
ATOM   327  O  "O3'"  . DG  A 1 11 ? 7.987   7.546   -4.089  1.00 120.99 ? 11  DG  A "O3'"  1 
ATOM   328  C  "C2'"  . DG  A 1 11 ? 5.936   6.246   -3.808  1.00 127.27 ? 11  DG  A "C2'"  1 
ATOM   329  C  "C1'"  . DG  A 1 11 ? 5.344   6.829   -2.535  1.00 119.70 ? 11  DG  A "C1'"  1 
ATOM   330  N  N9     . DG  A 1 11 ? 4.099   6.177   -2.117  1.00 108.62 ? 11  DG  A N9     1 
ATOM   331  C  C8     . DG  A 1 11 ? 3.001   5.934   -2.904  1.00 110.28 ? 11  DG  A C8     1 
ATOM   332  N  N7     . DG  A 1 11 ? 2.028   5.339   -2.276  1.00 107.72 ? 11  DG  A N7     1 
ATOM   333  C  C5     . DG  A 1 11 ? 2.508   5.168   -0.985  1.00 103.27 ? 11  DG  A C5     1 
ATOM   334  C  C6     . DG  A 1 11 ? 1.889   4.577   0.142   1.00 94.66  ? 11  DG  A C6     1 
ATOM   335  O  O6     . DG  A 1 11 ? 0.763   4.072   0.222   1.00 97.62  ? 11  DG  A O6     1 
ATOM   336  N  N1     . DG  A 1 11 ? 2.715   4.604   1.257   1.00 80.19  ? 11  DG  A N1     1 
ATOM   337  C  C2     . DG  A 1 11 ? 3.982   5.131   1.284   1.00 94.70  ? 11  DG  A C2     1 
ATOM   338  N  N2     . DG  A 1 11 ? 4.622   5.062   2.461   1.00 90.70  ? 11  DG  A N2     1 
ATOM   339  N  N3     . DG  A 1 11 ? 4.580   5.693   0.234   1.00 103.49 ? 11  DG  A N3     1 
ATOM   340  C  C4     . DG  A 1 11 ? 3.784   5.676   -0.866  1.00 105.48 ? 11  DG  A C4     1 
ATOM   341  H  "H5'"  . DG  A 1 11 ? 4.223   9.764   -4.527  1.00 180.81 ? 11  DG  A "H5'"  1 
ATOM   342  H  "H5''" . DG  A 1 11 ? 5.415   9.847   -5.561  1.00 180.81 ? 11  DG  A "H5''" 1 
ATOM   343  H  "H4'"  . DG  A 1 11 ? 6.469   9.326   -3.661  1.00 173.63 ? 11  DG  A "H4'"  1 
ATOM   344  H  "H3'"  . DG  A 1 11 ? 6.555   7.379   -5.423  1.00 164.78 ? 11  DG  A "H3'"  1 
ATOM   345  H  "H2'"  . DG  A 1 11 ? 5.235   5.903   -4.385  1.00 152.82 ? 11  DG  A "H2'"  1 
ATOM   346  H  "H2''" . DG  A 1 11 ? 6.579   5.550   -3.599  1.00 152.82 ? 11  DG  A "H2''" 1 
ATOM   347  H  "H1'"  . DG  A 1 11 ? 5.996   6.768   -1.819  1.00 143.74 ? 11  DG  A "H1'"  1 
ATOM   348  H  H8     . DG  A 1 11 ? 2.953   6.180   -3.800  1.00 132.44 ? 11  DG  A H8     1 
ATOM   349  H  H1     . DG  A 1 11 ? 2.412   4.260   1.984   1.00 96.33  ? 11  DG  A H1     1 
ATOM   350  H  H21    . DG  A 1 11 ? 5.415   5.382   2.538   1.00 108.94 ? 11  DG  A H21    1 
ATOM   351  H  H22    . DG  A 1 11 ? 4.238   4.696   3.139   1.00 108.94 ? 11  DG  A H22    1 
ATOM   352  P  P      . DA  A 1 12 ? 8.991   6.337   -4.398  1.00 141.55 ? 12  DA  A P      1 
ATOM   353  O  OP1    . DA  A 1 12 ? 10.329  6.900   -4.677  1.00 169.57 ? 12  DA  A OP1    1 
ATOM   354  O  OP2    . DA  A 1 12 ? 8.326   5.468   -5.395  1.00 136.10 ? 12  DA  A OP2    1 
ATOM   355  O  "O5'"  . DA  A 1 12 ? 9.034   5.540   -3.018  1.00 121.88 ? 12  DA  A "O5'"  1 
ATOM   356  C  "C5'"  . DA  A 1 12 ? 10.110  4.675   -2.735  1.00 131.16 ? 12  DA  A "C5'"  1 
ATOM   357  C  "C4'"  . DA  A 1 12 ? 10.465  4.738   -1.264  1.00 124.27 ? 12  DA  A "C4'"  1 
ATOM   358  O  "O4'"  . DA  A 1 12 ? 9.260   4.939   -0.486  1.00 114.28 ? 12  DA  A "O4'"  1 
ATOM   359  C  "C3'"  . DA  A 1 12 ? 11.094  3.480   -0.698  1.00 116.63 ? 12  DA  A "C3'"  1 
ATOM   360  O  "O3'"  . DA  A 1 12 ? 11.953  3.800   0.394   1.00 118.11 ? 12  DA  A "O3'"  1 
ATOM   361  C  "C2'"  . DA  A 1 12 ? 9.885   2.652   -0.271  1.00 113.96 ? 12  DA  A "C2'"  1 
ATOM   362  C  "C1'"  . DA  A 1 12 ? 8.820   3.705   0.063   1.00 117.74 ? 12  DA  A "C1'"  1 
ATOM   363  N  N9     . DA  A 1 12 ? 7.491   3.408   -0.480  1.00 107.02 ? 12  DA  A N9     1 
ATOM   364  C  C8     . DA  A 1 12 ? 7.037   3.694   -1.738  1.00 113.12 ? 12  DA  A C8     1 
ATOM   365  N  N7     . DA  A 1 12 ? 5.797   3.325   -1.952  1.00 106.34 ? 12  DA  A N7     1 
ATOM   366  C  C5     . DA  A 1 12 ? 5.404   2.756   -0.754  1.00 96.83  ? 12  DA  A C5     1 
ATOM   367  C  C6     . DA  A 1 12 ? 4.191   2.171   -0.336  1.00 101.33 ? 12  DA  A C6     1 
ATOM   368  N  N6     . DA  A 1 12 ? 3.117   2.061   -1.127  1.00 102.97 ? 12  DA  A N6     1 
ATOM   369  N  N1     . DA  A 1 12 ? 4.127   1.700   0.927   1.00 97.76  ? 12  DA  A N1     1 
ATOM   370  C  C2     . DA  A 1 12 ? 5.207   1.812   1.712   1.00 98.51  ? 12  DA  A C2     1 
ATOM   371  N  N3     . DA  A 1 12 ? 6.400   2.341   1.432   1.00 83.45  ? 12  DA  A N3     1 
ATOM   372  C  C4     . DA  A 1 12 ? 6.433   2.800   0.169   1.00 90.27  ? 12  DA  A C4     1 
ATOM   373  H  "H5'"  . DA  A 1 12 ? 10.881  4.938   -3.262  1.00 157.49 ? 12  DA  A "H5'"  1 
ATOM   374  H  "H5''" . DA  A 1 12 ? 9.860   3.766   -2.965  1.00 157.49 ? 12  DA  A "H5''" 1 
ATOM   375  H  "H4'"  . DA  A 1 12 ? 11.065  5.485   -1.116  1.00 149.23 ? 12  DA  A "H4'"  1 
ATOM   376  H  "H3'"  . DA  A 1 12 ? 11.590  3.016   -1.389  1.00 140.06 ? 12  DA  A "H3'"  1 
ATOM   377  H  "H2'"  . DA  A 1 12 ? 9.586   2.085   -0.998  1.00 136.85 ? 12  DA  A "H2'"  1 
ATOM   378  H  "H2''" . DA  A 1 12 ? 10.095  2.120   0.513   1.00 136.85 ? 12  DA  A "H2''" 1 
ATOM   379  H  "H1'"  . DA  A 1 12 ? 8.754   3.794   1.027   1.00 141.39 ? 12  DA  A "H1'"  1 
ATOM   380  H  H8     . DA  A 1 12 ? 7.561   4.112   -2.383  1.00 135.85 ? 12  DA  A H8     1 
ATOM   381  H  H61    . DA  A 1 12 ? 2.398   1.694   -0.828  1.00 123.67 ? 12  DA  A H61    1 
ATOM   382  H  H62    . DA  A 1 12 ? 3.144   2.357   -1.934  1.00 123.67 ? 12  DA  A H62    1 
ATOM   383  H  H2     . DA  A 1 12 ? 5.112   1.472   2.573   1.00 118.31 ? 12  DA  A H2     1 
ATOM   384  P  P      . DC  A 1 13 ? 13.057  2.750   0.894   1.00 115.88 ? 13  DC  A P      1 
ATOM   385  O  OP1    . DC  A 1 13 ? 13.939  3.448   1.857   1.00 114.54 ? 13  DC  A OP1    1 
ATOM   386  O  OP2    . DC  A 1 13 ? 13.640  2.105   -0.303  1.00 132.49 ? 13  DC  A OP2    1 
ATOM   387  O  "O5'"  . DC  A 1 13 ? 12.204  1.652   1.678   1.00 120.26 ? 13  DC  A "O5'"  1 
ATOM   388  C  "C5'"  . DC  A 1 13 ? 12.844  0.516   2.230   1.00 143.00 ? 13  DC  A "C5'"  1 
ATOM   389  C  "C4'"  . DC  A 1 13 ? 12.047  -0.032  3.399   1.00 140.44 ? 13  DC  A "C4'"  1 
ATOM   390  O  "O4'"  . DC  A 1 13 ? 10.637  0.264   3.198   1.00 116.52 ? 13  DC  A "O4'"  1 
ATOM   391  C  "C3'"  . DC  A 1 13 ? 12.171  -1.539  3.587   1.00 134.65 ? 13  DC  A "C3'"  1 
ATOM   392  O  "O3'"  . DC  A 1 13 ? 12.605  -1.848  4.911   1.00 136.98 ? 13  DC  A "O3'"  1 
ATOM   393  C  "C2'"  . DC  A 1 13 ? 10.780  -2.090  3.282   1.00 122.37 ? 13  DC  A "C2'"  1 
ATOM   394  C  "C1'"  . DC  A 1 13 ? 9.845   -0.891  3.379   1.00 114.16 ? 13  DC  A "C1'"  1 
ATOM   395  N  N1     . DC  A 1 13 ? 8.766   -0.891  2.324   1.00 100.68 ? 13  DC  A N1     1 
ATOM   396  C  C2     . DC  A 1 13 ? 7.521   -1.522  2.554   1.00 99.50  ? 13  DC  A C2     1 
ATOM   397  O  O2     . DC  A 1 13 ? 7.302   -2.077  3.642   1.00 100.23 ? 13  DC  A O2     1 
ATOM   398  N  N3     . DC  A 1 13 ? 6.586   -1.501  1.567   1.00 85.93  ? 13  DC  A N3     1 
ATOM   399  C  C4     . DC  A 1 13 ? 6.852   -0.890  0.407   1.00 86.68  ? 13  DC  A C4     1 
ATOM   400  N  N4     . DC  A 1 13 ? 5.908   -0.895  -0.539  1.00 76.01  ? 13  DC  A N4     1 
ATOM   401  C  C5     . DC  A 1 13 ? 8.103   -0.251  0.161   1.00 92.43  ? 13  DC  A C5     1 
ATOM   402  C  C6     . DC  A 1 13 ? 9.018   -0.279  1.131   1.00 97.83  ? 13  DC  A C6     1 
ATOM   403  H  "H5'"  . DC  A 1 13 ? 13.730  0.766   2.536   1.00 171.71 ? 13  DC  A "H5'"  1 
ATOM   404  H  "H5''" . DC  A 1 13 ? 12.924  -0.169  1.548   1.00 171.71 ? 13  DC  A "H5''" 1 
ATOM   405  H  "H4'"  . DC  A 1 13 ? 12.345  0.409   4.210   1.00 168.63 ? 13  DC  A "H4'"  1 
ATOM   406  H  "H3'"  . DC  A 1 13 ? 12.808  -1.893  2.947   1.00 161.68 ? 13  DC  A "H3'"  1 
ATOM   407  H  "H2'"  . DC  A 1 13 ? 10.756  -2.464  2.387   1.00 146.94 ? 13  DC  A "H2'"  1 
ATOM   408  H  "H2''" . DC  A 1 13 ? 10.534  -2.762  3.936   1.00 146.94 ? 13  DC  A "H2''" 1 
ATOM   409  H  "H1'"  . DC  A 1 13 ? 9.437   -0.869  4.258   1.00 137.09 ? 13  DC  A "H1'"  1 
ATOM   410  H  H41    . DC  A 1 13 ? 6.054   -0.508  -1.293  1.00 91.31  ? 13  DC  A H41    1 
ATOM   411  H  H42    . DC  A 1 13 ? 5.156   -1.284  -0.393  1.00 91.31  ? 13  DC  A H42    1 
ATOM   412  H  H5     . DC  A 1 13 ? 8.276   0.167   -0.651  1.00 111.02 ? 13  DC  A H5     1 
ATOM   413  H  H6     . DC  A 1 13 ? 9.840   0.132   0.994   1.00 117.49 ? 13  DC  A H6     1 
ATOM   414  P  P      . DG  A 1 14 ? 13.511  -3.148  5.182   1.00 151.88 ? 14  DG  A P      1 
ATOM   415  O  OP1    . DG  A 1 14 ? 14.277  -2.917  6.428   1.00 152.33 ? 14  DG  A OP1    1 
ATOM   416  O  OP2    . DG  A 1 14 ? 14.236  -3.481  3.938   1.00 160.63 ? 14  DG  A OP2    1 
ATOM   417  O  "O5'"  . DG  A 1 14 ? 12.440  -4.305  5.442   1.00 144.55 ? 14  DG  A "O5'"  1 
ATOM   418  C  "C5'"  . DG  A 1 14 ? 11.671  -4.292  6.630   1.00 142.96 ? 14  DG  A "C5'"  1 
ATOM   419  C  "C4'"  . DG  A 1 14 ? 10.386  -5.086  6.465   1.00 139.55 ? 14  DG  A "C4'"  1 
ATOM   420  O  "O4'"  . DG  A 1 14 ? 9.636   -4.579  5.340   1.00 125.35 ? 14  DG  A "O4'"  1 
ATOM   421  C  "C3'"  . DG  A 1 14 ? 10.584  -6.576  6.190   1.00 140.81 ? 14  DG  A "C3'"  1 
ATOM   422  O  "O3'"  . DG  A 1 14 ? 10.295  -7.330  7.356   1.00 147.41 ? 14  DG  A "O3'"  1 
ATOM   423  C  "C2'"  . DG  A 1 14 ? 9.618   -6.896  5.035   1.00 129.74 ? 14  DG  A "C2'"  1 
ATOM   424  C  "C1'"  . DG  A 1 14 ? 8.818   -5.612  4.848   1.00 124.71 ? 14  DG  A "C1'"  1 
ATOM   425  N  N9     . DG  A 1 14 ? 8.460   -5.296  3.459   1.00 113.93 ? 14  DG  A N9     1 
ATOM   426  C  C8     . DG  A 1 14 ? 9.229   -4.620  2.548   1.00 92.89  ? 14  DG  A C8     1 
ATOM   427  N  N7     . DG  A 1 14 ? 8.650   -4.446  1.393   1.00 81.80  ? 14  DG  A N7     1 
ATOM   428  C  C5     . DG  A 1 14 ? 7.409   -5.044  1.544   1.00 102.70 ? 14  DG  A C5     1 
ATOM   429  C  C6     . DG  A 1 14 ? 6.349   -5.176  0.618   1.00 99.94  ? 14  DG  A C6     1 
ATOM   430  O  O6     . DG  A 1 14 ? 6.293   -4.772  -0.550  1.00 94.21  ? 14  DG  A O6     1 
ATOM   431  N  N1     . DG  A 1 14 ? 5.263   -5.850  1.168   1.00 95.06  ? 14  DG  A N1     1 
ATOM   432  C  C2     . DG  A 1 14 ? 5.209   -6.337  2.453   1.00 98.17  ? 14  DG  A C2     1 
ATOM   433  N  N2     . DG  A 1 14 ? 4.076   -6.961  2.805   1.00 99.15  ? 14  DG  A N2     1 
ATOM   434  N  N3     . DG  A 1 14 ? 6.200   -6.223  3.336   1.00 105.54 ? 14  DG  A N3     1 
ATOM   435  C  C4     . DG  A 1 14 ? 7.265   -5.564  2.814   1.00 110.62 ? 14  DG  A C4     1 
ATOM   436  H  "H5'"  . DG  A 1 14 ? 11.449  -3.374  6.854   1.00 171.65 ? 14  DG  A "H5'"  1 
ATOM   437  H  "H5''" . DG  A 1 14 ? 12.192  -4.677  7.351   1.00 171.65 ? 14  DG  A "H5''" 1 
ATOM   438  H  "H4'"  . DG  A 1 14 ? 9.851   -4.984  7.268   1.00 167.56 ? 14  DG  A "H4'"  1 
ATOM   439  H  "H3'"  . DG  A 1 14 ? 11.497  -6.740  5.909   1.00 169.08 ? 14  DG  A "H3'"  1 
ATOM   440  H  "H2'"  . DG  A 1 14 ? 10.114  -7.108  4.229   1.00 155.79 ? 14  DG  A "H2'"  1 
ATOM   441  H  "H2''" . DG  A 1 14 ? 9.032   -7.630  5.277   1.00 155.79 ? 14  DG  A "H2''" 1 
ATOM   442  H  "H1'"  . DG  A 1 14 ? 8.010   -5.660  5.382   1.00 149.75 ? 14  DG  A "H1'"  1 
ATOM   443  H  H8     . DG  A 1 14 ? 10.083  -4.306  2.738   1.00 111.57 ? 14  DG  A H8     1 
ATOM   444  H  H1     . DG  A 1 14 ? 4.573   -5.970  0.668   1.00 114.18 ? 14  DG  A H1     1 
ATOM   445  H  H21    . DG  A 1 14 ? 3.992   -7.284  3.597   1.00 119.08 ? 14  DG  A H21    1 
ATOM   446  H  H22    . DG  A 1 14 ? 3.433   -7.037  2.238   1.00 119.08 ? 14  DG  A H22    1 
ATOM   447  P  P      . DC  A 1 15 ? 10.688  -8.883  7.424   1.00 132.68 ? 15  DC  A P      1 
ATOM   448  O  OP1    . DC  A 1 15 ? 10.806  -9.256  8.850   1.00 144.52 ? 15  DC  A OP1    1 
ATOM   449  O  OP2    . DC  A 1 15 ? 11.835  -9.085  6.512   1.00 126.20 ? 15  DC  A OP2    1 
ATOM   450  O  "O5'"  . DC  A 1 15 ? 9.420   -9.625  6.797   1.00 131.06 ? 15  DC  A "O5'"  1 
ATOM   451  C  "C5'"  . DC  A 1 15 ? 8.136   -9.450  7.379   1.00 135.13 ? 15  DC  A "C5'"  1 
ATOM   452  C  "C4'"  . DC  A 1 15 ? 7.064   -10.070 6.508   1.00 136.59 ? 15  DC  A "C4'"  1 
ATOM   453  O  "O4'"  . DC  A 1 15 ? 6.891   -9.259  5.320   1.00 125.03 ? 15  DC  A "O4'"  1 
ATOM   454  C  "C3'"  . DC  A 1 15 ? 7.382   -11.489 6.027   1.00 136.35 ? 15  DC  A "C3'"  1 
ATOM   455  O  "O3'"  . DC  A 1 15 ? 6.407   -12.411 6.501   1.00 134.62 ? 15  DC  A "O3'"  1 
ATOM   456  C  "C2'"  . DC  A 1 15 ? 7.400   -11.388 4.499   1.00 128.21 ? 15  DC  A "C2'"  1 
ATOM   457  C  "C1'"  . DC  A 1 15 ? 6.660   -10.092 4.214   1.00 124.26 ? 15  DC  A "C1'"  1 
ATOM   458  N  N1     . DC  A 1 15 ? 7.133   -9.391  2.981   1.00 115.09 ? 15  DC  A N1     1 
ATOM   459  C  C2     . DC  A 1 15 ? 6.314   -9.344  1.851   1.00 106.60 ? 15  DC  A C2     1 
ATOM   460  O  O2     . DC  A 1 15 ? 5.211   -9.896  1.889   1.00 103.14 ? 15  DC  A O2     1 
ATOM   461  N  N3     . DC  A 1 15 ? 6.768   -8.718  0.738   1.00 102.00 ? 15  DC  A N3     1 
ATOM   462  C  C4     . DC  A 1 15 ? 7.975   -8.142  0.743   1.00 106.57 ? 15  DC  A C4     1 
ATOM   463  N  N4     . DC  A 1 15 ? 8.374   -7.524  -0.373  1.00 100.15 ? 15  DC  A N4     1 
ATOM   464  C  C5     . DC  A 1 15 ? 8.815   -8.174  1.890   1.00 108.06 ? 15  DC  A C5     1 
ATOM   465  C  C6     . DC  A 1 15 ? 8.361   -8.803  2.975   1.00 109.35 ? 15  DC  A C6     1 
ATOM   466  H  "H5'"  . DC  A 1 15 ? 7.958   -8.502  7.480   1.00 162.25 ? 15  DC  A "H5'"  1 
ATOM   467  H  "H5''" . DC  A 1 15 ? 8.121   -9.872  8.252   1.00 162.25 ? 15  DC  A "H5''" 1 
ATOM   468  H  "H4'"  . DC  A 1 15 ? 6.229   -10.085 7.002   1.00 164.01 ? 15  DC  A "H4'"  1 
ATOM   469  H  "H3'"  . DC  A 1 15 ? 8.260   -11.751 6.346   1.00 163.72 ? 15  DC  A "H3'"  1 
ATOM   470  H  "H2'"  . DC  A 1 15 ? 8.312   -11.340 4.171   1.00 153.96 ? 15  DC  A "H2'"  1 
ATOM   471  H  "H2''" . DC  A 1 15 ? 6.933   -12.141 4.102   1.00 153.96 ? 15  DC  A "H2''" 1 
ATOM   472  H  "H1'"  . DC  A 1 15 ? 5.711   -10.272 4.138   1.00 149.22 ? 15  DC  A "H1'"  1 
ATOM   473  H  H41    . DC  A 1 15 ? 9.144   -7.142  -0.400  1.00 120.28 ? 15  DC  A H41    1 
ATOM   474  H  H42    . DC  A 1 15 ? 7.861   -7.508  -1.062  1.00 120.28 ? 15  DC  A H42    1 
ATOM   475  H  H5     . DC  A 1 15 ? 9.652   -7.767  1.886   1.00 129.77 ? 15  DC  A H5     1 
ATOM   476  H  H6     . DC  A 1 15 ? 8.889   -8.837  3.740   1.00 131.33 ? 15  DC  A H6     1 
ATOM   477  P  P      . DC  A 1 16 ? 6.553   -13.978 6.176   1.00 137.46 ? 16  DC  A P      1 
ATOM   478  O  OP1    . DC  A 1 16 ? 6.457   -14.721 7.453   1.00 145.00 ? 16  DC  A OP1    1 
ATOM   479  O  OP2    . DC  A 1 16 ? 7.746   -14.153 5.318   1.00 124.93 ? 16  DC  A OP2    1 
ATOM   480  O  "O5'"  . DC  A 1 16 ? 5.264   -14.298 5.288   1.00 124.21 ? 16  DC  A "O5'"  1 
ATOM   481  C  "C5'"  . DC  A 1 16 ? 4.308   -13.273 5.022   1.00 126.50 ? 16  DC  A "C5'"  1 
ATOM   482  C  "C4'"  . DC  A 1 16 ? 3.169   -13.791 4.161   1.00 130.99 ? 16  DC  A "C4'"  1 
ATOM   483  O  "O4'"  . DC  A 1 16 ? 3.148   -13.065 2.904   1.00 125.46 ? 16  DC  A "O4'"  1 
ATOM   484  C  "C3'"  . DC  A 1 16 ? 3.256   -15.262 3.782   1.00 131.47 ? 16  DC  A "C3'"  1 
ATOM   485  O  "O3'"  . DC  A 1 16 ? 1.956   -15.836 3.692   1.00 130.97 ? 16  DC  A "O3'"  1 
ATOM   486  C  "C2'"  . DC  A 1 16 ? 3.985   -15.235 2.439   1.00 127.03 ? 16  DC  A "C2'"  1 
ATOM   487  C  "C1'"  . DC  A 1 16 ? 3.559   -13.901 1.832   1.00 118.17 ? 16  DC  A "C1'"  1 
ATOM   488  N  N1     . DC  A 1 16 ? 4.648   -13.192 1.076   1.00 113.73 ? 16  DC  A N1     1 
ATOM   489  C  C2     . DC  A 1 16 ? 4.480   -12.894 -0.287  1.00 109.36 ? 16  DC  A C2     1 
ATOM   490  O  O2     . DC  A 1 16 ? 3.438   -13.241 -0.857  1.00 106.20 ? 16  DC  A O2     1 
ATOM   491  N  N3     . DC  A 1 16 ? 5.472   -12.247 -0.946  1.00 100.46 ? 16  DC  A N3     1 
ATOM   492  C  C4     . DC  A 1 16 ? 6.581   -11.893 -0.299  1.00 99.13  ? 16  DC  A C4     1 
ATOM   493  N  N4     . DC  A 1 16 ? 7.529   -11.250 -0.988  1.00 108.00 ? 16  DC  A N4     1 
ATOM   494  C  C5     . DC  A 1 16 ? 6.772   -12.188 1.085   1.00 105.33 ? 16  DC  A C5     1 
ATOM   495  C  C6     . DC  A 1 16 ? 5.786   -12.818 1.727   1.00 113.35 ? 16  DC  A C6     1 
ATOM   496  H  "H5'"  . DC  A 1 16 ? 4.747   -12.541 4.561   1.00 151.90 ? 16  DC  A "H5'"  1 
ATOM   497  H  "H5''" . DC  A 1 16 ? 3.949   -12.949 5.863   1.00 151.90 ? 16  DC  A "H5''" 1 
ATOM   498  H  "H4'"  . DC  A 1 16 ? 2.331   -13.637 4.625   1.00 157.28 ? 16  DC  A "H4'"  1 
ATOM   499  H  "H3'"  . DC  A 1 16 ? 3.787   -15.742 4.438   1.00 157.86 ? 16  DC  A "H3'"  1 
ATOM   500  H  "H2'"  . DC  A 1 16 ? 4.946   -15.259 2.572   1.00 152.54 ? 16  DC  A "H2'"  1 
ATOM   501  H  "H2''" . DC  A 1 16 ? 3.697   -15.973 1.879   1.00 152.54 ? 16  DC  A "H2''" 1 
ATOM   502  H  "H1'"  . DC  A 1 16 ? 2.806   -14.048 1.238   1.00 141.90 ? 16  DC  A "H1'"  1 
ATOM   503  H  H41    . DC  A 1 16 ? 8.255   -11.006 -0.597  1.00 129.71 ? 16  DC  A H41    1 
ATOM   504  H  H42    . DC  A 1 16 ? 7.412   -11.079 -1.823  1.00 129.71 ? 16  DC  A H42    1 
ATOM   505  H  H5     . DC  A 1 16 ? 7.545   -11.927 1.530   1.00 126.49 ? 16  DC  A H5     1 
ATOM   506  H  H6     . DC  A 1 16 ? 5.882   -13.017 2.629   1.00 136.12 ? 16  DC  A H6     1 
ATOM   507  P  P      . DA  A 1 17 ? 1.778   -17.351 3.192   1.00 155.30 ? 17  DA  A P      1 
ATOM   508  O  OP1    . DA  A 1 17 ? 0.564   -17.913 3.828   1.00 155.57 ? 17  DA  A OP1    1 
ATOM   509  O  OP2    . DA  A 1 17 ? 3.091   -18.017 3.356   1.00 122.19 ? 17  DA  A OP2    1 
ATOM   510  O  "O5'"  . DA  A 1 17 ? 1.531   -17.194 1.621   1.00 134.85 ? 17  DA  A "O5'"  1 
ATOM   511  C  "C5'"  . DA  A 1 17 ? 0.647   -16.191 1.139   1.00 124.58 ? 17  DA  A "C5'"  1 
ATOM   512  C  "C4'"  . DA  A 1 17 ? 0.589   -16.207 -0.378  1.00 124.90 ? 17  DA  A "C4'"  1 
ATOM   513  O  "O4'"  . DA  A 1 17 ? 1.726   -15.474 -0.914  1.00 126.74 ? 17  DA  A "O4'"  1 
ATOM   514  C  "C3'"  . DA  A 1 17 ? 0.648   -17.599 -1.015  1.00 122.21 ? 17  DA  A "C3'"  1 
ATOM   515  O  "O3'"  . DA  A 1 17 ? -0.317  -17.708 -2.061  1.00 122.13 ? 17  DA  A "O3'"  1 
ATOM   516  C  "C2'"  . DA  A 1 17 ? 2.083   -17.690 -1.529  1.00 108.13 ? 17  DA  A "C2'"  1 
ATOM   517  C  "C1'"  . DA  A 1 17 ? 2.371   -16.255 -1.898  1.00 111.74 ? 17  DA  A "C1'"  1 
ATOM   518  N  N9     . DA  A 1 17 ? 3.788   -15.909 -1.917  1.00 111.78 ? 17  DA  A N9     1 
ATOM   519  C  C8     . DA  A 1 17 ? 4.674   -15.970 -0.875  1.00 116.66 ? 17  DA  A C8     1 
ATOM   520  N  N7     . DA  A 1 17 ? 5.886   -15.579 -1.190  1.00 112.52 ? 17  DA  A N7     1 
ATOM   521  C  C5     . DA  A 1 17 ? 5.786   -15.237 -2.528  1.00 109.59 ? 17  DA  A C5     1 
ATOM   522  C  C6     . DA  A 1 17 ? 6.723   -14.748 -3.459  1.00 105.41 ? 17  DA  A C6     1 
ATOM   523  N  N6     . DA  A 1 17 ? 8.004   -14.508 -3.160  1.00 112.62 ? 17  DA  A N6     1 
ATOM   524  N  N1     . DA  A 1 17 ? 6.291   -14.514 -4.714  1.00 97.68  ? 17  DA  A N1     1 
ATOM   525  C  C2     . DA  A 1 17 ? 5.010   -14.754 -5.011  1.00 103.71 ? 17  DA  A C2     1 
ATOM   526  N  N3     . DA  A 1 17 ? 4.040   -15.212 -4.224  1.00 107.59 ? 17  DA  A N3     1 
ATOM   527  C  C4     . DA  A 1 17 ? 4.498   -15.433 -2.986  1.00 109.10 ? 17  DA  A C4     1 
ATOM   528  H  "H5'"  . DA  A 1 17 ? 0.957   -15.322 1.437   1.00 149.59 ? 17  DA  A "H5'"  1 
ATOM   529  H  "H5''" . DA  A 1 17 ? -0.241  -16.352 1.494   1.00 149.59 ? 17  DA  A "H5''" 1 
ATOM   530  H  "H4'"  . DA  A 1 17 ? -0.227  -15.768 -0.663  1.00 149.98 ? 17  DA  A "H4'"  1 
ATOM   531  H  "H3'"  . DA  A 1 17 ? 0.491   -18.280 -0.342  1.00 146.76 ? 17  DA  A "H3'"  1 
ATOM   532  H  "H2'"  . DA  A 1 17 ? 2.682   -17.995 -0.830  1.00 129.85 ? 17  DA  A "H2'"  1 
ATOM   533  H  "H2''" . DA  A 1 17 ? 2.134   -18.265 -2.309  1.00 129.85 ? 17  DA  A "H2''" 1 
ATOM   534  H  "H1'"  . DA  A 1 17 ? 1.982   -16.062 -2.766  1.00 134.19 ? 17  DA  A "H1'"  1 
ATOM   535  H  H8     . DA  A 1 17 ? 4.437   -16.258 -0.023  1.00 140.09 ? 17  DA  A H8     1 
ATOM   536  H  H61    . DA  A 1 17 ? 8.538   -14.209 -3.764  1.00 135.24 ? 17  DA  A H61    1 
ATOM   537  H  H62    . DA  A 1 17 ? 8.293   -14.655 -2.363  1.00 135.24 ? 17  DA  A H62    1 
ATOM   538  H  H2     . DA  A 1 17 ? 4.762   -14.576 -5.890  1.00 124.56 ? 17  DA  A H2     1 
ATOM   539  P  P      . DC  A 1 18 ? -0.355  -19.008 -3.004  1.00 129.71 ? 18  DC  A P      1 
ATOM   540  O  OP1    . DC  A 1 18 ? -1.762  -19.272 -3.376  1.00 121.97 ? 18  DC  A OP1    1 
ATOM   541  O  OP2    . DC  A 1 18 ? 0.440   -20.059 -2.332  1.00 138.08 ? 18  DC  A OP2    1 
ATOM   542  O  "O5'"  . DC  A 1 18 ? 0.443   -18.554 -4.312  1.00 120.31 ? 18  DC  A "O5'"  1 
ATOM   543  C  "C5'"  . DC  A 1 18 ? 0.567   -19.446 -5.408  1.00 124.65 ? 18  DC  A "C5'"  1 
ATOM   544  C  "C4'"  . DC  A 1 18 ? 0.620   -18.690 -6.717  1.00 115.48 ? 18  DC  A "C4'"  1 
ATOM   545  O  "O4'"  . DC  A 1 18 ? 1.665   -17.683 -6.654  1.00 101.04 ? 18  DC  A "O4'"  1 
ATOM   546  C  "C3'"  . DC  A 1 18 ? 0.975   -19.532 -7.923  1.00 102.22 ? 18  DC  A "C3'"  1 
ATOM   547  O  "O3'"  . DC  A 1 18 ? 0.476   -18.916 -9.112  1.00 110.07 ? 18  DC  A "O3'"  1 
ATOM   548  C  "C2'"  . DC  A 1 18 ? 2.491   -19.547 -7.839  1.00 92.35  ? 18  DC  A "C2'"  1 
ATOM   549  C  "C1'"  . DC  A 1 18 ? 2.795   -18.120 -7.399  1.00 105.94 ? 18  DC  A "C1'"  1 
ATOM   550  N  N1     . DC  A 1 18 ? 4.001   -17.999 -6.540  1.00 105.34 ? 18  DC  A N1     1 
ATOM   551  C  C2     . DC  A 1 18 ? 5.202   -17.521 -7.081  1.00 103.96 ? 18  DC  A C2     1 
ATOM   552  O  O2     . DC  A 1 18 ? 5.243   -17.200 -8.275  1.00 104.91 ? 18  DC  A O2     1 
ATOM   553  N  N3     . DC  A 1 18 ? 6.289   -17.424 -6.277  1.00 98.59  ? 18  DC  A N3     1 
ATOM   554  C  C4     . DC  A 1 18 ? 6.207   -17.782 -4.995  1.00 92.93  ? 18  DC  A C4     1 
ATOM   555  N  N4     . DC  A 1 18 ? 7.302   -17.668 -4.239  1.00 87.71  ? 18  DC  A N4     1 
ATOM   556  C  C5     . DC  A 1 18 ? 4.995   -18.272 -4.429  1.00 95.57  ? 18  DC  A C5     1 
ATOM   557  C  C6     . DC  A 1 18 ? 3.929   -18.363 -5.229  1.00 106.35 ? 18  DC  A C6     1 
ATOM   558  H  "H5'"  . DC  A 1 18 ? -0.194  -20.047 -5.417  1.00 149.68 ? 18  DC  A "H5'"  1 
ATOM   559  H  "H5''" . DC  A 1 18 ? 1.381   -19.964 -5.306  1.00 149.68 ? 18  DC  A "H5''" 1 
ATOM   560  H  "H4'"  . DC  A 1 18 ? -0.234  -18.255 -6.870  1.00 138.67 ? 18  DC  A "H4'"  1 
ATOM   561  H  "H3'"  . DC  A 1 18 ? 0.620   -20.429 -7.828  1.00 122.77 ? 18  DC  A "H3'"  1 
ATOM   562  H  "H2'"  . DC  A 1 18 ? 2.795   -20.187 -7.176  1.00 110.92 ? 18  DC  A "H2'"  1 
ATOM   563  H  "H2''" . DC  A 1 18 ? 2.884   -19.731 -8.707  1.00 110.92 ? 18  DC  A "H2''" 1 
ATOM   564  H  "H1'"  . DC  A 1 18 ? 2.900   -17.558 -8.182  1.00 127.23 ? 18  DC  A "H1'"  1 
ATOM   565  H  H41    . DC  A 1 18 ? 7.278   -17.895 -3.411  1.00 105.36 ? 18  DC  A H41    1 
ATOM   566  H  H42    . DC  A 1 18 ? 8.031   -17.368 -4.582  1.00 105.36 ? 18  DC  A H42    1 
ATOM   567  H  H5     . DC  A 1 18 ? 4.947   -18.518 -3.533  1.00 114.78 ? 18  DC  A H5     1 
ATOM   568  H  H6     . DC  A 1 18 ? 3.124   -18.681 -4.885  1.00 127.72 ? 18  DC  A H6     1 
ATOM   569  P  P      . DT  A 1 19 ? 1.000   -19.349 -10.566 1.00 114.32 ? 19  DT  A P      1 
ATOM   570  O  OP1    . DT  A 1 19 ? -0.147  -19.194 -11.494 1.00 114.48 ? 19  DT  A OP1    1 
ATOM   571  O  OP2    . DT  A 1 19 ? 1.672   -20.661 -10.442 1.00 124.07 ? 19  DT  A OP2    1 
ATOM   572  O  "O5'"  . DT  A 1 19 ? 2.085   -18.227 -10.922 1.00 99.94  ? 19  DT  A "O5'"  1 
ATOM   573  C  "C5'"  . DT  A 1 19 ? 3.480   -18.502 -10.825 1.00 90.40  ? 19  DT  A "C5'"  1 
ATOM   574  C  "C4'"  . DT  A 1 19 ? 4.205   -17.997 -12.056 1.00 109.18 ? 19  DT  A "C4'"  1 
ATOM   575  O  "O4'"  . DT  A 1 19 ? 5.512   -17.491 -11.702 1.00 118.89 ? 19  DT  A "O4'"  1 
ATOM   576  C  "C3'"  . DT  A 1 19 ? 4.467   -19.039 -13.111 1.00 110.56 ? 19  DT  A "C3'"  1 
ATOM   577  O  "O3'"  . DT  A 1 19 ? 4.464   -18.428 -14.383 1.00 119.75 ? 19  DT  A "O3'"  1 
ATOM   578  C  "C2'"  . DT  A 1 19 ? 5.836   -19.612 -12.721 1.00 107.39 ? 19  DT  A "C2'"  1 
ATOM   579  C  "C1'"  . DT  A 1 19 ? 6.499   -18.482 -11.918 1.00 101.24 ? 19  DT  A "C1'"  1 
ATOM   580  N  N1     . DT  A 1 19 ? 7.027   -18.871 -10.567 1.00 95.89  ? 19  DT  A N1     1 
ATOM   581  C  C2     . DT  A 1 19 ? 8.230   -18.346 -10.128 1.00 108.48 ? 19  DT  A C2     1 
ATOM   582  O  O2     . DT  A 1 19 ? 8.929   -17.609 -10.804 1.00 115.94 ? 19  DT  A O2     1 
ATOM   583  N  N3     . DT  A 1 19 ? 8.593   -18.732 -8.861  1.00 104.06 ? 19  DT  A N3     1 
ATOM   584  C  C4     . DT  A 1 19 ? 7.884   -19.558 -8.005  1.00 99.53  ? 19  DT  A C4     1 
ATOM   585  O  O4     . DT  A 1 19 ? 8.290   -19.852 -6.886  1.00 98.88  ? 19  DT  A O4     1 
ATOM   586  C  C5     . DT  A 1 19 ? 6.632   -20.055 -8.519  1.00 93.87  ? 19  DT  A C5     1 
ATOM   587  C  C7     . DT  A 1 19 ? 5.783   -20.959 -7.675  1.00 100.81 ? 19  DT  A C7     1 
ATOM   588  C  C6     . DT  A 1 19 ? 6.261   -19.683 -9.755  1.00 93.11  ? 19  DT  A C6     1 
ATOM   589  H  "H5'"  . DT  A 1 19 ? 3.612   -19.460 -10.746 1.00 108.58 ? 19  DT  A "H5'"  1 
ATOM   590  H  "H5''" . DT  A 1 19 ? 3.840   -18.064 -10.039 1.00 108.58 ? 19  DT  A "H5''" 1 
ATOM   591  H  "H4'"  . DT  A 1 19 ? 3.687   -17.277 -12.449 1.00 131.11 ? 19  DT  A "H4'"  1 
ATOM   592  H  "H3'"  . DT  A 1 19 ? 3.789   -19.733 -13.071 1.00 132.78 ? 19  DT  A "H3'"  1 
ATOM   593  H  "H2'"  . DT  A 1 19 ? 5.728   -20.403 -12.169 1.00 128.97 ? 19  DT  A "H2'"  1 
ATOM   594  H  "H2''" . DT  A 1 19 ? 6.356   -19.818 -13.513 1.00 128.97 ? 19  DT  A "H2''" 1 
ATOM   595  H  "H1'"  . DT  A 1 19 ? 7.220   -18.103 -12.443 1.00 121.59 ? 19  DT  A "H1'"  1 
ATOM   596  H  H3     . DT  A 1 19 ? 9.343   -18.430 -8.569  1.00 124.98 ? 19  DT  A H3     1 
ATOM   597  H  H71    . DT  A 1 19 ? 6.219   -21.108 -6.822  1.00 121.08 ? 19  DT  A H71    1 
ATOM   598  H  H72    . DT  A 1 19 ? 4.917   -20.546 -7.528  1.00 121.08 ? 19  DT  A H72    1 
ATOM   599  H  H73    . DT  A 1 19 ? 5.664   -21.808 -8.130  1.00 121.08 ? 19  DT  A H73    1 
ATOM   600  H  H6     . DT  A 1 19 ? 5.453   -20.002 -10.087 1.00 111.83 ? 19  DT  A H6     1 
ATOM   601  P  P      . DC  A 1 20 ? 4.348   -19.313 -15.714 1.00 138.25 ? 20  DC  A P      1 
ATOM   602  O  OP1    . DC  A 1 20 ? 3.485   -18.586 -16.673 1.00 124.51 ? 20  DC  A OP1    1 
ATOM   603  O  OP2    . DC  A 1 20 ? 3.997   -20.689 -15.297 1.00 159.69 ? 20  DC  A OP2    1 
ATOM   604  O  "O5'"  . DC  A 1 20 ? 5.844   -19.337 -16.268 1.00 122.03 ? 20  DC  A "O5'"  1 
ATOM   605  C  "C5'"  . DC  A 1 20 ? 6.631   -18.158 -16.232 1.00 112.07 ? 20  DC  A "C5'"  1 
ATOM   606  C  "C4'"  . DC  A 1 20 ? 8.106   -18.497 -16.242 1.00 133.37 ? 20  DC  A "C4'"  1 
ATOM   607  O  "O4'"  . DC  A 1 20 ? 8.527   -18.874 -14.895 1.00 129.21 ? 20  DC  A "O4'"  1 
ATOM   608  C  "C3'"  . DC  A 1 20 ? 8.485   -19.670 -17.150 1.00 123.94 ? 20  DC  A "C3'"  1 
ATOM   609  O  "O3'"  . DC  A 1 20 ? 9.637   -19.360 -17.913 1.00 112.68 ? 20  DC  A "O3'"  1 
ATOM   610  C  "C2'"  . DC  A 1 20 ? 8.730   -20.810 -16.171 1.00 118.73 ? 20  DC  A "C2'"  1 
ATOM   611  C  "C1'"  . DC  A 1 20 ? 9.268   -20.069 -14.955 1.00 112.61 ? 20  DC  A "C1'"  1 
ATOM   612  N  N1     . DC  A 1 20 ? 9.127   -20.810 -13.643 1.00 100.80 ? 20  DC  A N1     1 
ATOM   613  C  C2     . DC  A 1 20 ? 10.058  -20.585 -12.621 1.00 103.25 ? 20  DC  A C2     1 
ATOM   614  O  O2     . DC  A 1 20 ? 10.977  -19.779 -12.811 1.00 111.85 ? 20  DC  A O2     1 
ATOM   615  N  N3     . DC  A 1 20 ? 9.924   -21.257 -11.448 1.00 90.48  ? 20  DC  A N3     1 
ATOM   616  C  C4     . DC  A 1 20 ? 8.918   -22.117 -11.285 1.00 95.04  ? 20  DC  A C4     1 
ATOM   617  N  N4     . DC  A 1 20 ? 8.822   -22.757 -10.116 1.00 88.00  ? 20  DC  A N4     1 
ATOM   618  C  C5     . DC  A 1 20 ? 7.963   -22.361 -12.311 1.00 100.13 ? 20  DC  A C5     1 
ATOM   619  C  C6     . DC  A 1 20 ? 8.105   -21.698 -13.462 1.00 104.15 ? 20  DC  A C6     1 
ATOM   620  H  "H5'"  . DC  A 1 20 ? 6.424   -17.659 -15.426 1.00 134.59 ? 20  DC  A "H5'"  1 
ATOM   621  H  "H5''" . DC  A 1 20 ? 6.424   -17.612 -17.006 1.00 134.59 ? 20  DC  A "H5''" 1 
ATOM   622  H  "H4'"  . DC  A 1 20 ? 8.606   -17.713 -16.518 1.00 160.14 ? 20  DC  A "H4'"  1 
ATOM   623  H  "H3'"  . DC  A 1 20 ? 7.745   -19.889 -17.737 1.00 148.84 ? 20  DC  A "H3'"  1 
ATOM   624  H  "H2'"  . DC  A 1 20 ? 7.901   -21.268 -15.959 1.00 142.57 ? 20  DC  A "H2'"  1 
ATOM   625  H  "H2''" . DC  A 1 20 ? 9.391   -21.430 -16.519 1.00 142.57 ? 20  DC  A "H2''" 1 
ATOM   626  H  "H1'"  . DC  A 1 20 ? 10.202  -19.856 -15.100 1.00 135.23 ? 20  DC  A "H1'"  1 
ATOM   627  H  H41    . DC  A 1 20 ? 8.179   -23.312 -9.981  1.00 105.71 ? 20  DC  A H41    1 
ATOM   628  H  H42    . DC  A 1 20 ? 9.405   -22.616 -9.499  1.00 105.71 ? 20  DC  A H42    1 
ATOM   629  H  H5     . DC  A 1 20 ? 7.265   -22.963 -12.186 1.00 120.25 ? 20  DC  A H5     1 
ATOM   630  H  H6     . DC  A 1 20 ? 7.491   -21.835 -14.147 1.00 125.08 ? 20  DC  A H6     1 
ATOM   631  P  P      . DA  A 1 21 ? 10.141  -20.344 -19.077 1.00 147.87 ? 21  DA  A P      1 
ATOM   632  O  OP1    . DA  A 1 21 ? 9.794   -19.711 -20.367 1.00 157.76 ? 21  DA  A OP1    1 
ATOM   633  O  OP2    . DA  A 1 21 ? 9.670   -21.717 -18.794 1.00 142.00 ? 21  DA  A OP2    1 
ATOM   634  O  "O5'"  . DA  A 1 21 ? 11.728  -20.318 -18.905 1.00 136.63 ? 21  DA  A "O5'"  1 
ATOM   635  C  "C5'"  . DA  A 1 21 ? 12.382  -19.079 -18.645 1.00 136.93 ? 21  DA  A "C5'"  1 
ATOM   636  C  "C4'"  . DA  A 1 21 ? 13.377  -19.214 -17.506 1.00 130.04 ? 21  DA  A "C4'"  1 
ATOM   637  O  "O4'"  . DA  A 1 21 ? 12.744  -19.879 -16.379 1.00 126.92 ? 21  DA  A "O4'"  1 
ATOM   638  C  "C3'"  . DA  A 1 21 ? 14.623  -20.044 -17.835 1.00 121.87 ? 21  DA  A "C3'"  1 
ATOM   639  O  "O3'"  . DA  A 1 21 ? 15.799  -19.348 -17.438 1.00 103.15 ? 21  DA  A "O3'"  1 
ATOM   640  C  "C2'"  . DA  A 1 21 ? 14.419  -21.334 -17.041 1.00 114.46 ? 21  DA  A "C2'"  1 
ATOM   641  C  "C1'"  . DA  A 1 21 ? 13.635  -20.840 -15.855 1.00 110.81 ? 21  DA  A "C1'"  1 
ATOM   642  N  N9     . DA  A 1 21 ? 12.867  -21.859 -15.157 1.00 113.93 ? 21  DA  A N9     1 
ATOM   643  C  C8     . DA  A 1 21 ? 11.713  -22.457 -15.582 1.00 116.35 ? 21  DA  A C8     1 
ATOM   644  N  N7     . DA  A 1 21 ? 11.223  -23.324 -14.731 1.00 106.19 ? 21  DA  A N7     1 
ATOM   645  C  C5     . DA  A 1 21 ? 12.111  -23.282 -13.667 1.00 105.54 ? 21  DA  A C5     1 
ATOM   646  C  C6     . DA  A 1 21 ? 12.149  -23.969 -12.441 1.00 92.97  ? 21  DA  A C6     1 
ATOM   647  N  N6     . DA  A 1 21 ? 11.234  -24.868 -12.086 1.00 90.10  ? 21  DA  A N6     1 
ATOM   648  N  N1     . DA  A 1 21 ? 13.171  -23.700 -11.598 1.00 97.46  ? 21  DA  A N1     1 
ATOM   649  C  C2     . DA  A 1 21 ? 14.092  -22.799 -11.969 1.00 105.89 ? 21  DA  A C2     1 
ATOM   650  N  N3     . DA  A 1 21 ? 14.161  -22.089 -13.099 1.00 105.32 ? 21  DA  A N3     1 
ATOM   651  C  C4     . DA  A 1 21 ? 13.127  -22.381 -13.911 1.00 112.85 ? 21  DA  A C4     1 
ATOM   652  H  "H5'"  . DA  A 1 21 ? 11.718  -18.412 -18.411 1.00 164.41 ? 21  DA  A "H5'"  1 
ATOM   653  H  "H5''" . DA  A 1 21 ? 12.851  -18.793 -19.444 1.00 164.41 ? 21  DA  A "H5''" 1 
ATOM   654  H  "H4'"  . DA  A 1 21 ? 13.656  -18.327 -17.229 1.00 156.15 ? 21  DA  A "H4'"  1 
ATOM   655  H  "H3'"  . DA  A 1 21 ? 14.652  -20.237 -18.785 1.00 146.35 ? 21  DA  A "H3'"  1 
ATOM   656  H  "HO3'" . DA  A 1 21 ? 16.319  -19.688 -16.873 1.00 123.88 ? 21  DA  A "HO3'" 1 
ATOM   657  H  "H2'"  . DA  A 1 21 ? 13.905  -21.977 -17.552 1.00 137.46 ? 21  DA  A "H2'"  1 
ATOM   658  H  "H2''" . DA  A 1 21 ? 15.270  -21.707 -16.763 1.00 137.46 ? 21  DA  A "H2''" 1 
ATOM   659  H  "H1'"  . DA  A 1 21 ? 14.238  -20.408 -15.229 1.00 133.07 ? 21  DA  A "H1'"  1 
ATOM   660  H  H8     . DA  A 1 21 ? 11.317  -22.270 -16.403 1.00 139.73 ? 21  DA  A H8     1 
ATOM   661  H  H61    . DA  A 1 21 ? 11.299  -25.271 -11.330 1.00 108.22 ? 21  DA  A H61    1 
ATOM   662  H  H62    . DA  A 1 21 ? 10.578  -25.045 -12.613 1.00 108.22 ? 21  DA  A H62    1 
ATOM   663  H  H2     . DA  A 1 21 ? 14.776  -22.649 -11.358 1.00 127.17 ? 21  DA  A H2     1 
ATOM   664  P  P      . DG  B 2 1  ? -1.790  -6.848  -8.883  1.00 159.53 ? 0   DG  B P      1 
ATOM   665  O  OP1    . DG  B 2 1  ? -2.054  -5.554  -9.554  1.00 116.89 ? 0   DG  B OP1    1 
ATOM   666  O  OP2    . DG  B 2 1  ? -2.461  -8.092  -9.321  1.00 139.87 ? 0   DG  B OP2    1 
ATOM   667  O  "O5'"  . DG  B 2 1  ? -0.224  -7.138  -8.948  1.00 105.81 ? 0   DG  B "O5'"  1 
ATOM   668  C  "C5'"  . DG  B 2 1  ? 0.549   -7.097  -7.767  1.00 96.82  ? 0   DG  B "C5'"  1 
ATOM   669  C  "C4'"  . DG  B 2 1  ? 0.047   -8.111  -6.754  1.00 96.18  ? 0   DG  B "C4'"  1 
ATOM   670  O  "O4'"  . DG  B 2 1  ? 1.167   -8.894  -6.284  1.00 77.05  ? 0   DG  B "O4'"  1 
ATOM   671  C  "C3'"  . DG  B 2 1  ? -0.617  -7.505  -5.522  1.00 121.77 ? 0   DG  B "C3'"  1 
ATOM   672  O  "O3'"  . DG  B 2 1  ? -2.030  -7.659  -5.603  1.00 124.27 ? 0   DG  B "O3'"  1 
ATOM   673  C  "C2'"  . DG  B 2 1  ? -0.028  -8.269  -4.340  1.00 102.43 ? 0   DG  B "C2'"  1 
ATOM   674  C  "C1'"  . DG  B 2 1  ? 1.254   -8.885  -4.879  1.00 80.68  ? 0   DG  B "C1'"  1 
ATOM   675  N  N9     . DG  B 2 1  ? 2.495   -8.197  -4.506  1.00 81.74  ? 0   DG  B N9     1 
ATOM   676  C  C8     . DG  B 2 1  ? 3.225   -7.323  -5.274  1.00 84.20  ? 0   DG  B C8     1 
ATOM   677  N  N7     . DG  B 2 1  ? 4.318   -6.903  -4.691  1.00 87.17  ? 0   DG  B N7     1 
ATOM   678  C  C5     . DG  B 2 1  ? 4.317   -7.550  -3.462  1.00 87.72  ? 0   DG  B C5     1 
ATOM   679  C  C6     . DG  B 2 1  ? 5.248   -7.492  -2.394  1.00 88.52  ? 0   DG  B C6     1 
ATOM   680  O  O6     . DG  B 2 1  ? 6.298   -6.834  -2.318  1.00 88.44  ? 0   DG  B O6     1 
ATOM   681  N  N1     . DG  B 2 1  ? 4.866   -8.317  -1.334  1.00 88.95  ? 0   DG  B N1     1 
ATOM   682  C  C2     . DG  B 2 1  ? 3.728   -9.093  -1.312  1.00 91.18  ? 0   DG  B C2     1 
ATOM   683  N  N2     . DG  B 2 1  ? 3.512   -9.824  -0.212  1.00 91.42  ? 0   DG  B N2     1 
ATOM   684  N  N3     . DG  B 2 1  ? 2.852   -9.151  -2.304  1.00 87.32  ? 0   DG  B N3     1 
ATOM   685  C  C4     . DG  B 2 1  ? 3.207   -8.359  -3.341  1.00 86.66  ? 0   DG  B C4     1 
ATOM   686  H  "H5'"  . DG  B 2 1  ? 0.496   -6.208  -7.382  1.00 116.28 ? 0   DG  B "H5'"  1 
ATOM   687  H  "H5''" . DG  B 2 1  ? 1.474   -7.295  -7.985  1.00 116.28 ? 0   DG  B "H5''" 1 
ATOM   688  H  "H4'"  . DG  B 2 1  ? -0.585  -8.702  -7.191  1.00 115.52 ? 0   DG  B "H4'"  1 
ATOM   689  H  "H3'"  . DG  B 2 1  ? -0.389  -6.564  -5.454  1.00 146.23 ? 0   DG  B "H3'"  1 
ATOM   690  H  "H2'"  . DG  B 2 1  ? 0.170   -7.661  -3.609  1.00 123.02 ? 0   DG  B "H2'"  1 
ATOM   691  H  "H2''" . DG  B 2 1  ? -0.640  -8.963  -4.047  1.00 123.02 ? 0   DG  B "H2''" 1 
ATOM   692  H  "H1'"  . DG  B 2 1  ? 1.307   -9.803  -4.569  1.00 96.92  ? 0   DG  B "H1'"  1 
ATOM   693  H  H8     . DG  B 2 1  ? 2.963   -7.048  -6.123  1.00 101.15 ? 0   DG  B H8     1 
ATOM   694  H  H1     . DG  B 2 1  ? 5.376   -8.340  -0.644  1.00 106.84 ? 0   DG  B H1     1 
ATOM   695  H  H21    . DG  B 2 1  ? 2.812   -10.320 -0.155  1.00 109.81 ? 0   DG  B H21    1 
ATOM   696  H  H22    . DG  B 2 1  ? 4.074   -9.798  0.439   1.00 109.81 ? 0   DG  B H22    1 
ATOM   697  P  P      . DC  B 2 2  ? -3.007  -6.528  -5.018  1.00 107.00 ? 1   DC  B P      1 
ATOM   698  O  OP1    . DC  B 2 2  ? -4.394  -6.926  -5.350  1.00 108.10 ? 1   DC  B OP1    1 
ATOM   699  O  OP2    . DC  B 2 2  ? -2.474  -5.214  -5.441  1.00 109.27 ? 1   DC  B OP2    1 
ATOM   700  O  "O5'"  . DC  B 2 2  ? -2.818  -6.644  -3.439  1.00 83.72  ? 1   DC  B "O5'"  1 
ATOM   701  C  "C5'"  . DC  B 2 2  ? -3.061  -7.881  -2.796  1.00 92.05  ? 1   DC  B "C5'"  1 
ATOM   702  C  "C4'"  . DC  B 2 2  ? -2.483  -7.885  -1.399  1.00 92.98  ? 1   DC  B "C4'"  1 
ATOM   703  O  "O4'"  . DC  B 2 2  ? -1.043  -7.987  -1.460  1.00 106.49 ? 1   DC  B "O4'"  1 
ATOM   704  C  "C3'"  . DC  B 2 2  ? -2.730  -6.624  -0.605  1.00 102.40 ? 1   DC  B "C3'"  1 
ATOM   705  O  "O3'"  . DC  B 2 2  ? -4.007  -6.642  -0.003  1.00 102.45 ? 1   DC  B "O3'"  1 
ATOM   706  C  "C2'"  . DC  B 2 2  ? -1.605  -6.659  0.422   1.00 100.00 ? 1   DC  B "C2'"  1 
ATOM   707  C  "C1'"  . DC  B 2 2  ? -0.480  -7.393  -0.296  1.00 88.42  ? 1   DC  B "C1'"  1 
ATOM   708  N  N1     . DC  B 2 2  ? 0.653   -6.512  -0.706  1.00 83.52  ? 1   DC  B N1     1 
ATOM   709  C  C2     . DC  B 2 2  ? 1.758   -6.357  0.145   1.00 90.87  ? 1   DC  B C2     1 
ATOM   710  O  O2     . DC  B 2 2  ? 1.774   -6.947  1.233   1.00 92.10  ? 1   DC  B O2     1 
ATOM   711  N  N3     . DC  B 2 2  ? 2.782   -5.560  -0.252  1.00 86.24  ? 1   DC  B N3     1 
ATOM   712  C  C4     . DC  B 2 2  ? 2.727   -4.941  -1.430  1.00 82.37  ? 1   DC  B C4     1 
ATOM   713  N  N4     . DC  B 2 2  ? 3.760   -4.165  -1.779  1.00 80.19  ? 1   DC  B N4     1 
ATOM   714  C  C5     . DC  B 2 2  ? 1.613   -5.089  -2.306  1.00 85.73  ? 1   DC  B C5     1 
ATOM   715  C  C6     . DC  B 2 2  ? 0.607   -5.870  -1.903  1.00 83.68  ? 1   DC  B C6     1 
ATOM   716  H  "H5'"  . DC  B 2 2  ? -2.653  -8.594  -3.313  1.00 110.56 ? 1   DC  B "H5'"  1 
ATOM   717  H  "H5''" . DC  B 2 2  ? -4.018  -8.031  -2.746  1.00 110.56 ? 1   DC  B "H5''" 1 
ATOM   718  H  "H4'"  . DC  B 2 2  ? -2.836  -8.644  -0.909  1.00 111.68 ? 1   DC  B "H4'"  1 
ATOM   719  H  "H3'"  . DC  B 2 2  ? -2.638  -5.846  -1.176  1.00 122.98 ? 1   DC  B "H3'"  1 
ATOM   720  H  "H2'"  . DC  B 2 2  ? -1.329  -5.759  0.656   1.00 120.10 ? 1   DC  B "H2'"  1 
ATOM   721  H  "H2''" . DC  B 2 2  ? -1.880  -7.149  1.213   1.00 120.10 ? 1   DC  B "H2''" 1 
ATOM   722  H  "H1'"  . DC  B 2 2  ? -0.141  -8.094  0.282   1.00 106.21 ? 1   DC  B "H1'"  1 
ATOM   723  H  H41    . DC  B 2 2  ? 3.754   -3.757  -2.537  1.00 96.33  ? 1   DC  B H41    1 
ATOM   724  H  H42    . DC  B 2 2  ? 4.428   -4.073  -1.247  1.00 96.33  ? 1   DC  B H42    1 
ATOM   725  H  H5     . DC  B 2 2  ? 1.583   -4.652  -3.127  1.00 102.97 ? 1   DC  B H5     1 
ATOM   726  H  H6     . DC  B 2 2  ? -0.130  -5.989  -2.457  1.00 100.51 ? 1   DC  B H6     1 
ATOM   727  P  P      . DG  B 2 3  ? -4.564  -5.316  0.711   1.00 128.43 ? 2   DG  B P      1 
ATOM   728  O  OP1    . DG  B 2 3  ? -5.965  -5.583  1.095   1.00 116.86 ? 2   DG  B OP1    1 
ATOM   729  O  OP2    . DG  B 2 3  ? -4.247  -4.166  -0.164  1.00 124.69 ? 2   DG  B OP2    1 
ATOM   730  O  "O5'"  . DG  B 2 3  ? -3.657  -5.173  2.022   1.00 117.12 ? 2   DG  B "O5'"  1 
ATOM   731  C  "C5'"  . DG  B 2 3  ? -3.590  -6.237  2.958   1.00 101.28 ? 2   DG  B "C5'"  1 
ATOM   732  C  "C4'"  . DG  B 2 3  ? -2.367  -6.106  3.853   1.00 108.15 ? 2   DG  B "C4'"  1 
ATOM   733  O  "O4'"  . DG  B 2 3  ? -1.200  -5.757  3.057   1.00 113.91 ? 2   DG  B "O4'"  1 
ATOM   734  C  "C3'"  . DG  B 2 3  ? -2.486  -5.036  4.933   1.00 119.76 ? 2   DG  B "C3'"  1 
ATOM   735  O  "O3'"  . DG  B 2 3  ? -2.252  -5.609  6.205   1.00 133.29 ? 2   DG  B "O3'"  1 
ATOM   736  C  "C2'"  . DG  B 2 3  ? -1.439  -3.981  4.557   1.00 103.42 ? 2   DG  B "C2'"  1 
ATOM   737  C  "C1'"  . DG  B 2 3  ? -0.447  -4.754  3.707   1.00 97.03  ? 2   DG  B "C1'"  1 
ATOM   738  N  N9     . DG  B 2 3  ? 0.237   -3.952  2.682   1.00 95.61  ? 2   DG  B N9     1 
ATOM   739  C  C8     . DG  B 2 3  ? -0.266  -3.606  1.451   1.00 95.48  ? 2   DG  B C8     1 
ATOM   740  N  N7     . DG  B 2 3  ? 0.556   -2.903  0.728   1.00 93.00  ? 2   DG  B N7     1 
ATOM   741  C  C5     . DG  B 2 3  ? 1.686   -2.773  1.519   1.00 91.90  ? 2   DG  B C5     1 
ATOM   742  C  C6     . DG  B 2 3  ? 2.900   -2.109  1.248   1.00 100.88 ? 2   DG  B C6     1 
ATOM   743  O  O6     . DG  B 2 3  ? 3.212   -1.487  0.226   1.00 99.77  ? 2   DG  B O6     1 
ATOM   744  N  N1     . DG  B 2 3  ? 3.795   -2.208  2.309   1.00 109.44 ? 2   DG  B N1     1 
ATOM   745  C  C2     . DG  B 2 3  ? 3.546   -2.871  3.490   1.00 106.78 ? 2   DG  B C2     1 
ATOM   746  N  N2     . DG  B 2 3  ? 4.536   -2.855  4.399   1.00 113.59 ? 2   DG  B N2     1 
ATOM   747  N  N3     . DG  B 2 3  ? 2.401   -3.504  3.761   1.00 88.36  ? 2   DG  B N3     1 
ATOM   748  C  C4     . DG  B 2 3  ? 1.517   -3.413  2.729   1.00 91.84  ? 2   DG  B C4     1 
ATOM   749  H  "H5'"  . DG  B 2 3  ? -3.546  -7.079  2.480   1.00 121.64 ? 2   DG  B "H5'"  1 
ATOM   750  H  "H5''" . DG  B 2 3  ? -4.389  -6.226  3.509   1.00 121.64 ? 2   DG  B "H5''" 1 
ATOM   751  H  "H4'"  . DG  B 2 3  ? -2.205  -6.962  4.282   1.00 129.89 ? 2   DG  B "H4'"  1 
ATOM   752  H  "H3'"  . DG  B 2 3  ? -3.373  -4.643  4.908   1.00 143.82 ? 2   DG  B "H3'"  1 
ATOM   753  H  "H2'"  . DG  B 2 3  ? -1.844  -3.265  4.043   1.00 124.21 ? 2   DG  B "H2'"  1 
ATOM   754  H  "H2''" . DG  B 2 3  ? -1.007  -3.631  5.352   1.00 124.21 ? 2   DG  B "H2''" 1 
ATOM   755  H  "H1'"  . DG  B 2 3  ? 0.213   -5.172  4.283   1.00 116.54 ? 2   DG  B "H1'"  1 
ATOM   756  H  H8     . DG  B 2 3  ? -1.116  -3.850  1.161   1.00 114.68 ? 2   DG  B H8     1 
ATOM   757  H  H1     . DG  B 2 3  ? 4.561   -1.825  2.222   1.00 131.43 ? 2   DG  B H1     1 
ATOM   758  H  H21    . DG  B 2 3  ? 4.433   -3.251  5.154   1.00 136.41 ? 2   DG  B H21    1 
ATOM   759  H  H22    . DG  B 2 3  ? 5.274   -2.449  4.223   1.00 136.41 ? 2   DG  B H22    1 
ATOM   760  P  P      . DT  B 2 4  ? -2.644  -4.807  7.536   1.00 151.54 ? 3   DT  B P      1 
ATOM   761  O  OP1    . DT  B 2 4  ? -2.743  -5.787  8.641   1.00 136.55 ? 3   DT  B OP1    1 
ATOM   762  O  OP2    . DT  B 2 4  ? -3.776  -3.904  7.233   1.00 113.40 ? 3   DT  B OP2    1 
ATOM   763  O  "O5'"  . DT  B 2 4  ? -1.374  -3.891  7.791   1.00 135.75 ? 3   DT  B "O5'"  1 
ATOM   764  C  "C5'"  . DT  B 2 4  ? -1.104  -3.440  9.079   1.00 128.41 ? 3   DT  B "C5'"  1 
ATOM   765  C  "C4'"  . DT  B 2 4  ? 0.319   -2.956  9.180   1.00 118.32 ? 3   DT  B "C4'"  1 
ATOM   766  O  "O4'"  . DT  B 2 4  ? 0.857   -2.728  7.837   1.00 117.31 ? 3   DT  B "O4'"  1 
ATOM   767  C  "C3'"  . DT  B 2 4  ? 0.482   -1.630  9.922   1.00 124.31 ? 3   DT  B "C3'"  1 
ATOM   768  O  "O3'"  . DT  B 2 4  ? 1.600   -1.689  10.799  1.00 129.66 ? 3   DT  B "O3'"  1 
ATOM   769  C  "C2'"  . DT  B 2 4  ? 0.675   -0.645  8.782   1.00 114.90 ? 3   DT  B "C2'"  1 
ATOM   770  C  "C1'"  . DT  B 2 4  ? 1.504   -1.478  7.839   1.00 109.94 ? 3   DT  B "C1'"  1 
ATOM   771  N  N1     . DT  B 2 4  ? 1.599   -0.931  6.453   1.00 104.73 ? 3   DT  B N1     1 
ATOM   772  C  C2     . DT  B 2 4  ? 2.756   -0.290  6.082   1.00 111.64 ? 3   DT  B C2     1 
ATOM   773  O  O2     . DT  B 2 4  ? 3.707   -0.155  6.827   1.00 121.47 ? 3   DT  B O2     1 
ATOM   774  N  N3     . DT  B 2 4  ? 2.760   0.196   4.806   1.00 108.37 ? 3   DT  B N3     1 
ATOM   775  C  C4     . DT  B 2 4  ? 1.746   0.106   3.878   1.00 100.90 ? 3   DT  B C4     1 
ATOM   776  O  O4     . DT  B 2 4  ? 1.844   0.573   2.749   1.00 102.06 ? 3   DT  B O4     1 
ATOM   777  C  C5     . DT  B 2 4  ? 0.559   -0.576  4.325   1.00 90.14  ? 3   DT  B C5     1 
ATOM   778  C  C7     . DT  B 2 4  ? -0.600  -0.720  3.393   1.00 85.01  ? 3   DT  B C7     1 
ATOM   779  C  C6     . DT  B 2 4  ? 0.536   -1.055  5.582   1.00 98.40  ? 3   DT  B C6     1 
ATOM   780  H  "H5'"  . DT  B 2 4  ? -1.241  -4.164  9.709   1.00 154.19 ? 3   DT  B "H5'"  1 
ATOM   781  H  "H5''" . DT  B 2 4  ? -1.706  -2.709  9.295   1.00 154.19 ? 3   DT  B "H5''" 1 
ATOM   782  H  "H4'"  . DT  B 2 4  ? 0.852   -3.634  9.623   1.00 142.09 ? 3   DT  B "H4'"  1 
ATOM   783  H  "H3'"  . DT  B 2 4  ? -0.326  -1.419  10.416  1.00 149.28 ? 3   DT  B "H3'"  1 
ATOM   784  H  "H2'"  . DT  B 2 4  ? -0.174  -0.403  8.381   1.00 137.98 ? 3   DT  B "H2'"  1 
ATOM   785  H  "H2''" . DT  B 2 4  ? 1.163   0.140   9.077   1.00 137.98 ? 3   DT  B "H2''" 1 
ATOM   786  H  "H1'"  . DT  B 2 4  ? 2.397   -1.582  8.204   1.00 132.03 ? 3   DT  B "H1'"  1 
ATOM   787  H  H3     . DT  B 2 4  ? 3.476   0.601   4.553   1.00 130.15 ? 3   DT  B H3     1 
ATOM   788  H  H71    . DT  B 2 4  ? -0.788  -1.661  3.254   1.00 102.11 ? 3   DT  B H71    1 
ATOM   789  H  H72    . DT  B 2 4  ? -1.380  -0.288  3.777   1.00 102.11 ? 3   DT  B H72    1 
ATOM   790  H  H73    . DT  B 2 4  ? -0.386  -0.304  2.543   1.00 102.11 ? 3   DT  B H73    1 
ATOM   791  H  H6     . DT  B 2 4  ? -0.228  -1.498  5.875   1.00 118.18 ? 3   DT  B H6     1 
ATOM   792  P  P      . DC  B 2 5  ? 1.710   -0.697  12.058  1.00 150.60 ? 4   DC  B P      1 
ATOM   793  O  OP1    . DC  B 2 5  ? 1.933   -1.538  13.257  1.00 157.60 ? 4   DC  B OP1    1 
ATOM   794  O  OP2    . DC  B 2 5  ? 0.545   0.220   11.998  1.00 125.32 ? 4   DC  B OP2    1 
ATOM   795  O  "O5'"  . DC  B 2 5  ? 3.028   0.155   11.740  1.00 110.09 ? 4   DC  B "O5'"  1 
ATOM   796  C  "C5'"  . DC  B 2 5  ? 3.191   0.679   10.442  1.00 98.06  ? 4   DC  B "C5'"  1 
ATOM   797  C  "C4'"  . DC  B 2 5  ? 4.452   1.509   10.303  1.00 101.91 ? 4   DC  B "C4'"  1 
ATOM   798  O  "O4'"  . DC  B 2 5  ? 4.621   1.864   8.910   1.00 105.57 ? 4   DC  B "O4'"  1 
ATOM   799  C  "C3'"  . DC  B 2 5  ? 4.428   2.850   10.995  1.00 87.00  ? 4   DC  B "C3'"  1 
ATOM   800  O  "O3'"  . DC  B 2 5  ? 5.743   3.391   11.083  1.00 66.21  ? 4   DC  B "O3'"  1 
ATOM   801  C  "C2'"  . DC  B 2 5  ? 3.550   3.634   10.040  1.00 87.35  ? 4   DC  B "C2'"  1 
ATOM   802  C  "C1'"  . DC  B 2 5  ? 4.118   3.181   8.698   1.00 89.78  ? 4   DC  B "C1'"  1 
ATOM   803  N  N1     . DC  B 2 5  ? 3.139   3.122   7.575   1.00 82.43  ? 4   DC  B N1     1 
ATOM   804  C  C2     . DC  B 2 5  ? 3.440   3.753   6.360   1.00 85.81  ? 4   DC  B C2     1 
ATOM   805  O  O2     . DC  B 2 5  ? 4.501   4.379   6.247   1.00 83.52  ? 4   DC  B O2     1 
ATOM   806  N  N3     . DC  B 2 5  ? 2.554   3.669   5.341   1.00 78.77  ? 4   DC  B N3     1 
ATOM   807  C  C4     . DC  B 2 5  ? 1.419   2.987   5.498   1.00 90.63  ? 4   DC  B C4     1 
ATOM   808  N  N4     . DC  B 2 5  ? 0.577   2.931   4.464   1.00 101.30 ? 4   DC  B N4     1 
ATOM   809  C  C5     . DC  B 2 5  ? 1.099   2.329   6.722   1.00 81.89  ? 4   DC  B C5     1 
ATOM   810  C  C6     . DC  B 2 5  ? 1.981   2.416   7.721   1.00 73.03  ? 4   DC  B C6     1 
ATOM   811  H  "H5'"  . DC  B 2 5  ? 2.425   1.234   10.230  1.00 117.78 ? 4   DC  B "H5'"  1 
ATOM   812  H  "H5''" . DC  B 2 5  ? 3.229   -0.056  9.810   1.00 117.78 ? 4   DC  B "H5''" 1 
ATOM   813  H  "H4'"  . DC  B 2 5  ? 5.219   0.997   10.605  1.00 122.39 ? 4   DC  B "H4'"  1 
ATOM   814  H  "H3'"  . DC  B 2 5  ? 4.016   2.781   11.870  1.00 104.51 ? 4   DC  B "H3'"  1 
ATOM   815  H  "H2'"  . DC  B 2 5  ? 2.618   3.376   10.130  1.00 104.92 ? 4   DC  B "H2'"  1 
ATOM   816  H  "H2''" . DC  B 2 5  ? 3.665   4.590   10.162  1.00 104.92 ? 4   DC  B "H2''" 1 
ATOM   817  H  "H1'"  . DC  B 2 5  ? 4.851   3.765   8.449   1.00 107.84 ? 4   DC  B "H1'"  1 
ATOM   818  H  H41    . DC  B 2 5  ? -0.161  2.496   4.534   1.00 121.66 ? 4   DC  B H41    1 
ATOM   819  H  H42    . DC  B 2 5  ? 0.773   3.329   3.727   1.00 121.66 ? 4   DC  B H42    1 
ATOM   820  H  H5     . DC  B 2 5  ? 0.306   1.853   6.820   1.00 98.36  ? 4   DC  B H5     1 
ATOM   821  H  H6     . DC  B 2 5  ? 1.799   1.996   8.531   1.00 87.73  ? 4   DC  B H6     1 
ATOM   822  P  P      . DA  B 2 6  ? 6.015   4.743   11.906  1.00 93.48  ? 5   DA  B P      1 
ATOM   823  O  OP1    . DA  B 2 6  ? 7.119   4.452   12.849  1.00 87.44  ? 5   DA  B OP1    1 
ATOM   824  O  OP2    . DA  B 2 6  ? 4.702   5.208   12.409  1.00 115.11 ? 5   DA  B OP2    1 
ATOM   825  O  "O5'"  . DA  B 2 6  ? 6.492   5.806   10.797  1.00 95.37  ? 5   DA  B "O5'"  1 
ATOM   826  C  "C5'"  . DA  B 2 6  ? 5.531   6.379   9.908   1.00 88.63  ? 5   DA  B "C5'"  1 
ATOM   827  C  "C4'"  . DA  B 2 6  ? 6.103   7.546   9.126   1.00 96.75  ? 5   DA  B "C4'"  1 
ATOM   828  O  "O4'"  . DA  B 2 6  ? 5.501   7.563   7.813   1.00 108.27 ? 5   DA  B "O4'"  1 
ATOM   829  C  "C3'"  . DA  B 2 6  ? 5.811   8.921   9.705   1.00 75.01  ? 5   DA  B "C3'"  1 
ATOM   830  O  "O3'"  . DA  B 2 6  ? 6.817   9.862   9.324   1.00 64.12  ? 5   DA  B "O3'"  1 
ATOM   831  C  "C2'"  . DA  B 2 6  ? 4.445   9.259   9.111   1.00 91.14  ? 5   DA  B "C2'"  1 
ATOM   832  C  "C1'"  . DA  B 2 6  ? 4.414   8.473   7.792   1.00 87.70  ? 5   DA  B "C1'"  1 
ATOM   833  N  N9     . DA  B 2 6  ? 3.173   7.723   7.590   1.00 84.36  ? 5   DA  B N9     1 
ATOM   834  C  C8     . DA  B 2 6  ? 2.479   7.009   8.525   1.00 78.02  ? 5   DA  B C8     1 
ATOM   835  N  N7     . DA  B 2 6  ? 1.392   6.444   8.064   1.00 88.53  ? 5   DA  B N7     1 
ATOM   836  C  C5     . DA  B 2 6  ? 1.370   6.809   6.730   1.00 85.94  ? 5   DA  B C5     1 
ATOM   837  C  C6     . DA  B 2 6  ? 0.469   6.524   5.684   1.00 90.52  ? 5   DA  B C6     1 
ATOM   838  N  N6     . DA  B 2 6  ? -0.626  5.775   5.839   1.00 90.47  ? 5   DA  B N6     1 
ATOM   839  N  N1     . DA  B 2 6  ? 0.737   7.044   4.468   1.00 93.97  ? 5   DA  B N1     1 
ATOM   840  C  C2     . DA  B 2 6  ? 1.834   7.795   4.317   1.00 96.97  ? 5   DA  B C2     1 
ATOM   841  N  N3     . DA  B 2 6  ? 2.752   8.130   5.225   1.00 97.70  ? 5   DA  B N3     1 
ATOM   842  C  C4     . DA  B 2 6  ? 2.458   7.599   6.420   1.00 88.93  ? 5   DA  B C4     1 
ATOM   843  H  "H5'"  . DA  B 2 6  ? 4.770   6.688   10.424  1.00 106.46 ? 5   DA  B "H5'"  1 
ATOM   844  H  "H5''" . DA  B 2 6  ? 5.233   5.697   9.284   1.00 106.46 ? 5   DA  B "H5''" 1 
ATOM   845  H  "H4'"  . DA  B 2 6  ? 7.062   7.434   9.036   1.00 116.20 ? 5   DA  B "H4'"  1 
ATOM   846  H  "H3'"  . DA  B 2 6  ? 5.750   8.868   10.671  1.00 90.12  ? 5   DA  B "H3'"  1 
ATOM   847  H  "HO3'" . DA  B 2 6  ? 7.267   10.257  9.914   1.00 77.05  ? 5   DA  B "HO3'" 1 
ATOM   848  H  "H2'"  . DA  B 2 6  ? 3.735   8.963   9.700   1.00 109.47 ? 5   DA  B "H2'"  1 
ATOM   849  H  "H2''" . DA  B 2 6  ? 4.375   10.212  8.942   1.00 109.47 ? 5   DA  B "H2''" 1 
ATOM   850  H  "H1'"  . DA  B 2 6  ? 4.533   9.090   7.052   1.00 105.35 ? 5   DA  B "H1'"  1 
ATOM   851  H  H8     . DA  B 2 6  ? 2.752   6.935   9.411   1.00 93.73  ? 5   DA  B H8     1 
ATOM   852  H  H61    . DA  B 2 6  ? -1.148  5.633   5.171   1.00 108.67 ? 5   DA  B H61    1 
ATOM   853  H  H62    . DA  B 2 6  ? -0.810  5.436   6.608   1.00 108.67 ? 5   DA  B H62    1 
ATOM   854  H  H2     . DA  B 2 6  ? 1.975   8.130   3.462   1.00 116.47 ? 5   DA  B H2     1 
ATOM   855  O  "O5'"  . DT  C 3 1  ? 8.121   -34.619 -11.484 1.00 110.47 ? 1   DT  C "O5'"  1 
ATOM   856  C  "C5'"  . DT  C 3 1  ? 7.809   -35.443 -10.374 1.00 118.02 ? 1   DT  C "C5'"  1 
ATOM   857  C  "C4'"  . DT  C 3 1  ? 8.654   -35.073 -9.170  1.00 120.01 ? 1   DT  C "C4'"  1 
ATOM   858  O  "O4'"  . DT  C 3 1  ? 10.008  -34.804 -9.618  1.00 117.43 ? 1   DT  C "O4'"  1 
ATOM   859  C  "C3'"  . DT  C 3 1  ? 8.176   -33.834 -8.416  1.00 120.59 ? 1   DT  C "C3'"  1 
ATOM   860  O  "O3'"  . DT  C 3 1  ? 8.064   -34.082 -6.991  1.00 134.73 ? 1   DT  C "O3'"  1 
ATOM   861  C  "C2'"  . DT  C 3 1  ? 9.201   -32.755 -8.742  1.00 121.91 ? 1   DT  C "C2'"  1 
ATOM   862  C  "C1'"  . DT  C 3 1  ? 10.434  -33.522 -9.212  1.00 117.59 ? 1   DT  C "C1'"  1 
ATOM   863  N  N1     . DT  C 3 1  ? 11.138  -32.877 -10.365 1.00 109.16 ? 1   DT  C N1     1 
ATOM   864  C  C2     . DT  C 3 1  ? 12.444  -32.468 -10.216 1.00 117.70 ? 1   DT  C C2     1 
ATOM   865  O  O2     . DT  C 3 1  ? 13.072  -32.602 -9.181  1.00 121.71 ? 1   DT  C O2     1 
ATOM   866  N  N3     . DT  C 3 1  ? 12.995  -31.892 -11.332 1.00 120.88 ? 1   DT  C N3     1 
ATOM   867  C  C4     . DT  C 3 1  ? 12.381  -31.686 -12.554 1.00 114.35 ? 1   DT  C C4     1 
ATOM   868  O  O4     . DT  C 3 1  ? 12.957  -31.158 -13.501 1.00 106.09 ? 1   DT  C O4     1 
ATOM   869  C  C5     . DT  C 3 1  ? 11.016  -32.137 -12.641 1.00 100.50 ? 1   DT  C C5     1 
ATOM   870  C  C7     . DT  C 3 1  ? 10.255  -31.966 -13.917 1.00 88.70  ? 1   DT  C C7     1 
ATOM   871  C  C6     . DT  C 3 1  ? 10.465  -32.706 -11.558 1.00 101.41 ? 1   DT  C C6     1 
ATOM   872  H  "H5'"  . DT  C 3 1  ? 7.976   -36.370 -10.608 1.00 141.73 ? 1   DT  C "H5'"  1 
ATOM   873  H  "H5''" . DT  C 3 1  ? 6.872   -35.336 -10.150 1.00 141.73 ? 1   DT  C "H5''" 1 
ATOM   874  H  "H4'"  . DT  C 3 1  ? 8.671   -35.826 -8.558  1.00 144.12 ? 1   DT  C "H4'"  1 
ATOM   875  H  "H3'"  . DT  C 3 1  ? 7.311   -33.565 -8.762  1.00 144.81 ? 1   DT  C "H3'"  1 
ATOM   876  H  "H2'"  . DT  C 3 1  ? 8.872   -32.180 -9.451  1.00 146.40 ? 1   DT  C "H2'"  1 
ATOM   877  H  "H2''" . DT  C 3 1  ? 9.408   -32.235 -7.950  1.00 146.40 ? 1   DT  C "H2''" 1 
ATOM   878  H  "H1'"  . DT  C 3 1  ? 11.053  -33.612 -8.471  1.00 141.21 ? 1   DT  C "H1'"  1 
ATOM   879  H  H3     . DT  C 3 1  ? 13.810  -31.627 -11.263 1.00 145.16 ? 1   DT  C H3     1 
ATOM   880  H  H71    . DT  C 3 1  ? 9.975   -32.835 -14.245 1.00 106.54 ? 1   DT  C H71    1 
ATOM   881  H  H72    . DT  C 3 1  ? 9.474   -31.414 -13.755 1.00 106.54 ? 1   DT  C H72    1 
ATOM   882  H  H73    . DT  C 3 1  ? 10.822  -31.539 -14.577 1.00 106.54 ? 1   DT  C H73    1 
ATOM   883  H  H6     . DT  C 3 1  ? 9.583   -32.996 -11.612 1.00 121.80 ? 1   DT  C H6     1 
ATOM   884  H  "HO5'" . DT  C 3 1  ? 8.811   -34.770 -11.939 1.00 132.67 ? 1   DT  C "HO5'" 1 
ATOM   885  P  P      . DC  C 3 2  ? 9.312   -34.586 -6.101  1.00 159.30 ? 2   DC  C P      1 
ATOM   886  O  OP1    . DC  C 3 2  ? 9.837   -35.847 -6.667  1.00 149.08 ? 2   DC  C OP1    1 
ATOM   887  O  OP2    . DC  C 3 2  ? 8.835   -34.579 -4.700  1.00 152.24 ? 2   DC  C OP2    1 
ATOM   888  O  "O5'"  . DC  C 3 2  ? 10.439  -33.457 -6.270  1.00 131.63 ? 2   DC  C "O5'"  1 
ATOM   889  C  "C5'"  . DC  C 3 2  ? 10.471  -32.335 -5.396  1.00 129.07 ? 2   DC  C "C5'"  1 
ATOM   890  C  "C4'"  . DC  C 3 2  ? 11.901  -31.900 -5.099  1.00 128.47 ? 2   DC  C "C4'"  1 
ATOM   891  O  "O4'"  . DC  C 3 2  ? 12.596  -31.606 -6.342  1.00 109.76 ? 2   DC  C "O4'"  1 
ATOM   892  C  "C3'"  . DC  C 3 2  ? 12.011  -30.621 -4.294  1.00 134.60 ? 2   DC  C "C3'"  1 
ATOM   893  O  "O3'"  . DC  C 3 2  ? 13.276  -30.529 -3.623  1.00 145.56 ? 2   DC  C "O3'"  1 
ATOM   894  C  "C2'"  . DC  C 3 2  ? 11.859  -29.579 -5.386  1.00 134.12 ? 2   DC  C "C2'"  1 
ATOM   895  C  "C1'"  . DC  C 3 2  ? 12.686  -30.196 -6.512  1.00 120.07 ? 2   DC  C "C1'"  1 
ATOM   896  N  N1     . DC  C 3 2  ? 12.202  -29.859 -7.886  1.00 118.36 ? 2   DC  C N1     1 
ATOM   897  C  C2     . DC  C 3 2  ? 13.060  -29.241 -8.803  1.00 112.89 ? 2   DC  C C2     1 
ATOM   898  O  O2     . DC  C 3 2  ? 14.217  -28.971 -8.460  1.00 111.29 ? 2   DC  C O2     1 
ATOM   899  N  N3     . DC  C 3 2  ? 12.596  -28.950 -10.045 1.00 103.98 ? 2   DC  C N3     1 
ATOM   900  C  C4     . DC  C 3 2  ? 11.342  -29.257 -10.378 1.00 113.36 ? 2   DC  C C4     1 
ATOM   901  N  N4     . DC  C 3 2  ? 10.927  -28.954 -11.610 1.00 107.65 ? 2   DC  C N4     1 
ATOM   902  C  C5     . DC  C 3 2  ? 10.456  -29.890 -9.460  1.00 114.67 ? 2   DC  C C5     1 
ATOM   903  C  C6     . DC  C 3 2  ? 10.923  -30.171 -8.240  1.00 116.00 ? 2   DC  C C6     1 
ATOM   904  H  "H5'"  . DC  C 3 2  ? 10.032  -32.569 -4.564  1.00 154.99 ? 2   DC  C "H5'"  1 
ATOM   905  H  "H5''" . DC  C 3 2  ? 9.995   -31.597 -5.809  1.00 154.99 ? 2   DC  C "H5''" 1 
ATOM   906  H  "H4'"  . DC  C 3 2  ? 12.365  -32.614 -4.634  1.00 154.27 ? 2   DC  C "H4'"  1 
ATOM   907  H  "H3'"  . DC  C 3 2  ? 11.280  -30.556 -3.659  1.00 161.62 ? 2   DC  C "H3'"  1 
ATOM   908  H  "H2'"  . DC  C 3 2  ? 10.929  -29.486 -5.650  1.00 161.05 ? 2   DC  C "H2'"  1 
ATOM   909  H  "H2''" . DC  C 3 2  ? 12.231  -28.727 -5.109  1.00 161.05 ? 2   DC  C "H2''" 1 
ATOM   910  H  "H1'"  . DC  C 3 2  ? 13.611  -29.921 -6.420  1.00 144.19 ? 2   DC  C "H1'"  1 
ATOM   911  H  H41    . DC  C 3 2  ? 10.127  -29.152 -11.855 1.00 129.28 ? 2   DC  C H41    1 
ATOM   912  H  H42    . DC  C 3 2  ? 11.460  -28.559 -12.158 1.00 129.28 ? 2   DC  C H42    1 
ATOM   913  H  H5     . DC  C 3 2  ? 9.583   -30.100 -9.701  1.00 137.71 ? 2   DC  C H5     1 
ATOM   914  H  H6     . DC  C 3 2  ? 10.364  -30.582 -7.620  1.00 139.30 ? 2   DC  C H6     1 
ATOM   915  P  P      . DT  C 3 3  ? 13.547  -29.364 -2.545  1.00 168.48 ? 3   DT  C P      1 
ATOM   916  O  OP1    . DT  C 3 3  ? 14.792  -29.693 -1.808  1.00 167.96 ? 3   DT  C OP1    1 
ATOM   917  O  OP2    . DT  C 3 3  ? 12.284  -29.143 -1.804  1.00 153.96 ? 3   DT  C OP2    1 
ATOM   918  O  "O5'"  . DT  C 3 3  ? 13.860  -28.078 -3.443  1.00 140.73 ? 3   DT  C "O5'"  1 
ATOM   919  C  "C5'"  . DT  C 3 3  ? 14.793  -28.173 -4.515  1.00 141.16 ? 3   DT  C "C5'"  1 
ATOM   920  C  "C4'"  . DT  C 3 3  ? 15.865  -27.100 -4.421  1.00 149.29 ? 3   DT  C "C4'"  1 
ATOM   921  O  "O4'"  . DT  C 3 3  ? 16.024  -26.487 -5.723  1.00 155.34 ? 3   DT  C "O4'"  1 
ATOM   922  C  "C3'"  . DT  C 3 3  ? 15.571  -25.950 -3.464  1.00 146.48 ? 3   DT  C "C3'"  1 
ATOM   923  O  "O3'"  . DT  C 3 3  ? 16.782  -25.455 -2.870  1.00 159.13 ? 3   DT  C "O3'"  1 
ATOM   924  C  "C2'"  . DT  C 3 3  ? 14.874  -24.910 -4.348  1.00 140.73 ? 3   DT  C "C2'"  1 
ATOM   925  C  "C1'"  . DT  C 3 3  ? 15.333  -25.248 -5.779  1.00 140.28 ? 3   DT  C "C1'"  1 
ATOM   926  N  N1     . DT  C 3 3  ? 14.202  -25.356 -6.806  1.00 126.70 ? 3   DT  C N1     1 
ATOM   927  C  C2     . DT  C 3 3  ? 14.415  -24.909 -8.101  1.00 125.42 ? 3   DT  C C2     1 
ATOM   928  O  O2     . DT  C 3 3  ? 15.476  -24.435 -8.479  1.00 118.61 ? 3   DT  C O2     1 
ATOM   929  N  N3     . DT  C 3 3  ? 13.332  -25.054 -8.941  1.00 116.82 ? 3   DT  C N3     1 
ATOM   930  C  C4     . DT  C 3 3  ? 12.089  -25.582 -8.622  1.00 107.18 ? 3   DT  C C4     1 
ATOM   931  O  O4     . DT  C 3 3  ? 11.177  -25.669 -9.436  1.00 102.82 ? 3   DT  C O4     1 
ATOM   932  C  C5     . DT  C 3 3  ? 11.933  -26.027 -7.260  1.00 103.68 ? 3   DT  C C5     1 
ATOM   933  C  C7     . DT  C 3 3  ? 10.620  -26.613 -6.808  1.00 94.76  ? 3   DT  C C7     1 
ATOM   934  C  C6     . DT  C 3 3  ? 12.978  -25.894 -6.427  1.00 107.64 ? 3   DT  C C6     1 
ATOM   935  H  "H5'"  . DT  C 3 3  ? 14.319  -28.074 -5.356  1.00 169.49 ? 3   DT  C "H5'"  1 
ATOM   936  H  "H5''" . DT  C 3 3  ? 15.215  -29.045 -4.491  1.00 169.49 ? 3   DT  C "H5''" 1 
ATOM   937  H  "H4'"  . DT  C 3 3  ? 16.702  -27.514 -4.165  1.00 179.25 ? 3   DT  C "H4'"  1 
ATOM   938  H  "H3'"  . DT  C 3 3  ? 14.963  -26.250 -2.770  1.00 175.88 ? 3   DT  C "H3'"  1 
ATOM   939  H  "H2'"  . DT  C 3 3  ? 13.910  -24.994 -4.274  1.00 168.98 ? 3   DT  C "H2'"  1 
ATOM   940  H  "H2''" . DT  C 3 3  ? 15.157  -24.014 -4.106  1.00 168.98 ? 3   DT  C "H2''" 1 
ATOM   941  H  "H1'"  . DT  C 3 3  ? 15.953  -24.563 -6.074  1.00 168.44 ? 3   DT  C "H1'"  1 
ATOM   942  H  H3     . DT  C 3 3  ? 13.437  -24.789 -9.753  1.00 140.29 ? 3   DT  C H3     1 
ATOM   943  H  H71    . DT  C 3 3  ? 9.995   -26.617 -7.550  1.00 113.81 ? 3   DT  C H71    1 
ATOM   944  H  H72    . DT  C 3 3  ? 10.761  -27.522 -6.499  1.00 113.81 ? 3   DT  C H72    1 
ATOM   945  H  H73    . DT  C 3 3  ? 10.259  -26.077 -6.084  1.00 113.81 ? 3   DT  C H73    1 
ATOM   946  H  H6     . DT  C 3 3  ? 12.875  -26.177 -5.546  1.00 129.27 ? 3   DT  C H6     1 
ATOM   947  P  P      . DG  C 3 4  ? 16.749  -24.215 -1.844  1.00 169.23 ? 4   DG  C P      1 
ATOM   948  O  OP1    . DG  C 3 4  ? 17.957  -24.281 -0.992  1.00 174.07 ? 4   DG  C OP1    1 
ATOM   949  O  OP2    . DG  C 3 4  ? 15.416  -24.187 -1.204  1.00 153.37 ? 4   DG  C OP2    1 
ATOM   950  O  "O5'"  . DG  C 3 4  ? 16.883  -22.939 -2.797  1.00 140.11 ? 4   DG  C "O5'"  1 
ATOM   951  C  "C5'"  . DG  C 3 4  ? 17.714  -23.011 -3.950  1.00 145.28 ? 4   DG  C "C5'"  1 
ATOM   952  C  "C4'"  . DG  C 3 4  ? 17.595  -21.753 -4.787  1.00 139.20 ? 4   DG  C "C4'"  1 
ATOM   953  O  "O4'"  . DG  C 3 4  ? 16.395  -21.826 -5.606  1.00 138.05 ? 4   DG  C "O4'"  1 
ATOM   954  C  "C3'"  . DG  C 3 4  ? 17.467  -20.470 -3.986  1.00 137.12 ? 4   DG  C "C3'"  1 
ATOM   955  O  "O3'"  . DG  C 3 4  ? 18.076  -19.408 -4.653  1.00 129.90 ? 4   DG  C "O3'"  1 
ATOM   956  C  "C2'"  . DG  C 3 4  ? 15.967  -20.281 -3.876  1.00 136.25 ? 4   DG  C "C2'"  1 
ATOM   957  C  "C1'"  . DG  C 3 4  ? 15.470  -20.828 -5.208  1.00 125.49 ? 4   DG  C "C1'"  1 
ATOM   958  N  N9     . DG  C 3 4  ? 14.140  -21.426 -5.137  1.00 121.63 ? 4   DG  C N9     1 
ATOM   959  C  C8     . DG  C 3 4  ? 13.517  -21.935 -4.022  1.00 133.09 ? 4   DG  C C8     1 
ATOM   960  N  N7     . DG  C 3 4  ? 12.328  -22.407 -4.261  1.00 134.63 ? 4   DG  C N7     1 
ATOM   961  C  C5     . DG  C 3 4  ? 12.145  -22.193 -5.620  1.00 124.61 ? 4   DG  C C5     1 
ATOM   962  C  C6     . DG  C 3 4  ? 11.039  -22.498 -6.446  1.00 110.36 ? 4   DG  C C6     1 
ATOM   963  O  O6     . DG  C 3 4  ? 9.967   -23.034 -6.127  1.00 106.72 ? 4   DG  C O6     1 
ATOM   964  N  N1     . DG  C 3 4  ? 11.263  -22.114 -7.766  1.00 107.54 ? 4   DG  C N1     1 
ATOM   965  C  C2     . DG  C 3 4  ? 12.415  -21.512 -8.226  1.00 117.22 ? 4   DG  C C2     1 
ATOM   966  N  N2     . DG  C 3 4  ? 12.454  -21.214 -9.529  1.00 115.61 ? 4   DG  C N2     1 
ATOM   967  N  N3     . DG  C 3 4  ? 13.458  -21.222 -7.458  1.00 117.46 ? 4   DG  C N3     1 
ATOM   968  C  C4     . DG  C 3 4  ? 13.253  -21.589 -6.173  1.00 123.06 ? 4   DG  C C4     1 
ATOM   969  H  "H5'"  . DG  C 3 4  ? 17.450  -23.775 -4.486  1.00 174.44 ? 4   DG  C "H5'"  1 
ATOM   970  H  "H5''" . DG  C 3 4  ? 18.637  -23.121 -3.671  1.00 174.44 ? 4   DG  C "H5''" 1 
ATOM   971  H  "H4'"  . DG  C 3 4  ? 18.369  -21.687 -5.367  1.00 167.15 ? 4   DG  C "H4'"  1 
ATOM   972  H  "H3'"  . DG  C 3 4  ? 17.857  -20.583 -3.106  1.00 164.65 ? 4   DG  C "H3'"  1 
ATOM   973  H  "H2'"  . DG  C 3 4  ? 15.609  -20.796 -3.137  1.00 163.60 ? 4   DG  C "H2'"  1 
ATOM   974  H  "H2''" . DG  C 3 4  ? 15.744  -19.342 -3.784  1.00 163.60 ? 4   DG  C "H2''" 1 
ATOM   975  H  "H1'"  . DG  C 3 4  ? 15.466  -20.115 -5.865  1.00 150.69 ? 4   DG  C "H1'"  1 
ATOM   976  H  H8     . DG  C 3 4  ? 13.911  -21.947 -3.180  1.00 159.81 ? 4   DG  C H8     1 
ATOM   977  H  H1     . DG  C 3 4  ? 10.639  -22.265 -8.336  1.00 129.16 ? 4   DG  C H1     1 
ATOM   978  H  H21    . DG  C 3 4  ? 13.150  -20.836 -9.864  1.00 138.83 ? 4   DG  C H21    1 
ATOM   979  H  H22    . DG  C 3 4  ? 11.781  -21.399 -10.032 1.00 138.83 ? 4   DG  C H22    1 
ATOM   980  P  P      . DA  C 3 5  ? 18.506  -18.104 -3.831  1.00 150.36 ? 5   DA  C P      1 
ATOM   981  O  OP1    . DA  C 3 5  ? 19.849  -18.377 -3.276  1.00 151.76 ? 5   DA  C OP1    1 
ATOM   982  O  OP2    . DA  C 3 5  ? 17.387  -17.751 -2.924  1.00 142.86 ? 5   DA  C OP2    1 
ATOM   983  O  "O5'"  . DA  C 3 5  ? 18.624  -16.973 -4.954  1.00 151.89 ? 5   DA  C "O5'"  1 
ATOM   984  C  "C5'"  . DA  C 3 5  ? 19.284  -17.260 -6.184  1.00 144.86 ? 5   DA  C "C5'"  1 
ATOM   985  C  "C4'"  . DA  C 3 5  ? 18.502  -16.710 -7.359  1.00 143.44 ? 5   DA  C "C4'"  1 
ATOM   986  O  "O4'"  . DA  C 3 5  ? 17.211  -17.395 -7.461  1.00 148.91 ? 5   DA  C "O4'"  1 
ATOM   987  C  "C3'"  . DA  C 3 5  ? 18.165  -15.229 -7.255  1.00 128.39 ? 5   DA  C "C3'"  1 
ATOM   988  O  "O3'"  . DA  C 3 5  ? 18.155  -14.627 -8.547  1.00 122.93 ? 5   DA  C "O3'"  1 
ATOM   989  C  "C2'"  . DA  C 3 5  ? 16.785  -15.270 -6.620  1.00 119.60 ? 5   DA  C "C2'"  1 
ATOM   990  C  "C1'"  . DA  C 3 5  ? 16.169  -16.434 -7.372  1.00 128.79 ? 5   DA  C "C1'"  1 
ATOM   991  N  N9     . DA  C 3 5  ? 14.997  -17.037 -6.724  1.00 126.57 ? 5   DA  C N9     1 
ATOM   992  C  C8     . DA  C 3 5  ? 14.872  -17.397 -5.409  1.00 120.64 ? 5   DA  C C8     1 
ATOM   993  N  N7     . DA  C 3 5  ? 13.700  -17.910 -5.111  1.00 116.63 ? 5   DA  C N7     1 
ATOM   994  C  C5     . DA  C 3 5  ? 13.005  -17.884 -6.310  1.00 116.70 ? 5   DA  C C5     1 
ATOM   995  C  C6     . DA  C 3 5  ? 11.699  -18.292 -6.662  1.00 109.90 ? 5   DA  C C6     1 
ATOM   996  N  N6     . DA  C 3 5  ? 10.841  -18.826 -5.788  1.00 100.63 ? 5   DA  C N6     1 
ATOM   997  N  N1     . DA  C 3 5  ? 11.311  -18.126 -7.947  1.00 108.94 ? 5   DA  C N1     1 
ATOM   998  C  C2     . DA  C 3 5  ? 12.179  -17.591 -8.816  1.00 113.95 ? 5   DA  C C2     1 
ATOM   999  N  N3     . DA  C 3 5  ? 13.431  -17.173 -8.603  1.00 118.58 ? 5   DA  C N3     1 
ATOM   1000 C  C4     . DA  C 3 5  ? 13.786  -17.349 -7.317  1.00 119.55 ? 5   DA  C C4     1 
ATOM   1001 H  "H5'"  . DA  C 3 5  ? 19.373  -18.221 -6.281  1.00 173.94 ? 5   DA  C "H5'"  1 
ATOM   1002 H  "H5''" . DA  C 3 5  ? 20.168  -16.858 -6.173  1.00 173.94 ? 5   DA  C "H5''" 1 
ATOM   1003 H  "H4'"  . DA  C 3 5  ? 19.006  -16.863 -8.174  1.00 172.23 ? 5   DA  C "H4'"  1 
ATOM   1004 H  "H3'"  . DA  C 3 5  ? 18.794  -14.778 -6.670  1.00 154.17 ? 5   DA  C "H3'"  1 
ATOM   1005 H  "H2'"  . DA  C 3 5  ? 16.843  -15.459 -5.670  1.00 143.62 ? 5   DA  C "H2'"  1 
ATOM   1006 H  "H2''" . DA  C 3 5  ? 16.299  -14.448 -6.790  1.00 143.62 ? 5   DA  C "H2''" 1 
ATOM   1007 H  "H1'"  . DA  C 3 5  ? 15.927  -16.144 -8.266  1.00 154.65 ? 5   DA  C "H1'"  1 
ATOM   1008 H  H8     . DA  C 3 5  ? 15.553  -17.290 -4.786  1.00 144.86 ? 5   DA  C H8     1 
ATOM   1009 H  H61    . DA  C 3 5  ? 10.055  -19.060 -6.047  1.00 120.86 ? 5   DA  C H61    1 
ATOM   1010 H  H62    . DA  C 3 5  ? 11.074  -18.934 -4.968  1.00 120.86 ? 5   DA  C H62    1 
ATOM   1011 H  H2     . DA  C 3 5  ? 11.870  -17.500 -9.688  1.00 136.84 ? 5   DA  C H2     1 
ATOM   1012 P  P      . DG  C 3 6  ? 18.467  -13.063 -8.726  1.00 145.48 ? 6   DG  C P      1 
ATOM   1013 O  OP1    . DG  C 3 6  ? 19.667  -12.947 -9.587  1.00 152.68 ? 6   DG  C OP1    1 
ATOM   1014 O  OP2    . DG  C 3 6  ? 18.473  -12.459 -7.373  1.00 141.55 ? 6   DG  C OP2    1 
ATOM   1015 O  "O5'"  . DG  C 3 6  ? 17.200  -12.513 -9.540  1.00 142.62 ? 6   DG  C "O5'"  1 
ATOM   1016 C  "C5'"  . DG  C 3 6  ? 15.897  -12.636 -8.989  1.00 122.69 ? 6   DG  C "C5'"  1 
ATOM   1017 C  "C4'"  . DG  C 3 6  ? 14.855  -12.884 -10.068 1.00 112.08 ? 6   DG  C "C4'"  1 
ATOM   1018 O  "O4'"  . DG  C 3 6  ? 14.097  -14.071 -9.726  1.00 122.59 ? 6   DG  C "O4'"  1 
ATOM   1019 C  "C3'"  . DG  C 3 6  ? 13.838  -11.758 -10.248 1.00 102.08 ? 6   DG  C "C3'"  1 
ATOM   1020 O  "O3'"  . DG  C 3 6  ? 13.566  -11.510 -11.624 1.00 110.65 ? 6   DG  C "O3'"  1 
ATOM   1021 C  "C2'"  . DG  C 3 6  ? 12.593  -12.234 -9.499  1.00 106.08 ? 6   DG  C "C2'"  1 
ATOM   1022 C  "C1'"  . DG  C 3 6  ? 12.806  -13.731 -9.263  1.00 115.81 ? 6   DG  C "C1'"  1 
ATOM   1023 N  N9     . DG  C 3 6  ? 12.675  -14.085 -7.847  1.00 108.77 ? 6   DG  C N9     1 
ATOM   1024 C  C8     . DG  C 3 6  ? 13.616  -13.915 -6.860  1.00 113.10 ? 6   DG  C C8     1 
ATOM   1025 N  N7     . DG  C 3 6  ? 13.205  -14.281 -5.678  1.00 95.25  ? 6   DG  C N7     1 
ATOM   1026 C  C5     . DG  C 3 6  ? 11.902  -14.706 -5.885  1.00 92.44  ? 6   DG  C C5     1 
ATOM   1027 C  C6     . DG  C 3 6  ? 10.953  -15.206 -4.964  1.00 106.68 ? 6   DG  C C6     1 
ATOM   1028 O  O6     . DG  C 3 6  ? 11.091  -15.384 -3.743  1.00 107.16 ? 6   DG  C O6     1 
ATOM   1029 N  N1     . DG  C 3 6  ? 9.742   -15.517 -5.586  1.00 100.74 ? 6   DG  C N1     1 
ATOM   1030 C  C2     . DG  C 3 6  ? 9.485   -15.357 -6.930  1.00 98.33  ? 6   DG  C C2     1 
ATOM   1031 N  N2     . DG  C 3 6  ? 8.257   -15.713 -7.347  1.00 77.44  ? 6   DG  C N2     1 
ATOM   1032 N  N3     . DG  C 3 6  ? 10.367  -14.883 -7.804  1.00 91.65  ? 6   DG  C N3     1 
ATOM   1033 C  C4     . DG  C 3 6  ? 11.551  -14.578 -7.213  1.00 91.95  ? 6   DG  C C4     1 
ATOM   1034 H  "H5'"  . DG  C 3 6  ? 15.675  -11.819 -8.516  1.00 147.33 ? 6   DG  C "H5'"  1 
ATOM   1035 H  "H5''" . DG  C 3 6  ? 15.887  -13.377 -8.363  1.00 147.33 ? 6   DG  C "H5''" 1 
ATOM   1036 H  "H4'"  . DG  C 3 6  ? 15.307  -13.033 -10.913 1.00 134.59 ? 6   DG  C "H4'"  1 
ATOM   1037 H  "H3'"  . DG  C 3 6  ? 14.175  -10.948 -9.832  1.00 122.60 ? 6   DG  C "H3'"  1 
ATOM   1038 H  "H2'"  . DG  C 3 6  ? 12.514  -11.769 -8.651  1.00 127.39 ? 6   DG  C "H2'"  1 
ATOM   1039 H  "H2''" . DG  C 3 6  ? 11.801  -12.088 -10.038 1.00 127.39 ? 6   DG  C "H2''" 1 
ATOM   1040 H  "H1'"  . DG  C 3 6  ? 12.146  -14.226 -9.773  1.00 139.08 ? 6   DG  C "H1'"  1 
ATOM   1041 H  H8     . DG  C 3 6  ? 14.471  -13.586 -7.022  1.00 135.82 ? 6   DG  C H8     1 
ATOM   1042 H  H1     . DG  C 3 6  ? 9.109   -15.829 -5.094  1.00 120.99 ? 6   DG  C H1     1 
ATOM   1043 H  H21    . DG  C 3 6  ? 8.047   -15.637 -8.177  1.00 93.04  ? 6   DG  C H21    1 
ATOM   1044 H  H22    . DG  C 3 6  ? 7.683   -16.016 -6.783  1.00 93.04  ? 6   DG  C H22    1 
ATOM   1045 P  P      . DT  C 3 7  ? 12.733  -10.198 -12.048 1.00 125.41 ? 7   DT  C P      1 
ATOM   1046 O  OP1    . DT  C 3 7  ? 12.943  -9.955  -13.493 1.00 145.37 ? 7   DT  C OP1    1 
ATOM   1047 O  OP2    . DT  C 3 7  ? 13.060  -9.135  -11.073 1.00 104.67 ? 7   DT  C OP2    1 
ATOM   1048 O  "O5'"  . DT  C 3 7  ? 11.208  -10.618 -11.799 1.00 115.76 ? 7   DT  C "O5'"  1 
ATOM   1049 C  "C5'"  . DT  C 3 7  ? 10.707  -11.819 -12.364 1.00 108.49 ? 7   DT  C "C5'"  1 
ATOM   1050 C  "C4'"  . DT  C 3 7  ? 9.316   -12.143 -11.842 1.00 97.90  ? 7   DT  C "C4'"  1 
ATOM   1051 O  "O4'"  . DT  C 3 7  ? 9.346   -12.414 -10.424 1.00 93.25  ? 7   DT  C "O4'"  1 
ATOM   1052 C  "C3'"  . DT  C 3 7  ? 8.286   -11.023 -12.006 1.00 80.58  ? 7   DT  C "C3'"  1 
ATOM   1053 O  "O3'"  . DT  C 3 7  ? 7.411   -11.327 -13.087 1.00 94.91  ? 7   DT  C "O3'"  1 
ATOM   1054 C  "C2'"  . DT  C 3 7  ? 7.560   -10.966 -10.643 1.00 72.40  ? 7   DT  C "C2'"  1 
ATOM   1055 C  "C1'"  . DT  C 3 7  ? 8.032   -12.237 -9.965  1.00 89.55  ? 7   DT  C "C1'"  1 
ATOM   1056 N  N1     . DT  C 3 7  ? 8.009   -12.210 -8.476  1.00 83.00  ? 7   DT  C N1     1 
ATOM   1057 C  C2     . DT  C 3 7  ? 6.843   -12.542 -7.827  1.00 90.37  ? 7   DT  C C2     1 
ATOM   1058 O  O2     . DT  C 3 7  ? 5.817   -12.829 -8.411  1.00 87.23  ? 7   DT  C O2     1 
ATOM   1059 N  N3     . DT  C 3 7  ? 6.918   -12.518 -6.464  1.00 86.90  ? 7   DT  C N3     1 
ATOM   1060 C  C4     . DT  C 3 7  ? 8.021   -12.204 -5.701  1.00 78.13  ? 7   DT  C C4     1 
ATOM   1061 O  O4     . DT  C 3 7  ? 7.996   -12.209 -4.478  1.00 85.71  ? 7   DT  C O4     1 
ATOM   1062 C  C5     . DT  C 3 7  ? 9.209   -11.881 -6.438  1.00 65.86  ? 7   DT  C C5     1 
ATOM   1063 C  C7     . DT  C 3 7  ? 10.456  -11.530 -5.701  1.00 75.20  ? 7   DT  C C7     1 
ATOM   1064 C  C6     . DT  C 3 7  ? 9.154   -11.900 -7.778  1.00 69.69  ? 7   DT  C C6     1 
ATOM   1065 H  "H5'"  . DT  C 3 7  ? 11.307  -12.548 -12.142 1.00 130.29 ? 7   DT  C "H5'"  1 
ATOM   1066 H  "H5''" . DT  C 3 7  ? 10.668  -11.724 -13.328 1.00 130.29 ? 7   DT  C "H5''" 1 
ATOM   1067 H  "H4'"  . DT  C 3 7  ? 8.990   -12.934 -12.302 1.00 117.58 ? 7   DT  C "H4'"  1 
ATOM   1068 H  "H3'"  . DT  C 3 7  ? 8.739   -10.181 -12.173 1.00 96.80  ? 7   DT  C "H3'"  1 
ATOM   1069 H  "H2'"  . DT  C 3 7  ? 7.836   -10.185 -10.139 1.00 86.98  ? 7   DT  C "H2'"  1 
ATOM   1070 H  "H2''" . DT  C 3 7  ? 6.598   -10.979 -10.765 1.00 86.98  ? 7   DT  C "H2''" 1 
ATOM   1071 H  "H1'"  . DT  C 3 7  ? 7.489   -12.979 -10.274 1.00 107.56 ? 7   DT  C "H1'"  1 
ATOM   1072 H  H3     . DT  C 3 7  ? 6.197   -12.712 -6.036  1.00 104.39 ? 7   DT  C H3     1 
ATOM   1073 H  H71    . DT  C 3 7  ? 11.156  -12.161 -5.933  1.00 90.34  ? 7   DT  C H71    1 
ATOM   1074 H  H72    . DT  C 3 7  ? 10.735  -10.634 -5.945  1.00 90.34  ? 7   DT  C H72    1 
ATOM   1075 H  H73    . DT  C 3 7  ? 10.290  -11.570 -4.747  1.00 90.34  ? 7   DT  C H73    1 
ATOM   1076 H  H6     . DT  C 3 7  ? 9.923   -11.692 -8.257  1.00 83.73  ? 7   DT  C H6     1 
ATOM   1077 P  P      . DG  C 3 8  ? 6.121   -10.415 -13.365 1.00 97.96  ? 8   DG  C P      1 
ATOM   1078 O  OP1    . DG  C 3 8  ? 5.674   -10.600 -14.764 1.00 107.84 ? 8   DG  C OP1    1 
ATOM   1079 O  OP2    . DG  C 3 8  ? 6.450   -9.067  -12.860 1.00 89.60  ? 8   DG  C OP2    1 
ATOM   1080 O  "O5'"  . DG  C 3 8  ? 5.021   -11.017 -12.386 1.00 77.76  ? 8   DG  C "O5'"  1 
ATOM   1081 C  "C5'"  . DG  C 3 8  ? 4.095   -10.149 -11.784 1.00 91.52  ? 8   DG  C "C5'"  1 
ATOM   1082 C  "C4'"  . DG  C 3 8  ? 3.265   -10.871 -10.746 1.00 83.00  ? 8   DG  C "C4'"  1 
ATOM   1083 O  "O4'"  . DG  C 3 8  ? 4.094   -11.144 -9.581  1.00 77.02  ? 8   DG  C "O4'"  1 
ATOM   1084 C  "C3'"  . DG  C 3 8  ? 2.057   -10.079 -10.238 1.00 72.59  ? 8   DG  C "C3'"  1 
ATOM   1085 O  "O3'"  . DG  C 3 8  ? 0.886   -10.890 -10.212 1.00 77.64  ? 8   DG  C "O3'"  1 
ATOM   1086 C  "C2'"  . DG  C 3 8  ? 2.476   -9.631  -8.847  1.00 73.42  ? 8   DG  C "C2'"  1 
ATOM   1087 C  "C1'"  . DG  C 3 8  ? 3.413   -10.739 -8.413  1.00 72.71  ? 8   DG  C "C1'"  1 
ATOM   1088 N  N9     . DG  C 3 8  ? 4.389   -10.340 -7.397  1.00 84.39  ? 8   DG  C N9     1 
ATOM   1089 C  C8     . DG  C 3 8  ? 5.514   -9.563  -7.572  1.00 81.66  ? 8   DG  C C8     1 
ATOM   1090 N  N7     . DG  C 3 8  ? 6.197   -9.386  -6.470  1.00 77.51  ? 8   DG  C N7     1 
ATOM   1091 C  C5     . DG  C 3 8  ? 5.475   -10.086 -5.507  1.00 94.85  ? 8   DG  C C5     1 
ATOM   1092 C  C6     . DG  C 3 8  ? 5.727   -10.268 -4.120  1.00 97.15  ? 8   DG  C C6     1 
ATOM   1093 O  O6     . DG  C 3 8  ? 6.661   -9.821  -3.438  1.00 98.46  ? 8   DG  C O6     1 
ATOM   1094 N  N1     . DG  C 3 8  ? 4.748   -11.059 -3.515  1.00 88.34  ? 8   DG  C N1     1 
ATOM   1095 C  C2     . DG  C 3 8  ? 3.669   -11.609 -4.167  1.00 92.79  ? 8   DG  C C2     1 
ATOM   1096 N  N2     . DG  C 3 8  ? 2.826   -12.339 -3.421  1.00 97.30  ? 8   DG  C N2     1 
ATOM   1097 N  N3     . DG  C 3 8  ? 3.423   -11.445 -5.461  1.00 89.01  ? 8   DG  C N3     1 
ATOM   1098 C  C4     . DG  C 3 8  ? 4.364   -10.679 -6.065  1.00 81.90  ? 8   DG  C C4     1 
ATOM   1099 H  "H5'"  . DG  C 3 8  ? 3.506   -9.789  -12.466 1.00 109.93 ? 8   DG  C "H5'"  1 
ATOM   1100 H  "H5''" . DG  C 3 8  ? 4.571   -9.420  -11.358 1.00 109.93 ? 8   DG  C "H5''" 1 
ATOM   1101 H  "H4'"  . DG  C 3 8  ? 2.957   -11.712 -11.118 1.00 99.71  ? 8   DG  C "H4'"  1 
ATOM   1102 H  "H3'"  . DG  C 3 8  ? 1.909   -9.305  -10.803 1.00 87.21  ? 8   DG  C "H3'"  1 
ATOM   1103 H  "HO3'" . DG  C 3 8  ? 0.482   -11.019 -9.487  1.00 93.27  ? 8   DG  C "HO3'" 1 
ATOM   1104 H  "H2'"  . DG  C 3 8  ? 2.943   -8.781  -8.886  1.00 88.20  ? 8   DG  C "H2'"  1 
ATOM   1105 H  "H2''" . DG  C 3 8  ? 1.709   -9.579  -8.256  1.00 88.20  ? 8   DG  C "H2''" 1 
ATOM   1106 H  "H1'"  . DG  C 3 8  ? 2.891   -11.483 -8.076  1.00 87.36  ? 8   DG  C "H1'"  1 
ATOM   1107 H  H8     . DG  C 3 8  ? 5.763   -9.198  -8.390  1.00 98.10  ? 8   DG  C H8     1 
ATOM   1108 H  H1     . DG  C 3 8  ? 4.825   -11.213 -2.672  1.00 106.11 ? 8   DG  C H1     1 
ATOM   1109 H  H21    . DG  C 3 8  ? 2.131   -12.696 -3.782  1.00 116.86 ? 8   DG  C H21    1 
ATOM   1110 H  H22    . DG  C 3 8  ? 2.980   -12.452 -2.582  1.00 116.86 ? 8   DG  C H22    1 
ATOM   1111 P  P      . DC  D 4 1  ? 0.101   12.997  10.666  1.00 126.92 ? 10  DC  D P      1 
ATOM   1112 O  OP1    . DC  D 4 1  ? -0.219  14.080  11.621  1.00 132.38 ? 10  DC  D OP1    1 
ATOM   1113 O  OP2    . DC  D 4 1  ? -0.157  11.588  11.045  1.00 83.96  ? 10  DC  D OP2    1 
ATOM   1114 O  "O5'"  . DC  D 4 1  ? 1.635   13.138  10.227  1.00 96.60  ? 10  DC  D "O5'"  1 
ATOM   1115 C  "C5'"  . DC  D 4 1  ? 2.296   12.047  9.607   1.00 88.68  ? 10  DC  D "C5'"  1 
ATOM   1116 C  "C4'"  . DC  D 4 1  ? 2.697   12.385  8.182   1.00 98.58  ? 10  DC  D "C4'"  1 
ATOM   1117 O  "O4'"  . DC  D 4 1  ? 2.756   11.155  7.411   1.00 104.96 ? 10  DC  D "O4'"  1 
ATOM   1118 C  "C3'"  . DC  D 4 1  ? 1.736   13.303  7.428   1.00 108.20 ? 10  DC  D "C3'"  1 
ATOM   1119 O  "O3'"  . DC  D 4 1  ? 2.128   14.668  7.546   1.00 121.60 ? 10  DC  D "O3'"  1 
ATOM   1120 C  "C2'"  . DC  D 4 1  ? 1.847   12.803  5.998   1.00 100.46 ? 10  DC  D "C2'"  1 
ATOM   1121 C  "C1'"  . DC  D 4 1  ? 2.080   11.314  6.180   1.00 97.39  ? 10  DC  D "C1'"  1 
ATOM   1122 N  N1     . DC  D 4 1  ? 0.823   10.526  6.215   1.00 78.82  ? 10  DC  D N1     1 
ATOM   1123 C  C2     . DC  D 4 1  ? 0.056   10.424  5.055   1.00 80.48  ? 10  DC  D C2     1 
ATOM   1124 O  O2     . DC  D 4 1  ? 0.449   10.989  4.030   1.00 93.02  ? 10  DC  D O2     1 
ATOM   1125 N  N3     . DC  D 4 1  ? -1.092  9.709   5.089   1.00 69.50  ? 10  DC  D N3     1 
ATOM   1126 C  C4     . DC  D 4 1  ? -1.476  9.125   6.221   1.00 86.02  ? 10  DC  D C4     1 
ATOM   1127 N  N4     . DC  D 4 1  ? -2.618  8.432   6.209   1.00 93.36  ? 10  DC  D N4     1 
ATOM   1128 C  C5     . DC  D 4 1  ? -0.706  9.218   7.418   1.00 93.41  ? 10  DC  D C5     1 
ATOM   1129 C  C6     . DC  D 4 1  ? 0.425   9.925   7.370   1.00 80.41  ? 10  DC  D C6     1 
ATOM   1130 H  "H5'"  . DC  D 4 1  ? 1.702   11.280  9.597   1.00 106.51 ? 10  DC  D "H5'"  1 
ATOM   1131 H  "H5''" . DC  D 4 1  ? 3.091   11.826  10.117  1.00 106.51 ? 10  DC  D "H5''" 1 
ATOM   1132 H  "H4'"  . DC  D 4 1  ? 3.577   12.792  8.193   1.00 118.40 ? 10  DC  D "H4'"  1 
ATOM   1133 H  "H3'"  . DC  D 4 1  ? 0.831   13.183  7.756   1.00 129.94 ? 10  DC  D "H3'"  1 
ATOM   1134 H  "H2'"  . DC  D 4 1  ? 1.022   12.964  5.514   1.00 120.65 ? 10  DC  D "H2'"  1 
ATOM   1135 H  "H2''" . DC  D 4 1  ? 2.599   13.216  5.547   1.00 120.65 ? 10  DC  D "H2''" 1 
ATOM   1136 H  "H1'"  . DC  D 4 1  ? 2.643   10.987  5.461   1.00 116.97 ? 10  DC  D "H1'"  1 
ATOM   1137 H  H41    . DC  D 4 1  ? -2.892  8.046   6.926   1.00 112.14 ? 10  DC  D H41    1 
ATOM   1138 H  H42    . DC  D 4 1  ? -3.078  8.373   5.484   1.00 112.14 ? 10  DC  D H42    1 
ATOM   1139 H  H5     . DC  D 4 1  ? -0.983  8.803   8.204   1.00 112.19 ? 10  DC  D H5     1 
ATOM   1140 H  H6     . DC  D 4 1  ? 0.948   10.007  8.134   1.00 96.59  ? 10  DC  D H6     1 
ATOM   1141 P  P      . DG  D 4 2  ? 1.105   15.848  7.160   1.00 127.44 ? 11  DG  D P      1 
ATOM   1142 O  OP1    . DG  D 4 2  ? 1.883   17.101  7.045   1.00 121.83 ? 11  DG  D OP1    1 
ATOM   1143 O  OP2    . DG  D 4 2  ? -0.031  15.775  8.104   1.00 114.96 ? 11  DG  D OP2    1 
ATOM   1144 O  "O5'"  . DG  D 4 2  ? 0.575   15.457  5.698   1.00 99.85  ? 11  DG  D "O5'"  1 
ATOM   1145 C  "C5'"  . DG  D 4 2  ? 1.320   15.846  4.552   1.00 98.69  ? 11  DG  D "C5'"  1 
ATOM   1146 C  "C4'"  . DG  D 4 2  ? 0.591   15.494  3.266   1.00 103.71 ? 11  DG  D "C4'"  1 
ATOM   1147 O  "O4'"  . DG  D 4 2  ? 0.107   14.136  3.342   1.00 112.77 ? 11  DG  D "O4'"  1 
ATOM   1148 C  "C3'"  . DG  D 4 2  ? -0.636  16.336  2.957   1.00 111.04 ? 11  DG  D "C3'"  1 
ATOM   1149 O  "O3'"  . DG  D 4 2  ? -0.261  17.499  2.232   1.00 123.41 ? 11  DG  D "O3'"  1 
ATOM   1150 C  "C2'"  . DG  D 4 2  ? -1.507  15.395  2.124   1.00 105.30 ? 11  DG  D "C2'"  1 
ATOM   1151 C  "C1'"  . DG  D 4 2  ? -1.086  13.996  2.589   1.00 112.33 ? 11  DG  D "C1'"  1 
ATOM   1152 N  N9     . DG  D 4 2  ? -2.075  13.322  3.426   1.00 110.66 ? 11  DG  D N9     1 
ATOM   1153 C  C8     . DG  D 4 2  ? -1.983  13.072  4.772   1.00 108.56 ? 11  DG  D C8     1 
ATOM   1154 N  N7     . DG  D 4 2  ? -3.017  12.440  5.256   1.00 103.77 ? 11  DG  D N7     1 
ATOM   1155 C  C5     . DG  D 4 2  ? -3.846  12.254  4.158   1.00 104.88 ? 11  DG  D C5     1 
ATOM   1156 C  C6     . DG  D 4 2  ? -5.114  11.626  4.068   1.00 113.58 ? 11  DG  D C6     1 
ATOM   1157 O  O6     . DG  D 4 2  ? -5.778  11.096  4.971   1.00 117.41 ? 11  DG  D O6     1 
ATOM   1158 N  N1     . DG  D 4 2  ? -5.609  11.656  2.768   1.00 116.77 ? 11  DG  D N1     1 
ATOM   1159 C  C2     . DG  D 4 2  ? -4.960  12.218  1.691   1.00 116.23 ? 11  DG  D C2     1 
ATOM   1160 N  N2     . DG  D 4 2  ? -5.591  12.155  0.513   1.00 121.86 ? 11  DG  D N2     1 
ATOM   1161 N  N3     . DG  D 4 2  ? -3.775  12.810  1.765   1.00 109.28 ? 11  DG  D N3     1 
ATOM   1162 C  C4     . DG  D 4 2  ? -3.280  12.791  3.022   1.00 108.87 ? 11  DG  D C4     1 
ATOM   1163 H  "H5'"  . DG  D 4 2  ? 2.178   15.393  4.564   1.00 118.53 ? 11  DG  D "H5'"  1 
ATOM   1164 H  "H5''" . DG  D 4 2  ? 1.469   16.804  4.581   1.00 118.53 ? 11  DG  D "H5''" 1 
ATOM   1165 H  "H4'"  . DG  D 4 2  ? 1.213   15.564  2.525   1.00 124.55 ? 11  DG  D "H4'"  1 
ATOM   1166 H  "H3'"  . DG  D 4 2  ? -1.092  16.580  3.777   1.00 133.35 ? 11  DG  D "H3'"  1 
ATOM   1167 H  "H2'"  . DG  D 4 2  ? -2.446  15.548  2.311   1.00 126.46 ? 11  DG  D "H2'"  1 
ATOM   1168 H  "H2''" . DG  D 4 2  ? -1.323  15.509  1.178   1.00 126.46 ? 11  DG  D "H2''" 1 
ATOM   1169 H  "H1'"  . DG  D 4 2  ? -0.905  13.446  1.811   1.00 134.89 ? 11  DG  D "H1'"  1 
ATOM   1170 H  H8     . DG  D 4 2  ? -1.256  13.331  5.290   1.00 130.38 ? 11  DG  D H8     1 
ATOM   1171 H  H1     . DG  D 4 2  ? -6.377  11.296  2.627   1.00 140.23 ? 11  DG  D H1     1 
ATOM   1172 H  H21    . DG  D 4 2  ? -5.226  12.492  -0.189  1.00 146.33 ? 11  DG  D H21    1 
ATOM   1173 H  H22    . DG  D 4 2  ? -6.361  11.776  0.457   1.00 146.33 ? 11  DG  D H22    1 
ATOM   1174 P  P      . DT  D 4 3  ? -1.332  18.656  1.934   1.00 135.20 ? 12  DT  D P      1 
ATOM   1175 O  OP1    . DT  D 4 3  ? -0.590  19.877  1.553   1.00 115.75 ? 12  DT  D OP1    1 
ATOM   1176 O  OP2    . DT  D 4 3  ? -2.266  18.683  3.082   1.00 121.34 ? 12  DT  D OP2    1 
ATOM   1177 O  "O5'"  . DT  D 4 3  ? -2.125  18.128  0.648   1.00 127.69 ? 12  DT  D "O5'"  1 
ATOM   1178 C  "C5'"  . DT  D 4 3  ? -2.598  19.057  -0.313  1.00 128.94 ? 12  DT  D "C5'"  1 
ATOM   1179 C  "C4'"  . DT  D 4 3  ? -3.665  18.434  -1.194  1.00 130.02 ? 12  DT  D "C4'"  1 
ATOM   1180 O  "O4'"  . DT  D 4 3  ? -4.081  17.148  -0.631  1.00 113.52 ? 12  DT  D "O4'"  1 
ATOM   1181 C  "C3'"  . DT  D 4 3  ? -4.938  19.267  -1.331  1.00 148.98 ? 12  DT  D "C3'"  1 
ATOM   1182 O  "O3'"  . DT  D 4 3  ? -5.410  19.251  -2.687  1.00 163.49 ? 12  DT  D "O3'"  1 
ATOM   1183 C  "C2'"  . DT  D 4 3  ? -5.890  18.582  -0.355  1.00 139.67 ? 12  DT  D "C2'"  1 
ATOM   1184 C  "C1'"  . DT  D 4 3  ? -5.489  17.125  -0.496  1.00 123.28 ? 12  DT  D "C1'"  1 
ATOM   1185 N  N1     . DT  D 4 3  ? -5.862  16.273  0.681   1.00 116.51 ? 12  DT  D N1     1 
ATOM   1186 C  C2     . DT  D 4 3  ? -6.950  15.417  0.596   1.00 121.28 ? 12  DT  D C2     1 
ATOM   1187 O  O2     . DT  D 4 3  ? -7.635  15.301  -0.407  1.00 120.07 ? 12  DT  D O2     1 
ATOM   1188 N  N3     . DT  D 4 3  ? -7.190  14.692  1.743   1.00 124.25 ? 12  DT  D N3     1 
ATOM   1189 C  C4     . DT  D 4 3  ? -6.484  14.754  2.933   1.00 121.33 ? 12  DT  D C4     1 
ATOM   1190 O  O4     . DT  D 4 3  ? -6.764  14.074  3.908   1.00 120.07 ? 12  DT  D O4     1 
ATOM   1191 C  C5     . DT  D 4 3  ? -5.368  15.665  2.945   1.00 116.48 ? 12  DT  D C5     1 
ATOM   1192 C  C7     . DT  D 4 3  ? -4.533  15.809  4.183   1.00 117.89 ? 12  DT  D C7     1 
ATOM   1193 C  C6     . DT  D 4 3  ? -5.116  16.374  1.838   1.00 116.15 ? 12  DT  D C6     1 
ATOM   1194 H  "H5'"  . DT  D 4 3  ? -1.857  19.347  -0.868  1.00 154.83 ? 12  DT  D "H5'"  1 
ATOM   1195 H  "H5''" . DT  D 4 3  ? -2.974  19.825  0.145   1.00 154.83 ? 12  DT  D "H5''" 1 
ATOM   1196 H  "H4'"  . DT  D 4 3  ? -3.292  18.283  -2.077  1.00 156.13 ? 12  DT  D "H4'"  1 
ATOM   1197 H  "H3'"  . DT  D 4 3  ? -4.771  20.179  -1.047  1.00 178.88 ? 12  DT  D "H3'"  1 
ATOM   1198 H  "H2'"  . DT  D 4 3  ? -5.741  18.895  0.551   1.00 167.70 ? 12  DT  D "H2'"  1 
ATOM   1199 H  "H2''" . DT  D 4 3  ? -6.813  18.713  -0.622  1.00 167.70 ? 12  DT  D "H2''" 1 
ATOM   1200 H  "H1'"  . DT  D 4 3  ? -5.885  16.757  -1.301  1.00 148.04 ? 12  DT  D "H1'"  1 
ATOM   1201 H  H3     . DT  D 4 3  ? -7.862  14.154  1.724   1.00 149.20 ? 12  DT  D H3     1 
ATOM   1202 H  H71    . DT  D 4 3  ? -3.615  15.569  3.983   1.00 141.57 ? 12  DT  D H71    1 
ATOM   1203 H  H72    . DT  D 4 3  ? -4.567  16.728  4.491   1.00 141.57 ? 12  DT  D H72    1 
ATOM   1204 H  H73    . DT  D 4 3  ? -4.877  15.223  4.876   1.00 141.57 ? 12  DT  D H73    1 
ATOM   1205 H  H6     . DT  D 4 3  ? -4.398  16.964  1.848   1.00 139.48 ? 12  DT  D H6     1 
ATOM   1206 P  P      . DC  D 4 4  ? -6.404  20.396  -3.226  1.00 183.94 ? 13  DC  D P      1 
ATOM   1207 O  OP1    . DC  D 4 4  ? -5.833  20.956  -4.476  1.00 157.99 ? 13  DC  D OP1    1 
ATOM   1208 O  OP2    . DC  D 4 4  ? -6.676  21.314  -2.097  1.00 179.01 ? 13  DC  D OP2    1 
ATOM   1209 O  "O5'"  . DC  D 4 4  ? -7.754  19.591  -3.555  1.00 160.36 ? 13  DC  D "O5'"  1 
ATOM   1210 C  "C5'"  . DC  D 4 4  ? -8.360  18.780  -2.545  1.00 132.14 ? 13  DC  D "C5'"  1 
ATOM   1211 C  "C4'"  . DC  D 4 4  ? -9.689  18.209  -2.998  1.00 137.59 ? 13  DC  D "C4'"  1 
ATOM   1212 O  "O4'"  . DC  D 4 4  ? -10.021 17.043  -2.202  1.00 142.09 ? 13  DC  D "O4'"  1 
ATOM   1213 C  "C3'"  . DC  D 4 4  ? -10.860 19.166  -2.869  1.00 156.96 ? 13  DC  D "C3'"  1 
ATOM   1214 O  "O3'"  . DC  D 4 4  ? -11.676 19.096  -4.025  1.00 168.11 ? 13  DC  D "O3'"  1 
ATOM   1215 C  "C2'"  . DC  D 4 4  ? -11.599 18.724  -1.597  1.00 151.55 ? 13  DC  D "C2'"  1 
ATOM   1216 C  "C1'"  . DC  D 4 4  ? -11.069 17.324  -1.291  1.00 139.63 ? 13  DC  D "C1'"  1 
ATOM   1217 N  N1     . DC  D 4 4  ? -10.528 17.184  0.097   1.00 135.34 ? 13  DC  D N1     1 
ATOM   1218 C  C2     . DC  D 4 4  ? -11.199 16.390  1.044   1.00 128.82 ? 13  DC  D C2     1 
ATOM   1219 O  O2     . DC  D 4 4  ? -12.241 15.808  0.722   1.00 119.38 ? 13  DC  D O2     1 
ATOM   1220 N  N3     . DC  D 4 4  ? -10.678 16.285  2.294   1.00 126.24 ? 13  DC  D N3     1 
ATOM   1221 C  C4     . DC  D 4 4  ? -9.554  16.927  2.604   1.00 133.97 ? 13  DC  D C4     1 
ATOM   1222 N  N4     . DC  D 4 4  ? -9.073  16.797  3.845   1.00 137.31 ? 13  DC  D N4     1 
ATOM   1223 C  C5     . DC  D 4 4  ? -8.864  17.737  1.658   1.00 123.95 ? 13  DC  D C5     1 
ATOM   1224 C  C6     . DC  D 4 4  ? -9.379  17.833  0.430   1.00 123.96 ? 13  DC  D C6     1 
ATOM   1225 H  "H5'"  . DC  D 4 4  ? -8.503  19.318  -1.751  1.00 158.67 ? 13  DC  D "H5'"  1 
ATOM   1226 H  "H5''" . DC  D 4 4  ? -7.762  18.049  -2.327  1.00 158.67 ? 13  DC  D "H5''" 1 
ATOM   1227 H  "H4'"  . DC  D 4 4  ? -9.610  17.940  -3.927  1.00 165.20 ? 13  DC  D "H4'"  1 
ATOM   1228 H  "H3'"  . DC  D 4 4  ? -10.530 20.071  -2.757  1.00 188.45 ? 13  DC  D "H3'"  1 
ATOM   1229 H  "H2'"  . DC  D 4 4  ? -11.397 19.328  -0.865  1.00 181.97 ? 13  DC  D "H2'"  1 
ATOM   1230 H  "H2''" . DC  D 4 4  ? -12.555 18.694  -1.756  1.00 181.97 ? 13  DC  D "H2''" 1 
ATOM   1231 H  "H1'"  . DC  D 4 4  ? -11.782 16.680  -1.419  1.00 167.66 ? 13  DC  D "H1'"  1 
ATOM   1232 H  H41    . DC  D 4 4  ? -8.348  17.204  4.070   1.00 164.87 ? 13  DC  D H41    1 
ATOM   1233 H  H42    . DC  D 4 4  ? -9.487  16.309  4.418   1.00 164.87 ? 13  DC  D H42    1 
ATOM   1234 H  H5     . DC  D 4 4  ? -8.078  18.178  1.885   1.00 148.85 ? 13  DC  D H5     1 
ATOM   1235 H  H6     . DC  D 4 4  ? -8.947  18.355  -0.207  1.00 148.85 ? 13  DC  D H6     1 
ATOM   1236 P  P      . DT  D 4 5  ? -12.640 20.321  -4.408  1.00 190.46 ? 14  DT  D P      1 
ATOM   1237 O  OP1    . DT  D 4 5  ? -12.800 20.315  -5.880  1.00 185.16 ? 14  DT  D OP1    1 
ATOM   1238 O  OP2    . DT  D 4 5  ? -12.116 21.535  -3.741  1.00 182.37 ? 14  DT  D OP2    1 
ATOM   1239 O  "O5'"  . DT  D 4 5  ? -14.024 19.934  -3.702  1.00 169.20 ? 14  DT  D "O5'"  1 
ATOM   1240 C  "C5'"  . DT  D 4 5  ? -14.595 18.642  -3.911  1.00 173.86 ? 14  DT  D "C5'"  1 
ATOM   1241 C  "C4'"  . DT  D 4 5  ? -15.745 18.382  -2.948  1.00 178.98 ? 14  DT  D "C4'"  1 
ATOM   1242 O  "O4'"  . DT  D 4 5  ? -15.228 17.883  -1.685  1.00 167.06 ? 14  DT  D "O4'"  1 
ATOM   1243 C  "C3'"  . DT  D 4 5  ? -16.593 19.616  -2.599  1.00 187.80 ? 14  DT  D "C3'"  1 
ATOM   1244 O  "O3'"  . DT  D 4 5  ? -17.946 19.427  -3.006  1.00 203.72 ? 14  DT  D "O3'"  1 
ATOM   1245 C  "C2'"  . DT  D 4 5  ? -16.456 19.754  -1.077  1.00 178.23 ? 14  DT  D "C2'"  1 
ATOM   1246 C  "C1'"  . DT  D 4 5  ? -16.054 18.353  -0.650  1.00 168.67 ? 14  DT  D "C1'"  1 
ATOM   1247 N  N1     . DT  D 4 5  ? -15.306 18.293  0.648   1.00 157.84 ? 14  DT  D N1     1 
ATOM   1248 C  C2     . DT  D 4 5  ? -15.831 17.566  1.694   1.00 147.66 ? 14  DT  D C2     1 
ATOM   1249 O  O2     . DT  D 4 5  ? -16.885 16.955  1.623   1.00 141.22 ? 14  DT  D O2     1 
ATOM   1250 N  N3     . DT  D 4 5  ? -15.072 17.576  2.836   1.00 138.95 ? 14  DT  D N3     1 
ATOM   1251 C  C4     . DT  D 4 5  ? -13.867 18.228  3.033   1.00 133.81 ? 14  DT  D C4     1 
ATOM   1252 O  O4     . DT  D 4 5  ? -13.259 18.176  4.098   1.00 124.32 ? 14  DT  D O4     1 
ATOM   1253 C  C5     . DT  D 4 5  ? -13.374 18.972  1.897   1.00 133.13 ? 14  DT  D C5     1 
ATOM   1254 C  C7     . DT  D 4 5  ? -12.078 19.719  1.993   1.00 118.88 ? 14  DT  D C7     1 
ATOM   1255 C  C6     . DT  D 4 5  ? -14.109 18.970  0.773   1.00 145.16 ? 14  DT  D C6     1 
ATOM   1256 H  "H5'"  . DT  D 4 5  ? -13.912 17.967  -3.778  1.00 208.73 ? 14  DT  D "H5'"  1 
ATOM   1257 H  "H5''" . DT  D 4 5  ? -14.926 18.585  -4.821  1.00 208.73 ? 14  DT  D "H5''" 1 
ATOM   1258 H  "H4'"  . DT  D 4 5  ? -16.326 17.707  -3.333  1.00 214.88 ? 14  DT  D "H4'"  1 
ATOM   1259 H  "H3'"  . DT  D 4 5  ? -16.226 20.402  -3.035  1.00 225.47 ? 14  DT  D "H3'"  1 
ATOM   1260 H  "H2'"  . DT  D 4 5  ? -15.762 20.394  -0.851  1.00 213.98 ? 14  DT  D "H2'"  1 
ATOM   1261 H  "H2''" . DT  D 4 5  ? -17.303 20.005  -0.676  1.00 213.98 ? 14  DT  D "H2''" 1 
ATOM   1262 H  "H1'"  . DT  D 4 5  ? -16.845 17.796  -0.591  1.00 202.50 ? 14  DT  D "H1'"  1 
ATOM   1263 H  H3     . DT  D 4 5  ? -15.379 17.128  3.504   1.00 166.84 ? 14  DT  D H3     1 
ATOM   1264 H  H71    . DT  D 4 5  ? -11.701 19.600  2.878   1.00 142.75 ? 14  DT  D H71    1 
ATOM   1265 H  H72    . DT  D 4 5  ? -11.459 19.378  1.328   1.00 142.75 ? 14  DT  D H72    1 
ATOM   1266 H  H73    . DT  D 4 5  ? -12.237 20.663  1.833   1.00 142.75 ? 14  DT  D H73    1 
ATOM   1267 H  H6     . DT  D 4 5  ? -13.794 19.449  0.040   1.00 174.29 ? 14  DT  D H6     1 
ATOM   1268 P  P      . DG  D 4 6  ? -19.029 20.596  -2.798  1.00 217.65 ? 15  DG  D P      1 
ATOM   1269 O  OP1    . DG  D 4 6  ? -20.148 20.360  -3.738  1.00 223.00 ? 15  DG  D OP1    1 
ATOM   1270 O  OP2    . DG  D 4 6  ? -18.301 21.887  -2.833  1.00 187.62 ? 15  DG  D OP2    1 
ATOM   1271 O  "O5'"  . DG  D 4 6  ? -19.574 20.343  -1.316  1.00 191.00 ? 15  DG  D "O5'"  1 
ATOM   1272 C  "C5'"  . DG  D 4 6  ? -19.792 19.010  -0.848  1.00 174.52 ? 15  DG  D "C5'"  1 
ATOM   1273 C  "C4'"  . DG  D 4 6  ? -19.926 18.986  0.663   1.00 167.42 ? 15  DG  D "C4'"  1 
ATOM   1274 O  "O4'"  . DG  D 4 6  ? -18.616 19.072  1.264   1.00 158.27 ? 15  DG  D "O4'"  1 
ATOM   1275 C  "C3'"  . DG  D 4 6  ? -20.730 20.149  1.244   1.00 172.10 ? 15  DG  D "C3'"  1 
ATOM   1276 O  "O3'"  . DG  D 4 6  ? -22.039 19.712  1.633   1.00 179.32 ? 15  DG  D "O3'"  1 
ATOM   1277 C  "C2'"  . DG  D 4 6  ? -19.889 20.664  2.427   1.00 157.12 ? 15  DG  D "C2'"  1 
ATOM   1278 C  "C1'"  . DG  D 4 6  ? -18.728 19.685  2.523   1.00 151.65 ? 15  DG  D "C1'"  1 
ATOM   1279 N  N9     . DG  D 4 6  ? -17.458 20.322  2.846   1.00 145.03 ? 15  DG  D N9     1 
ATOM   1280 C  C8     . DG  D 4 6  ? -16.696 21.114  2.020   1.00 144.81 ? 15  DG  D C8     1 
ATOM   1281 N  N7     . DG  D 4 6  ? -15.604 21.551  2.585   1.00 137.96 ? 15  DG  D N7     1 
ATOM   1282 C  C5     . DG  D 4 6  ? -15.648 21.020  3.869   1.00 140.39 ? 15  DG  D C5     1 
ATOM   1283 C  C6     . DG  D 4 6  ? -14.735 21.148  4.941   1.00 136.21 ? 15  DG  D C6     1 
ATOM   1284 O  O6     . DG  D 4 6  ? -13.670 21.782  4.972   1.00 129.19 ? 15  DG  D O6     1 
ATOM   1285 N  N1     . DG  D 4 6  ? -15.163 20.445  6.069   1.00 132.32 ? 15  DG  D N1     1 
ATOM   1286 C  C2     . DG  D 4 6  ? -16.325 19.710  6.143   1.00 129.35 ? 15  DG  D C2     1 
ATOM   1287 N  N2     . DG  D 4 6  ? -16.572 19.099  7.310   1.00 123.12 ? 15  DG  D N2     1 
ATOM   1288 N  N3     . DG  D 4 6  ? -17.185 19.581  5.144   1.00 132.55 ? 15  DG  D N3     1 
ATOM   1289 C  C4     . DG  D 4 6  ? -16.786 20.262  4.043   1.00 139.62 ? 15  DG  D C4     1 
ATOM   1290 H  "H5'"  . DG  D 4 6  ? -19.042 18.453  -1.111  1.00 209.53 ? 15  DG  D "H5'"  1 
ATOM   1291 H  "H5''" . DG  D 4 6  ? -20.604 18.660  -1.246  1.00 209.53 ? 15  DG  D "H5''" 1 
ATOM   1292 H  "H4'"  . DG  D 4 6  ? -20.341 18.151  0.930   1.00 201.00 ? 15  DG  D "H4'"  1 
ATOM   1293 H  "H3'"  . DG  D 4 6  ? -20.810 20.849  0.577   1.00 206.62 ? 15  DG  D "H3'"  1 
ATOM   1294 H  "H2'"  . DG  D 4 6  ? -19.563 21.560  2.246   1.00 188.64 ? 15  DG  D "H2'"  1 
ATOM   1295 H  "H2''" . DG  D 4 6  ? -20.412 20.651  3.245   1.00 188.64 ? 15  DG  D "H2''" 1 
ATOM   1296 H  "H1'"  . DG  D 4 6  ? -18.930 19.012  3.191   1.00 182.08 ? 15  DG  D "H1'"  1 
ATOM   1297 H  H8     . DG  D 4 6  ? -16.933 21.316  1.144   1.00 173.88 ? 15  DG  D H8     1 
ATOM   1298 H  H1     . DG  D 4 6  ? -14.663 20.471  6.768   1.00 158.89 ? 15  DG  D H1     1 
ATOM   1299 H  H21    . DG  D 4 6  ? -17.285 18.627  7.407   1.00 147.85 ? 15  DG  D H21    1 
ATOM   1300 H  H22    . DG  D 4 6  ? -16.019 19.178  7.964   1.00 147.85 ? 15  DG  D H22    1 
ATOM   1301 P  P      . DC  D 4 7  ? -22.268 18.853  2.973   1.00 186.10 ? 16  DC  D P      1 
ATOM   1302 O  OP1    . DC  D 4 7  ? -21.050 18.046  3.214   1.00 167.72 ? 16  DC  D OP1    1 
ATOM   1303 O  OP2    . DC  D 4 7  ? -23.579 18.179  2.843   1.00 172.05 ? 16  DC  D OP2    1 
ATOM   1304 O  "O5'"  . DC  D 4 7  ? -22.401 19.965  4.115   1.00 166.64 ? 16  DC  D "O5'"  1 
ATOM   1305 C  "C5'"  . DC  D 4 7  ? -23.201 19.724  5.268   1.00 158.40 ? 16  DC  D "C5'"  1 
ATOM   1306 C  "C4'"  . DC  D 4 7  ? -22.595 18.641  6.142   1.00 165.54 ? 16  DC  D "C4'"  1 
ATOM   1307 O  "O4'"  . DC  D 4 7  ? -21.154 18.807  6.190   1.00 171.99 ? 16  DC  D "O4'"  1 
ATOM   1308 C  "C3'"  . DC  D 4 7  ? -23.054 18.667  7.593   1.00 148.87 ? 16  DC  D "C3'"  1 
ATOM   1309 O  "O3'"  . DC  D 4 7  ? -23.054 17.356  8.156   1.00 143.43 ? 16  DC  D "O3'"  1 
ATOM   1310 C  "C2'"  . DC  D 4 7  ? -22.032 19.586  8.249   1.00 144.57 ? 16  DC  D "C2'"  1 
ATOM   1311 C  "C1'"  . DC  D 4 7  ? -20.756 19.293  7.463   1.00 158.61 ? 16  DC  D "C1'"  1 
ATOM   1312 N  N1     . DC  D 4 7  ? -19.877 20.487  7.262   1.00 141.09 ? 16  DC  D N1     1 
ATOM   1313 C  C2     . DC  D 4 7  ? -19.204 21.049  8.353   1.00 133.63 ? 16  DC  D C2     1 
ATOM   1314 O  O2     . DC  D 4 7  ? -19.355 20.552  9.476   1.00 134.15 ? 16  DC  D O2     1 
ATOM   1315 N  N3     . DC  D 4 7  ? -18.405 22.127  8.148   1.00 132.18 ? 16  DC  D N3     1 
ATOM   1316 C  C4     . DC  D 4 7  ? -18.269 22.634  6.921   1.00 134.93 ? 16  DC  D C4     1 
ATOM   1317 N  N4     . DC  D 4 7  ? -17.472 23.697  6.767   1.00 132.05 ? 16  DC  D N4     1 
ATOM   1318 C  C5     . DC  D 4 7  ? -18.945 22.075  5.798   1.00 134.76 ? 16  DC  D C5     1 
ATOM   1319 C  C6     . DC  D 4 7  ? -19.729 21.013  6.011   1.00 136.58 ? 16  DC  D C6     1 
ATOM   1320 H  "H5'"  . DC  D 4 7  ? -24.087 19.446  4.987   1.00 190.18 ? 16  DC  D "H5'"  1 
ATOM   1321 H  "H5''" . DC  D 4 7  ? -23.274 20.542  5.782   1.00 190.18 ? 16  DC  D "H5''" 1 
ATOM   1322 H  "H4'"  . DC  D 4 7  ? -22.803 17.773  5.761   1.00 198.75 ? 16  DC  D "H4'"  1 
ATOM   1323 H  "H3'"  . DC  D 4 7  ? -23.940 19.057  7.654   1.00 178.75 ? 16  DC  D "H3'"  1 
ATOM   1324 H  "HO3'" . DC  D 4 7  ? -22.577 17.186  8.826   1.00 172.21 ? 16  DC  D "HO3'" 1 
ATOM   1325 H  "H2'"  . DC  D 4 7  ? -22.291 20.515  8.148   1.00 173.58 ? 16  DC  D "H2'"  1 
ATOM   1326 H  "H2''" . DC  D 4 7  ? -21.919 19.359  9.185   1.00 173.58 ? 16  DC  D "H2''" 1 
ATOM   1327 H  "H1'"  . DC  D 4 7  ? -20.251 18.602  7.923   1.00 190.43 ? 16  DC  D "H1'"  1 
ATOM   1328 H  H41    . DC  D 4 7  ? -17.368 24.048  5.988   1.00 158.56 ? 16  DC  D H41    1 
ATOM   1329 H  H42    . DC  D 4 7  ? -17.063 24.031  7.446   1.00 158.56 ? 16  DC  D H42    1 
ATOM   1330 H  H5     . DC  D 4 7  ? -18.844 22.435  4.947   1.00 161.82 ? 16  DC  D H5     1 
ATOM   1331 H  H6     . DC  D 4 7  ? -20.179 20.626  5.296   1.00 164.00 ? 16  DC  D H6     1 
HETATM 1332 AS AS     . CAC E 5 .  ? 4.297   -6.831  6.883   1.00 174.39 ? 101 CAC A AS     1 
HETATM 1333 AS AS     . CAC F 5 .  ? 9.515   -4.835  -2.920  1.00 184.19 ? 102 CAC A AS     1 
HETATM 1334 AS AS     . CAC G 5 .  ? -3.898  10.454  8.950   1.00 171.35 ? 101 CAC D AS     1 
# 
loop_
_pdbx_poly_seq_scheme.asym_id 
_pdbx_poly_seq_scheme.entity_id 
_pdbx_poly_seq_scheme.seq_id 
_pdbx_poly_seq_scheme.mon_id 
_pdbx_poly_seq_scheme.ndb_seq_num 
_pdbx_poly_seq_scheme.pdb_seq_num 
_pdbx_poly_seq_scheme.auth_seq_num 
_pdbx_poly_seq_scheme.pdb_mon_id 
_pdbx_poly_seq_scheme.auth_mon_id 
_pdbx_poly_seq_scheme.pdb_strand_id 
_pdbx_poly_seq_scheme.pdb_ins_code 
_pdbx_poly_seq_scheme.hetero 
A 1 1  DG 1  1  1  DG DG A . n 
A 1 2  DA 2  2  2  DA DA A . n 
A 1 3  DG 3  3  3  DG DG A . n 
A 1 4  DC 4  4  4  DC DC A . n 
A 1 5  DA 5  5  5  DA DA A . n 
A 1 6  DG 6  6  6  DG DG A . n 
A 1 7  DA 7  7  7  DA DA A . n 
A 1 8  DC 8  8  8  DC DC A . n 
A 1 9  DG 9  9  9  DG DG A . n 
A 1 10 DT 10 10 10 DT DT A . n 
A 1 11 DG 11 11 11 DG DG A . n 
A 1 12 DA 12 12 12 DA DA A . n 
A 1 13 DC 13 13 13 DC DC A . n 
A 1 14 DG 14 14 14 DG DG A . n 
A 1 15 DC 15 15 15 DC DC A . n 
A 1 16 DC 16 16 16 DC DC A . n 
A 1 17 DA 17 17 17 DA DA A . n 
A 1 18 DC 18 18 18 DC DC A . n 
A 1 19 DT 19 19 19 DT DT A . n 
A 1 20 DC 20 20 20 DC DC A . n 
A 1 21 DA 21 21 21 DA DA A . n 
B 2 1  DG 1  0  0  DG DG B . n 
B 2 2  DC 2  1  1  DC DC B . n 
B 2 3  DG 3  2  2  DG DG B . n 
B 2 4  DT 4  3  3  DT DT B . n 
B 2 5  DC 5  4  4  DC DC B . n 
B 2 6  DA 6  5  5  DA DA B . n 
C 3 1  DT 1  1  1  DT DT C . n 
C 3 2  DC 2  2  2  DC DC C . n 
C 3 3  DT 3  3  3  DT DT C . n 
C 3 4  DG 4  4  4  DG DG C . n 
C 3 5  DA 5  5  5  DA DA C . n 
C 3 6  DG 6  6  6  DG DG C . n 
C 3 7  DT 7  7  7  DT DT C . n 
C 3 8  DG 8  8  8  DG DG C . n 
D 4 1  DC 1  10 10 DC DC D . n 
D 4 2  DG 2  11 11 DG DG D . n 
D 4 3  DT 3  12 12 DT DT D . n 
D 4 4  DC 4  13 13 DC DC D . n 
D 4 5  DT 5  14 14 DT DT D . n 
D 4 6  DG 6  15 15 DG DG D . n 
D 4 7  DC 7  16 16 DC DC D . n 
# 
loop_
_pdbx_nonpoly_scheme.asym_id 
_pdbx_nonpoly_scheme.entity_id 
_pdbx_nonpoly_scheme.mon_id 
_pdbx_nonpoly_scheme.ndb_seq_num 
_pdbx_nonpoly_scheme.pdb_seq_num 
_pdbx_nonpoly_scheme.auth_seq_num 
_pdbx_nonpoly_scheme.pdb_mon_id 
_pdbx_nonpoly_scheme.auth_mon_id 
_pdbx_nonpoly_scheme.pdb_strand_id 
_pdbx_nonpoly_scheme.pdb_ins_code 
E 5 CAC 1 101 2 CAC AS A . 
F 5 CAC 1 102 3 CAC AS A . 
G 5 CAC 1 101 1 CAC AS D . 
# 
_pdbx_struct_assembly.id                   1 
_pdbx_struct_assembly.details              author_defined_assembly 
_pdbx_struct_assembly.method_details       ? 
_pdbx_struct_assembly.oligomeric_details   tetrameric 
_pdbx_struct_assembly.oligomeric_count     4 
# 
_pdbx_struct_assembly_gen.assembly_id       1 
_pdbx_struct_assembly_gen.oper_expression   1 
_pdbx_struct_assembly_gen.asym_id_list      A,B,C,D,E,F,G 
# 
_pdbx_struct_oper_list.id                   1 
_pdbx_struct_oper_list.type                 'identity operation' 
_pdbx_struct_oper_list.name                 1_555 
_pdbx_struct_oper_list.symmetry_operation   x,y,z 
_pdbx_struct_oper_list.matrix[1][1]         1.0000000000 
_pdbx_struct_oper_list.matrix[1][2]         0.0000000000 
_pdbx_struct_oper_list.matrix[1][3]         0.0000000000 
_pdbx_struct_oper_list.vector[1]            0.0000000000 
_pdbx_struct_oper_list.matrix[2][1]         0.0000000000 
_pdbx_struct_oper_list.matrix[2][2]         1.0000000000 
_pdbx_struct_oper_list.matrix[2][3]         0.0000000000 
_pdbx_struct_oper_list.vector[2]            0.0000000000 
_pdbx_struct_oper_list.matrix[3][1]         0.0000000000 
_pdbx_struct_oper_list.matrix[3][2]         0.0000000000 
_pdbx_struct_oper_list.matrix[3][3]         1.0000000000 
_pdbx_struct_oper_list.vector[3]            0.0000000000 
# 
loop_
_pdbx_audit_revision_history.ordinal 
_pdbx_audit_revision_history.data_content_type 
_pdbx_audit_revision_history.major_revision 
_pdbx_audit_revision_history.minor_revision 
_pdbx_audit_revision_history.revision_date 
1 'Structure model' 1 0 2021-07-14 
2 'Structure model' 1 1 2022-07-06 
3 'Structure model' 1 2 2023-10-18 
# 
_pdbx_audit_revision_details.ordinal             1 
_pdbx_audit_revision_details.revision_ordinal    1 
_pdbx_audit_revision_details.data_content_type   'Structure model' 
_pdbx_audit_revision_details.provider            repository 
_pdbx_audit_revision_details.type                'Initial release' 
_pdbx_audit_revision_details.description         ? 
_pdbx_audit_revision_details.details             ? 
# 
loop_
_pdbx_audit_revision_group.ordinal 
_pdbx_audit_revision_group.revision_ordinal 
_pdbx_audit_revision_group.data_content_type 
_pdbx_audit_revision_group.group 
1 2 'Structure model' 'Database references'    
2 3 'Structure model' 'Data collection'        
3 3 'Structure model' 'Refinement description' 
# 
loop_
_pdbx_audit_revision_category.ordinal 
_pdbx_audit_revision_category.revision_ordinal 
_pdbx_audit_revision_category.data_content_type 
_pdbx_audit_revision_category.category 
1 2 'Structure model' citation                      
2 2 'Structure model' citation_author               
3 2 'Structure model' database_2                    
4 3 'Structure model' chem_comp_atom                
5 3 'Structure model' chem_comp_bond                
6 3 'Structure model' pdbx_initial_refinement_model 
# 
loop_
_pdbx_audit_revision_item.ordinal 
_pdbx_audit_revision_item.revision_ordinal 
_pdbx_audit_revision_item.data_content_type 
_pdbx_audit_revision_item.item 
1  2 'Structure model' '_citation.country'                   
2  2 'Structure model' '_citation.journal_abbrev'            
3  2 'Structure model' '_citation.journal_id_CSD'            
4  2 'Structure model' '_citation.journal_id_ISSN'           
5  2 'Structure model' '_citation.journal_volume'            
6  2 'Structure model' '_citation.page_first'                
7  2 'Structure model' '_citation.page_last'                 
8  2 'Structure model' '_citation.pdbx_database_id_DOI'      
9  2 'Structure model' '_citation.pdbx_database_id_PubMed'   
10 2 'Structure model' '_citation.title'                     
11 2 'Structure model' '_citation.year'                      
12 2 'Structure model' '_database_2.pdbx_DOI'                
13 2 'Structure model' '_database_2.pdbx_database_accession' 
# 
loop_
_software.citation_id 
_software.classification 
_software.compiler_name 
_software.compiler_version 
_software.contact_author 
_software.contact_author_email 
_software.date 
_software.description 
_software.dependencies 
_software.hardware 
_software.language 
_software.location 
_software.mods 
_software.name 
_software.os 
_software.os_version 
_software.type 
_software.version 
_software.pdbx_ordinal 
? 'data reduction'  ? ? ? ? ? ? ? ? ? ? ? HKL-2000    ? ? ? .           1 
? 'data scaling'    ? ? ? ? ? ? ? ? ? ? ? HKL-2000    ? ? ? .           2 
? refinement        ? ? ? ? ? ? ? ? ? ? ? PHENIX      ? ? ? 1.11.1_2575 3 
? 'data extraction' ? ? ? ? ? ? ? ? ? ? ? PDB_EXTRACT ? ? ? 3.25        4 
? phasing           ? ? ? ? ? ? ? ? ? ? ? PHASER      ? ? ? .           5 
# 
_pdbx_entry_details.entry_id                 7JP7 
_pdbx_entry_details.has_ligand_of_interest   N 
_pdbx_entry_details.compound_details         ? 
_pdbx_entry_details.source_details           ? 
_pdbx_entry_details.nonpolymer_details       ? 
_pdbx_entry_details.sequence_details         ? 
# 
loop_
_pdbx_validate_rmsd_angle.id 
_pdbx_validate_rmsd_angle.PDB_model_num 
_pdbx_validate_rmsd_angle.auth_atom_id_1 
_pdbx_validate_rmsd_angle.auth_asym_id_1 
_pdbx_validate_rmsd_angle.auth_comp_id_1 
_pdbx_validate_rmsd_angle.auth_seq_id_1 
_pdbx_validate_rmsd_angle.PDB_ins_code_1 
_pdbx_validate_rmsd_angle.label_alt_id_1 
_pdbx_validate_rmsd_angle.auth_atom_id_2 
_pdbx_validate_rmsd_angle.auth_asym_id_2 
_pdbx_validate_rmsd_angle.auth_comp_id_2 
_pdbx_validate_rmsd_angle.auth_seq_id_2 
_pdbx_validate_rmsd_angle.PDB_ins_code_2 
_pdbx_validate_rmsd_angle.label_alt_id_2 
_pdbx_validate_rmsd_angle.auth_atom_id_3 
_pdbx_validate_rmsd_angle.auth_asym_id_3 
_pdbx_validate_rmsd_angle.auth_comp_id_3 
_pdbx_validate_rmsd_angle.auth_seq_id_3 
_pdbx_validate_rmsd_angle.PDB_ins_code_3 
_pdbx_validate_rmsd_angle.label_alt_id_3 
_pdbx_validate_rmsd_angle.angle_value 
_pdbx_validate_rmsd_angle.angle_target_value 
_pdbx_validate_rmsd_angle.angle_deviation 
_pdbx_validate_rmsd_angle.angle_standard_deviation 
_pdbx_validate_rmsd_angle.linker_flag 
1 1 "O4'" B DT 3 ? ? "C1'" B DT 3 ? ? N1 B DT 3 ? ? 110.69 108.30 2.39 0.30 N 
2 1 "O4'" C DT 7 ? ? "C1'" C DT 7 ? ? N1 C DT 7 ? ? 110.12 108.30 1.82 0.30 N 
# 
loop_
_pdbx_unobs_or_zero_occ_atoms.id 
_pdbx_unobs_or_zero_occ_atoms.PDB_model_num 
_pdbx_unobs_or_zero_occ_atoms.polymer_flag 
_pdbx_unobs_or_zero_occ_atoms.occupancy_flag 
_pdbx_unobs_or_zero_occ_atoms.auth_asym_id 
_pdbx_unobs_or_zero_occ_atoms.auth_comp_id 
_pdbx_unobs_or_zero_occ_atoms.auth_seq_id 
_pdbx_unobs_or_zero_occ_atoms.PDB_ins_code 
_pdbx_unobs_or_zero_occ_atoms.auth_atom_id 
_pdbx_unobs_or_zero_occ_atoms.label_alt_id 
_pdbx_unobs_or_zero_occ_atoms.label_asym_id 
_pdbx_unobs_or_zero_occ_atoms.label_comp_id 
_pdbx_unobs_or_zero_occ_atoms.label_seq_id 
_pdbx_unobs_or_zero_occ_atoms.label_atom_id 
1  1 N 1 A CAC 101 ? O1 ? E CAC 1 O1 
2  1 N 1 A CAC 101 ? O2 ? E CAC 1 O2 
3  1 N 1 A CAC 101 ? C1 ? E CAC 1 C1 
4  1 N 1 A CAC 101 ? C2 ? E CAC 1 C2 
5  1 N 1 A CAC 102 ? O1 ? F CAC 1 O1 
6  1 N 1 A CAC 102 ? O2 ? F CAC 1 O2 
7  1 N 1 A CAC 102 ? C1 ? F CAC 1 C1 
8  1 N 1 A CAC 102 ? C2 ? F CAC 1 C2 
9  1 N 1 D CAC 101 ? O1 ? G CAC 1 O1 
10 1 N 1 D CAC 101 ? O2 ? G CAC 1 O2 
11 1 N 1 D CAC 101 ? C1 ? G CAC 1 C1 
12 1 N 1 D CAC 101 ? C2 ? G CAC 1 C2 
# 
loop_
_chem_comp_atom.comp_id 
_chem_comp_atom.atom_id 
_chem_comp_atom.type_symbol 
_chem_comp_atom.pdbx_aromatic_flag 
_chem_comp_atom.pdbx_stereo_config 
_chem_comp_atom.pdbx_ordinal 
CAC AS     AS N N 1   
CAC O1     O  N N 2   
CAC O2     O  N N 3   
CAC C1     C  N N 4   
CAC C2     C  N N 5   
CAC H11    H  N N 6   
CAC H12    H  N N 7   
CAC H13    H  N N 8   
CAC H21    H  N N 9   
CAC H22    H  N N 10  
CAC H23    H  N N 11  
DA  OP3    O  N N 12  
DA  P      P  N N 13  
DA  OP1    O  N N 14  
DA  OP2    O  N N 15  
DA  "O5'"  O  N N 16  
DA  "C5'"  C  N N 17  
DA  "C4'"  C  N R 18  
DA  "O4'"  O  N N 19  
DA  "C3'"  C  N S 20  
DA  "O3'"  O  N N 21  
DA  "C2'"  C  N N 22  
DA  "C1'"  C  N R 23  
DA  N9     N  Y N 24  
DA  C8     C  Y N 25  
DA  N7     N  Y N 26  
DA  C5     C  Y N 27  
DA  C6     C  Y N 28  
DA  N6     N  N N 29  
DA  N1     N  Y N 30  
DA  C2     C  Y N 31  
DA  N3     N  Y N 32  
DA  C4     C  Y N 33  
DA  HOP3   H  N N 34  
DA  HOP2   H  N N 35  
DA  "H5'"  H  N N 36  
DA  "H5''" H  N N 37  
DA  "H4'"  H  N N 38  
DA  "H3'"  H  N N 39  
DA  "HO3'" H  N N 40  
DA  "H2'"  H  N N 41  
DA  "H2''" H  N N 42  
DA  "H1'"  H  N N 43  
DA  H8     H  N N 44  
DA  H61    H  N N 45  
DA  H62    H  N N 46  
DA  H2     H  N N 47  
DC  OP3    O  N N 48  
DC  P      P  N N 49  
DC  OP1    O  N N 50  
DC  OP2    O  N N 51  
DC  "O5'"  O  N N 52  
DC  "C5'"  C  N N 53  
DC  "C4'"  C  N R 54  
DC  "O4'"  O  N N 55  
DC  "C3'"  C  N S 56  
DC  "O3'"  O  N N 57  
DC  "C2'"  C  N N 58  
DC  "C1'"  C  N R 59  
DC  N1     N  N N 60  
DC  C2     C  N N 61  
DC  O2     O  N N 62  
DC  N3     N  N N 63  
DC  C4     C  N N 64  
DC  N4     N  N N 65  
DC  C5     C  N N 66  
DC  C6     C  N N 67  
DC  HOP3   H  N N 68  
DC  HOP2   H  N N 69  
DC  "H5'"  H  N N 70  
DC  "H5''" H  N N 71  
DC  "H4'"  H  N N 72  
DC  "H3'"  H  N N 73  
DC  "HO3'" H  N N 74  
DC  "H2'"  H  N N 75  
DC  "H2''" H  N N 76  
DC  "H1'"  H  N N 77  
DC  H41    H  N N 78  
DC  H42    H  N N 79  
DC  H5     H  N N 80  
DC  H6     H  N N 81  
DG  OP3    O  N N 82  
DG  P      P  N N 83  
DG  OP1    O  N N 84  
DG  OP2    O  N N 85  
DG  "O5'"  O  N N 86  
DG  "C5'"  C  N N 87  
DG  "C4'"  C  N R 88  
DG  "O4'"  O  N N 89  
DG  "C3'"  C  N S 90  
DG  "O3'"  O  N N 91  
DG  "C2'"  C  N N 92  
DG  "C1'"  C  N R 93  
DG  N9     N  Y N 94  
DG  C8     C  Y N 95  
DG  N7     N  Y N 96  
DG  C5     C  Y N 97  
DG  C6     C  N N 98  
DG  O6     O  N N 99  
DG  N1     N  N N 100 
DG  C2     C  N N 101 
DG  N2     N  N N 102 
DG  N3     N  N N 103 
DG  C4     C  Y N 104 
DG  HOP3   H  N N 105 
DG  HOP2   H  N N 106 
DG  "H5'"  H  N N 107 
DG  "H5''" H  N N 108 
DG  "H4'"  H  N N 109 
DG  "H3'"  H  N N 110 
DG  "HO3'" H  N N 111 
DG  "H2'"  H  N N 112 
DG  "H2''" H  N N 113 
DG  "H1'"  H  N N 114 
DG  H8     H  N N 115 
DG  H1     H  N N 116 
DG  H21    H  N N 117 
DG  H22    H  N N 118 
DT  OP3    O  N N 119 
DT  P      P  N N 120 
DT  OP1    O  N N 121 
DT  OP2    O  N N 122 
DT  "O5'"  O  N N 123 
DT  "C5'"  C  N N 124 
DT  "C4'"  C  N R 125 
DT  "O4'"  O  N N 126 
DT  "C3'"  C  N S 127 
DT  "O3'"  O  N N 128 
DT  "C2'"  C  N N 129 
DT  "C1'"  C  N R 130 
DT  N1     N  N N 131 
DT  C2     C  N N 132 
DT  O2     O  N N 133 
DT  N3     N  N N 134 
DT  C4     C  N N 135 
DT  O4     O  N N 136 
DT  C5     C  N N 137 
DT  C7     C  N N 138 
DT  C6     C  N N 139 
DT  HOP3   H  N N 140 
DT  HOP2   H  N N 141 
DT  "H5'"  H  N N 142 
DT  "H5''" H  N N 143 
DT  "H4'"  H  N N 144 
DT  "H3'"  H  N N 145 
DT  "HO3'" H  N N 146 
DT  "H2'"  H  N N 147 
DT  "H2''" H  N N 148 
DT  "H1'"  H  N N 149 
DT  H3     H  N N 150 
DT  H71    H  N N 151 
DT  H72    H  N N 152 
DT  H73    H  N N 153 
DT  H6     H  N N 154 
# 
loop_
_chem_comp_bond.comp_id 
_chem_comp_bond.atom_id_1 
_chem_comp_bond.atom_id_2 
_chem_comp_bond.value_order 
_chem_comp_bond.pdbx_aromatic_flag 
_chem_comp_bond.pdbx_stereo_config 
_chem_comp_bond.pdbx_ordinal 
CAC AS    O1     doub N N 1   
CAC AS    O2     sing N N 2   
CAC AS    C1     sing N N 3   
CAC AS    C2     sing N N 4   
CAC C1    H11    sing N N 5   
CAC C1    H12    sing N N 6   
CAC C1    H13    sing N N 7   
CAC C2    H21    sing N N 8   
CAC C2    H22    sing N N 9   
CAC C2    H23    sing N N 10  
DA  OP3   P      sing N N 11  
DA  OP3   HOP3   sing N N 12  
DA  P     OP1    doub N N 13  
DA  P     OP2    sing N N 14  
DA  P     "O5'"  sing N N 15  
DA  OP2   HOP2   sing N N 16  
DA  "O5'" "C5'"  sing N N 17  
DA  "C5'" "C4'"  sing N N 18  
DA  "C5'" "H5'"  sing N N 19  
DA  "C5'" "H5''" sing N N 20  
DA  "C4'" "O4'"  sing N N 21  
DA  "C4'" "C3'"  sing N N 22  
DA  "C4'" "H4'"  sing N N 23  
DA  "O4'" "C1'"  sing N N 24  
DA  "C3'" "O3'"  sing N N 25  
DA  "C3'" "C2'"  sing N N 26  
DA  "C3'" "H3'"  sing N N 27  
DA  "O3'" "HO3'" sing N N 28  
DA  "C2'" "C1'"  sing N N 29  
DA  "C2'" "H2'"  sing N N 30  
DA  "C2'" "H2''" sing N N 31  
DA  "C1'" N9     sing N N 32  
DA  "C1'" "H1'"  sing N N 33  
DA  N9    C8     sing Y N 34  
DA  N9    C4     sing Y N 35  
DA  C8    N7     doub Y N 36  
DA  C8    H8     sing N N 37  
DA  N7    C5     sing Y N 38  
DA  C5    C6     sing Y N 39  
DA  C5    C4     doub Y N 40  
DA  C6    N6     sing N N 41  
DA  C6    N1     doub Y N 42  
DA  N6    H61    sing N N 43  
DA  N6    H62    sing N N 44  
DA  N1    C2     sing Y N 45  
DA  C2    N3     doub Y N 46  
DA  C2    H2     sing N N 47  
DA  N3    C4     sing Y N 48  
DC  OP3   P      sing N N 49  
DC  OP3   HOP3   sing N N 50  
DC  P     OP1    doub N N 51  
DC  P     OP2    sing N N 52  
DC  P     "O5'"  sing N N 53  
DC  OP2   HOP2   sing N N 54  
DC  "O5'" "C5'"  sing N N 55  
DC  "C5'" "C4'"  sing N N 56  
DC  "C5'" "H5'"  sing N N 57  
DC  "C5'" "H5''" sing N N 58  
DC  "C4'" "O4'"  sing N N 59  
DC  "C4'" "C3'"  sing N N 60  
DC  "C4'" "H4'"  sing N N 61  
DC  "O4'" "C1'"  sing N N 62  
DC  "C3'" "O3'"  sing N N 63  
DC  "C3'" "C2'"  sing N N 64  
DC  "C3'" "H3'"  sing N N 65  
DC  "O3'" "HO3'" sing N N 66  
DC  "C2'" "C1'"  sing N N 67  
DC  "C2'" "H2'"  sing N N 68  
DC  "C2'" "H2''" sing N N 69  
DC  "C1'" N1     sing N N 70  
DC  "C1'" "H1'"  sing N N 71  
DC  N1    C2     sing N N 72  
DC  N1    C6     sing N N 73  
DC  C2    O2     doub N N 74  
DC  C2    N3     sing N N 75  
DC  N3    C4     doub N N 76  
DC  C4    N4     sing N N 77  
DC  C4    C5     sing N N 78  
DC  N4    H41    sing N N 79  
DC  N4    H42    sing N N 80  
DC  C5    C6     doub N N 81  
DC  C5    H5     sing N N 82  
DC  C6    H6     sing N N 83  
DG  OP3   P      sing N N 84  
DG  OP3   HOP3   sing N N 85  
DG  P     OP1    doub N N 86  
DG  P     OP2    sing N N 87  
DG  P     "O5'"  sing N N 88  
DG  OP2   HOP2   sing N N 89  
DG  "O5'" "C5'"  sing N N 90  
DG  "C5'" "C4'"  sing N N 91  
DG  "C5'" "H5'"  sing N N 92  
DG  "C5'" "H5''" sing N N 93  
DG  "C4'" "O4'"  sing N N 94  
DG  "C4'" "C3'"  sing N N 95  
DG  "C4'" "H4'"  sing N N 96  
DG  "O4'" "C1'"  sing N N 97  
DG  "C3'" "O3'"  sing N N 98  
DG  "C3'" "C2'"  sing N N 99  
DG  "C3'" "H3'"  sing N N 100 
DG  "O3'" "HO3'" sing N N 101 
DG  "C2'" "C1'"  sing N N 102 
DG  "C2'" "H2'"  sing N N 103 
DG  "C2'" "H2''" sing N N 104 
DG  "C1'" N9     sing N N 105 
DG  "C1'" "H1'"  sing N N 106 
DG  N9    C8     sing Y N 107 
DG  N9    C4     sing Y N 108 
DG  C8    N7     doub Y N 109 
DG  C8    H8     sing N N 110 
DG  N7    C5     sing Y N 111 
DG  C5    C6     sing N N 112 
DG  C5    C4     doub Y N 113 
DG  C6    O6     doub N N 114 
DG  C6    N1     sing N N 115 
DG  N1    C2     sing N N 116 
DG  N1    H1     sing N N 117 
DG  C2    N2     sing N N 118 
DG  C2    N3     doub N N 119 
DG  N2    H21    sing N N 120 
DG  N2    H22    sing N N 121 
DG  N3    C4     sing N N 122 
DT  OP3   P      sing N N 123 
DT  OP3   HOP3   sing N N 124 
DT  P     OP1    doub N N 125 
DT  P     OP2    sing N N 126 
DT  P     "O5'"  sing N N 127 
DT  OP2   HOP2   sing N N 128 
DT  "O5'" "C5'"  sing N N 129 
DT  "C5'" "C4'"  sing N N 130 
DT  "C5'" "H5'"  sing N N 131 
DT  "C5'" "H5''" sing N N 132 
DT  "C4'" "O4'"  sing N N 133 
DT  "C4'" "C3'"  sing N N 134 
DT  "C4'" "H4'"  sing N N 135 
DT  "O4'" "C1'"  sing N N 136 
DT  "C3'" "O3'"  sing N N 137 
DT  "C3'" "C2'"  sing N N 138 
DT  "C3'" "H3'"  sing N N 139 
DT  "O3'" "HO3'" sing N N 140 
DT  "C2'" "C1'"  sing N N 141 
DT  "C2'" "H2'"  sing N N 142 
DT  "C2'" "H2''" sing N N 143 
DT  "C1'" N1     sing N N 144 
DT  "C1'" "H1'"  sing N N 145 
DT  N1    C2     sing N N 146 
DT  N1    C6     sing N N 147 
DT  C2    O2     doub N N 148 
DT  C2    N3     sing N N 149 
DT  N3    C4     sing N N 150 
DT  N3    H3     sing N N 151 
DT  C4    O4     doub N N 152 
DT  C4    C5     sing N N 153 
DT  C5    C7     sing N N 154 
DT  C5    C6     doub N N 155 
DT  C7    H71    sing N N 156 
DT  C7    H72    sing N N 157 
DT  C7    H73    sing N N 158 
DT  C6    H6     sing N N 159 
# 
loop_
_ndb_struct_conf_na.entry_id 
_ndb_struct_conf_na.feature 
7JP7 'double helix'        
7JP7 'a-form double helix' 
7JP7 'b-form double helix' 
# 
loop_
_ndb_struct_na_base_pair.model_number 
_ndb_struct_na_base_pair.i_label_asym_id 
_ndb_struct_na_base_pair.i_label_comp_id 
_ndb_struct_na_base_pair.i_label_seq_id 
_ndb_struct_na_base_pair.i_symmetry 
_ndb_struct_na_base_pair.j_label_asym_id 
_ndb_struct_na_base_pair.j_label_comp_id 
_ndb_struct_na_base_pair.j_label_seq_id 
_ndb_struct_na_base_pair.j_symmetry 
_ndb_struct_na_base_pair.shear 
_ndb_struct_na_base_pair.stretch 
_ndb_struct_na_base_pair.stagger 
_ndb_struct_na_base_pair.buckle 
_ndb_struct_na_base_pair.propeller 
_ndb_struct_na_base_pair.opening 
_ndb_struct_na_base_pair.pair_number 
_ndb_struct_na_base_pair.pair_name 
_ndb_struct_na_base_pair.i_auth_asym_id 
_ndb_struct_na_base_pair.i_auth_seq_id 
_ndb_struct_na_base_pair.i_PDB_ins_code 
_ndb_struct_na_base_pair.j_auth_asym_id 
_ndb_struct_na_base_pair.j_auth_seq_id 
_ndb_struct_na_base_pair.j_PDB_ins_code 
_ndb_struct_na_base_pair.hbond_type_28 
_ndb_struct_na_base_pair.hbond_type_12 
1 A DG 3  1_555 D DC 7 1_555 2.456  0.059  1.765  18.886  -21.411 -6.527  1  A_DG3:DC16_D A 3  ? D 16 ? ?  1 
1 A DC 4  1_555 D DG 6 1_555 -1.144 0.419  0.497  -4.145  -12.325 -4.675  2  A_DC4:DG15_D A 4  ? D 15 ? 19 1 
1 A DA 5  1_555 D DT 5 1_555 2.426  0.454  0.088  -3.715  -4.086  -30.212 3  A_DA5:DT14_D A 5  ? D 14 ? ?  ? 
1 A DG 6  1_555 D DC 4 1_555 -0.144 -0.127 -0.025 -3.841  -1.016  -1.710  4  A_DG6:DC13_D A 6  ? D 13 ? 19 1 
1 A DA 7  1_555 D DT 3 1_555 0.362  -0.079 -0.569 -3.356  6.225   -17.258 5  A_DA7:DT12_D A 7  ? D 12 ? 20 1 
1 A DC 8  1_555 D DG 2 1_555 0.207  -0.144 0.495  2.776   1.394   0.441   6  A_DC8:DG11_D A 8  ? D 11 ? 19 1 
1 A DG 9  1_555 D DC 1 1_555 -0.208 -0.139 0.075  2.879   -1.076  0.720   7  A_DG9:DC10_D A 9  ? D 10 ? 19 1 
1 A DC 13 1_555 B DG 3 1_555 0.159  -0.178 0.711  0.676   -1.678  -4.564  8  A_DC13:DG2_B A 13 ? B 2  ? 19 1 
1 A DG 14 1_555 B DC 2 1_555 -0.116 -0.271 0.815  0.808   -9.008  -3.168  9  A_DG14:DC1_B A 14 ? B 1  ? 19 1 
1 A DC 15 1_555 B DG 1 1_555 0.162  -0.211 0.549  -1.826  -9.045  0.191   10 A_DC15:DG0_B A 15 ? B 0  ? 19 1 
1 A DC 16 1_555 C DG 8 1_555 0.129  -0.214 0.846  1.069   -7.904  -1.361  11 A_DC16:DG8_C A 16 ? C 8  ? 19 1 
1 A DA 17 1_555 C DT 7 1_555 1.284  -0.877 1.724  9.614   -11.522 -19.606 12 A_DA17:DT7_C A 17 ? C 7  ? 20 1 
1 A DC 18 1_555 C DG 6 1_555 -1.998 0.573  0.996  -1.722  -5.290  11.916  13 A_DC18:DG6_C A 18 ? C 6  ? ?  1 
1 A DT 19 1_555 C DA 5 1_555 -0.127 -0.048 -0.290 4.281   -12.639 -2.813  14 A_DT19:DA5_C A 19 ? C 5  ? 20 1 
1 A DC 20 1_555 C DG 4 1_555 -1.916 0.687  -0.163 -0.161  -16.798 4.020   15 A_DC20:DG4_C A 20 ? C 4  ? ?  ? 
1 A DA 21 1_555 C DT 3 1_555 0.268  -0.021 -0.362 -11.395 -15.149 -9.813  16 A_DA21:DT3_C A 21 ? C 3  ? 20 1 
# 
loop_
_ndb_struct_na_base_pair_step.model_number 
_ndb_struct_na_base_pair_step.i_label_asym_id_1 
_ndb_struct_na_base_pair_step.i_label_comp_id_1 
_ndb_struct_na_base_pair_step.i_label_seq_id_1 
_ndb_struct_na_base_pair_step.i_symmetry_1 
_ndb_struct_na_base_pair_step.j_label_asym_id_1 
_ndb_struct_na_base_pair_step.j_label_comp_id_1 
_ndb_struct_na_base_pair_step.j_label_seq_id_1 
_ndb_struct_na_base_pair_step.j_symmetry_1 
_ndb_struct_na_base_pair_step.i_label_asym_id_2 
_ndb_struct_na_base_pair_step.i_label_comp_id_2 
_ndb_struct_na_base_pair_step.i_label_seq_id_2 
_ndb_struct_na_base_pair_step.i_symmetry_2 
_ndb_struct_na_base_pair_step.j_label_asym_id_2 
_ndb_struct_na_base_pair_step.j_label_comp_id_2 
_ndb_struct_na_base_pair_step.j_label_seq_id_2 
_ndb_struct_na_base_pair_step.j_symmetry_2 
_ndb_struct_na_base_pair_step.shift 
_ndb_struct_na_base_pair_step.slide 
_ndb_struct_na_base_pair_step.rise 
_ndb_struct_na_base_pair_step.tilt 
_ndb_struct_na_base_pair_step.roll 
_ndb_struct_na_base_pair_step.twist 
_ndb_struct_na_base_pair_step.x_displacement 
_ndb_struct_na_base_pair_step.y_displacement 
_ndb_struct_na_base_pair_step.helical_rise 
_ndb_struct_na_base_pair_step.inclination 
_ndb_struct_na_base_pair_step.tip 
_ndb_struct_na_base_pair_step.helical_twist 
_ndb_struct_na_base_pair_step.step_number 
_ndb_struct_na_base_pair_step.step_name 
_ndb_struct_na_base_pair_step.i_auth_asym_id_1 
_ndb_struct_na_base_pair_step.i_auth_seq_id_1 
_ndb_struct_na_base_pair_step.i_PDB_ins_code_1 
_ndb_struct_na_base_pair_step.j_auth_asym_id_1 
_ndb_struct_na_base_pair_step.j_auth_seq_id_1 
_ndb_struct_na_base_pair_step.j_PDB_ins_code_1 
_ndb_struct_na_base_pair_step.i_auth_asym_id_2 
_ndb_struct_na_base_pair_step.i_auth_seq_id_2 
_ndb_struct_na_base_pair_step.i_PDB_ins_code_2 
_ndb_struct_na_base_pair_step.j_auth_asym_id_2 
_ndb_struct_na_base_pair_step.j_auth_seq_id_2 
_ndb_struct_na_base_pair_step.j_PDB_ins_code_2 
1 A DG 3  1_555 D DC 7 1_555 A DC 4  1_555 D DG 6 1_555 0.265  -1.125 3.607 12.233  -4.496  27.230 -1.109 2.363  3.537 -8.929  
-24.296 30.135 1  AA_DG3DC4:DG15DC16_DD A 3  ? D 16 ? A 4  ? D 15 ? 
1 A DC 4  1_555 D DG 6 1_555 A DA 5  1_555 D DT 5 1_555 -1.399 -0.566 3.380 2.864   2.473   38.855 -1.150 2.444  3.232 3.707   
-4.293  39.032 2  AA_DC4DA5:DT14DG15_DD A 4  ? D 15 ? A 5  ? D 14 ? 
1 A DA 5  1_555 D DT 5 1_555 A DG 6  1_555 D DC 4 1_555 1.531  -1.052 3.240 -0.117  3.933   21.429 -4.267 -4.094 2.992 10.464  
0.311   21.783 3  AA_DA5DG6:DC13DT14_DD A 5  ? D 14 ? A 6  ? D 13 ? 
1 A DG 6  1_555 D DC 4 1_555 A DA 7  1_555 D DT 3 1_555 -0.380 -1.172 3.249 5.181   3.228   39.519 -2.076 1.134  3.075 4.740   
-7.607  39.969 4  AA_DG6DA7:DT12DC13_DD A 6  ? D 13 ? A 7  ? D 12 ? 
1 A DA 7  1_555 D DT 3 1_555 A DC 8  1_555 D DG 2 1_555 1.577  -1.203 3.219 -9.855  6.358   33.837 -2.773 -3.830 2.422 10.538  
16.334  35.755 5  AA_DA7DC8:DG11DT12_DD A 7  ? D 12 ? A 8  ? D 11 ? 
1 A DC 8  1_555 D DG 2 1_555 A DG 9  1_555 D DC 1 1_555 -0.450 -2.217 3.187 1.128   -6.077  32.496 -2.834 0.988  3.515 -10.738 
-1.993  33.063 6  AA_DC8DG9:DC10DG11_DD A 8  ? D 11 ? A 9  ? D 10 ? 
1 A DC 13 1_555 B DG 3 1_555 A DG 14 1_555 B DC 2 1_555 -0.490 -0.759 3.347 -2.657  0.565   29.998 -1.579 0.385  3.362 1.088   
5.119   30.118 7  AA_DC13DG14:DC1DG2_BB A 13 ? B 2  ? A 14 ? B 1  ? 
1 A DG 14 1_555 B DC 2 1_555 A DC 15 1_555 B DG 1 1_555 -0.090 -0.720 3.353 -2.370  1.769   35.735 -1.429 -0.201 3.314 2.876   
3.855   35.853 8  AA_DG14DC15:DG0DC1_BB A 14 ? B 1  ? A 15 ? B 0  ? 
1 A DC 15 1_555 B DG 1 1_555 A DC 16 1_555 C DG 8 1_555 -1.584 -1.110 2.945 -8.592  -1.177  30.150 -1.838 1.355  3.300 -2.207  
16.102  31.345 9  AA_DC15DC16:DG8DG0_CB A 15 ? B 0  ? A 16 ? C 8  ? 
1 A DC 16 1_555 C DG 8 1_555 A DA 17 1_555 C DT 7 1_555 -0.954 -1.039 2.793 -11.146 -10.371 38.867 -0.435 0.238  3.109 -14.907 
16.023  41.635 10 AA_DC16DA17:DT7DG8_CC A 16 ? C 8  ? A 17 ? C 7  ? 
1 A DA 17 1_555 C DT 7 1_555 A DC 18 1_555 C DG 6 1_555 0.923  -1.854 3.386 4.747   -2.365  23.754 -3.589 -0.562 3.662 -5.656  
-11.352 24.331 11 AA_DA17DC18:DG6DT7_CC A 17 ? C 7  ? A 18 ? C 6  ? 
1 A DC 18 1_555 C DG 6 1_555 A DT 19 1_555 C DA 5 1_555 -1.323 -0.619 2.924 7.376   -5.805  45.843 -0.356 2.206  2.746 -7.362  
-9.354  46.744 12 AA_DC18DT19:DA5DG6_CC A 18 ? C 6  ? A 19 ? C 5  ? 
1 A DT 19 1_555 C DA 5 1_555 A DC 20 1_555 C DG 4 1_555 1.005  1.199  3.402 4.490   -2.252  26.662 3.155  -0.953 3.411 -4.830  
-9.627  27.123 13 AA_DT19DC20:DG4DA5_CC A 19 ? C 5  ? A 20 ? C 4  ? 
1 A DC 20 1_555 C DG 4 1_555 A DA 21 1_555 C DT 3 1_555 -1.075 1.239  3.866 -4.639  1.503   40.832 1.568  0.924  4.000 2.145   
6.621   41.110 14 AA_DC20DA21:DT3DG4_CC A 20 ? C 4  ? A 21 ? C 3  ? 
# 
loop_
_pdbx_audit_support.funding_organization 
_pdbx_audit_support.country 
_pdbx_audit_support.grant_number 
_pdbx_audit_support.ordinal 
'National Science Foundation (NSF, United States)'                                         'United States' 1360635     1 
'National Institutes of Health/National Institute of General Medical Sciences (NIH/NIGMS)' 'United States' R01GM104960 2 
'National Science Foundation (NSF, United States)'                                         'United States' NSF2004250  3 
# 
_pdbx_entity_nonpoly.entity_id   5 
_pdbx_entity_nonpoly.name        'CACODYLATE ION' 
_pdbx_entity_nonpoly.comp_id     CAC 
# 
_pdbx_initial_refinement_model.id               1 
_pdbx_initial_refinement_model.entity_id_list   ? 
_pdbx_initial_refinement_model.type             'experimental model' 
_pdbx_initial_refinement_model.source_name      PDB 
_pdbx_initial_refinement_model.accession_code   5VY6 
_pdbx_initial_refinement_model.details          ? 
# 
_pdbx_struct_assembly_auth_evidence.id                     1 
_pdbx_struct_assembly_auth_evidence.assembly_id            1 
_pdbx_struct_assembly_auth_evidence.experimental_support   none 
_pdbx_struct_assembly_auth_evidence.details                ? 
# 
